data_2DH1
# 
_entry.id   2DH1 
# 
_audit_conform.dict_name       mmcif_pdbx.dic 
_audit_conform.dict_version    5.380 
_audit_conform.dict_location   http://mmcif.pdb.org/dictionaries/ascii/mmcif_pdbx.dic 
# 
loop_
_database_2.database_id 
_database_2.database_code 
_database_2.pdbx_database_accession 
_database_2.pdbx_DOI 
PDB   2DH1         pdb_00002dh1 10.2210/pdb2dh1/pdb 
RCSB  RCSB025409   ?            ?                   
WWPDB D_1000025409 ?            ?                   
# 
loop_
_pdbx_database_related.db_name 
_pdbx_database_related.db_id 
_pdbx_database_related.details 
_pdbx_database_related.content_type 
PDB 2PEL 'Peanut lectin-lactose complex at neutral pH'   unspecified 
PDB 2TEP 'Peanut lectin T-antigen complex at neutral pH' unspecified 
PDB 1V6I 'Peanut lectin-lactose complex in acidic pH'    unspecified 
# 
_pdbx_database_status.status_code                     REL 
_pdbx_database_status.entry_id                        2DH1 
_pdbx_database_status.recvd_initial_deposition_date   2006-03-17 
_pdbx_database_status.deposit_site                    PDBJ 
_pdbx_database_status.process_site                    PDBJ 
_pdbx_database_status.status_code_sf                  REL 
_pdbx_database_status.status_code_mr                  ? 
_pdbx_database_status.SG_entry                        ? 
_pdbx_database_status.pdb_format_compatible           Y 
_pdbx_database_status.status_code_cs                  ? 
_pdbx_database_status.status_code_nmr_data            ? 
_pdbx_database_status.methods_development_category    ? 
# 
loop_
_audit_author.name 
_audit_author.pdbx_ordinal 
'Natchiar, S.K.' 1 
'Srinivas, O.'   2 
'Nivedita, M.'   3 
'Sagarika, D.'   4 
'Jayaraman, N.'  5 
'Surolia, A.'    6 
'Vijayan, M.'    7 
# 
loop_
_citation.id 
_citation.title 
_citation.journal_abbrev 
_citation.journal_volume 
_citation.page_first 
_citation.page_last 
_citation.year 
_citation.journal_id_ASTM 
_citation.country 
_citation.journal_id_ISSN 
_citation.journal_id_CSD 
_citation.book_publisher 
_citation.pdbx_database_id_PubMed 
_citation.pdbx_database_id_DOI 
primary 
'Multivalency in lectins - A crystallographic, modelling and light-scattering study involving peanut lectin and a bivalent ligand' 
Curr.Sci.                  90  1230 1237 2006 CUSCAM II 0011-3891 0064 ? -1       ?                         
1       'Crystal structure of peanut lectin, a protein with an unusual quaternary structure' Proc.Natl.Acad.Sci.Usa     91  227  
231  1994 PNASA6 US 0027-8424 0040 ? 8278370  10.1073/pnas.91.1.227     
2       
;Conformation, protein-carbohydrate interactions and a novel subunit association in the refined structure of peanut lectin-lactose complex
;
J.Mol.Biol.                259 281  296  1996 JMOBAK UK 0022-2836 0070 ? 8656429  10.1006/jmbi.1996.0319    
3       'The Specificity of Peanut Agglutinin for Thomsen-Friedenreich Antigen is Mediated by Water-Bridges' Curr.Sci. 72  855  
861  1997 CUSCAM II 0011-3891 0064 ? ?        ?                         
4       
'Structural plasticity of peanut lectin: an X-ray analysis involving variation in pH, ligand binding and crystal structure' 
'ACTA CRYSTALLOGR.,SECT.D' 60  211  219  2004 ABCRE6 DK 0907-4449 0766 ? 14747696 10.1107/S090744490302849X 
5       
;Photoswitchable multivalent sugar ligands: synthesis, isomerization, and lectin binding studies of azobenzene-glycopyranoside derivatives
;
J.Am.Chem.Soc.             124 2124 2125 2002 JACSAT US 0002-7863 0004 ? 11878960 10.1021/ja0173066         
# 
loop_
_citation_author.citation_id 
_citation_author.name 
_citation_author.ordinal 
_citation_author.identifier_ORCID 
primary 'Natchiar, S.K.'    1  ? 
primary 'Srinivas, O.'      2  ? 
primary 'Nivedita, M.'      3  ? 
primary 'Sagarika, D.'      4  ? 
primary 'Jayaraman, N.'     5  ? 
primary 'Surolia, A.'       6  ? 
primary 'Vijayan, M.'       7  ? 
1       'Banerjee, R.'      8  ? 
1       'Mande, S.C.'       9  ? 
1       'Ganesh, V.'        10 ? 
1       'Das, K.'           11 ? 
1       'Dhanaraj, V.'      12 ? 
1       'Mahanta, S.K.'     13 ? 
1       'Suguna, K.'        14 ? 
1       'Surolia, A.'       15 ? 
1       'Vijayan, M.'       16 ? 
2       'Banerjee, R.'      17 ? 
2       'Das, K.'           18 ? 
2       'Ravishankar, R.'   19 ? 
2       'Suguna, K.'        20 ? 
2       'Surolia, A.'       21 ? 
2       'Vijayan, M.'       22 ? 
3       'Ravishankar, R.'   23 ? 
3       'Ravindran, M.'     24 ? 
3       'Suguna, K.'        25 ? 
3       'Surolia, A.'       26 ? 
3       'Vijayan, M.'       27 ? 
4       'Natchiar, S.K.'    28 ? 
4       'Jeyaprakash, A.A.' 29 ? 
4       'Ramya, T.N.'       30 ? 
4       'Thomas, C.J.'      31 ? 
4       'Suguna, K.'        32 ? 
4       'Surolia, A.'       33 ? 
4       'Vijayan, M.'       34 ? 
5       'Srinivas, O.'      35 ? 
5       'Mitra, N.'         36 ? 
5       'Surolia, A.'       37 ? 
5       'Jayaraman, N.'     38 ? 
# 
_cell.entry_id           2DH1 
_cell.length_a           92.750 
_cell.length_b           92.750 
_cell.length_c           473.500 
_cell.angle_alpha        90.00 
_cell.angle_beta         90.00 
_cell.angle_gamma        90.00 
_cell.Z_PDB              32 
_cell.pdbx_unique_axis   ? 
_cell.length_a_esd       ? 
_cell.length_b_esd       ? 
_cell.length_c_esd       ? 
_cell.angle_alpha_esd    ? 
_cell.angle_beta_esd     ? 
_cell.angle_gamma_esd    ? 
# 
_symmetry.entry_id                         2DH1 
_symmetry.space_group_name_H-M             'I 41' 
_symmetry.pdbx_full_space_group_name_H-M   ? 
_symmetry.cell_setting                     ? 
_symmetry.Int_Tables_number                80 
_symmetry.space_group_name_Hall            ? 
# 
_entity.id                         1 
_entity.type                       polymer 
_entity.src_method                 nat 
_entity.pdbx_description           'Galactose-binding lectin' 
_entity.formula_weight             25208.955 
_entity.pdbx_number_of_molecules   4 
_entity.pdbx_ec                    ? 
_entity.pdbx_mutation              ? 
_entity.pdbx_fragment              ? 
_entity.details                    ? 
# 
_entity_name_com.entity_id   1 
_entity_name_com.name        'Agglutinin, PNA' 
# 
_entity_poly.entity_id                      1 
_entity_poly.type                           'polypeptide(L)' 
_entity_poly.nstd_linkage                   no 
_entity_poly.nstd_monomer                   no 
_entity_poly.pdbx_seq_one_letter_code       
;AETVSFNFNSFSEGNPAINFQGDVTVLSNGNIQLTNLNKVNSVGRVLYAMPVRIWSSATGNVASFLTSFSFEMKDIKDYD
PADGIIFFIAPEDTQIPAGSIGGGTLGVSDTKGAGHFVGVEFDTYSNSEYNDPPTDHVGIDVNSVDSVKTVPWNSVSGAV
VKVTVIYDSSTKTLSVAVTNDNGDITTIAQVVDLKAKLPERVKFGFSASGSLGGRQIHLIRSWSFTSTLITTTRRS
;
_entity_poly.pdbx_seq_one_letter_code_can   
;AETVSFNFNSFSEGNPAINFQGDVTVLSNGNIQLTNLNKVNSVGRVLYAMPVRIWSSATGNVASFLTSFSFEMKDIKDYD
PADGIIFFIAPEDTQIPAGSIGGGTLGVSDTKGAGHFVGVEFDTYSNSEYNDPPTDHVGIDVNSVDSVKTVPWNSVSGAV
VKVTVIYDSSTKTLSVAVTNDNGDITTIAQVVDLKAKLPERVKFGFSASGSLGGRQIHLIRSWSFTSTLITTTRRS
;
_entity_poly.pdbx_strand_id                 A,B,C,D 
_entity_poly.pdbx_target_identifier         ? 
# 
loop_
_entity_poly_seq.entity_id 
_entity_poly_seq.num 
_entity_poly_seq.mon_id 
_entity_poly_seq.hetero 
1 1   ALA n 
1 2   GLU n 
1 3   THR n 
1 4   VAL n 
1 5   SER n 
1 6   PHE n 
1 7   ASN n 
1 8   PHE n 
1 9   ASN n 
1 10  SER n 
1 11  PHE n 
1 12  SER n 
1 13  GLU n 
1 14  GLY n 
1 15  ASN n 
1 16  PRO n 
1 17  ALA n 
1 18  ILE n 
1 19  ASN n 
1 20  PHE n 
1 21  GLN n 
1 22  GLY n 
1 23  ASP n 
1 24  VAL n 
1 25  THR n 
1 26  VAL n 
1 27  LEU n 
1 28  SER n 
1 29  ASN n 
1 30  GLY n 
1 31  ASN n 
1 32  ILE n 
1 33  GLN n 
1 34  LEU n 
1 35  THR n 
1 36  ASN n 
1 37  LEU n 
1 38  ASN n 
1 39  LYS n 
1 40  VAL n 
1 41  ASN n 
1 42  SER n 
1 43  VAL n 
1 44  GLY n 
1 45  ARG n 
1 46  VAL n 
1 47  LEU n 
1 48  TYR n 
1 49  ALA n 
1 50  MET n 
1 51  PRO n 
1 52  VAL n 
1 53  ARG n 
1 54  ILE n 
1 55  TRP n 
1 56  SER n 
1 57  SER n 
1 58  ALA n 
1 59  THR n 
1 60  GLY n 
1 61  ASN n 
1 62  VAL n 
1 63  ALA n 
1 64  SER n 
1 65  PHE n 
1 66  LEU n 
1 67  THR n 
1 68  SER n 
1 69  PHE n 
1 70  SER n 
1 71  PHE n 
1 72  GLU n 
1 73  MET n 
1 74  LYS n 
1 75  ASP n 
1 76  ILE n 
1 77  LYS n 
1 78  ASP n 
1 79  TYR n 
1 80  ASP n 
1 81  PRO n 
1 82  ALA n 
1 83  ASP n 
1 84  GLY n 
1 85  ILE n 
1 86  ILE n 
1 87  PHE n 
1 88  PHE n 
1 89  ILE n 
1 90  ALA n 
1 91  PRO n 
1 92  GLU n 
1 93  ASP n 
1 94  THR n 
1 95  GLN n 
1 96  ILE n 
1 97  PRO n 
1 98  ALA n 
1 99  GLY n 
1 100 SER n 
1 101 ILE n 
1 102 GLY n 
1 103 GLY n 
1 104 GLY n 
1 105 THR n 
1 106 LEU n 
1 107 GLY n 
1 108 VAL n 
1 109 SER n 
1 110 ASP n 
1 111 THR n 
1 112 LYS n 
1 113 GLY n 
1 114 ALA n 
1 115 GLY n 
1 116 HIS n 
1 117 PHE n 
1 118 VAL n 
1 119 GLY n 
1 120 VAL n 
1 121 GLU n 
1 122 PHE n 
1 123 ASP n 
1 124 THR n 
1 125 TYR n 
1 126 SER n 
1 127 ASN n 
1 128 SER n 
1 129 GLU n 
1 130 TYR n 
1 131 ASN n 
1 132 ASP n 
1 133 PRO n 
1 134 PRO n 
1 135 THR n 
1 136 ASP n 
1 137 HIS n 
1 138 VAL n 
1 139 GLY n 
1 140 ILE n 
1 141 ASP n 
1 142 VAL n 
1 143 ASN n 
1 144 SER n 
1 145 VAL n 
1 146 ASP n 
1 147 SER n 
1 148 VAL n 
1 149 LYS n 
1 150 THR n 
1 151 VAL n 
1 152 PRO n 
1 153 TRP n 
1 154 ASN n 
1 155 SER n 
1 156 VAL n 
1 157 SER n 
1 158 GLY n 
1 159 ALA n 
1 160 VAL n 
1 161 VAL n 
1 162 LYS n 
1 163 VAL n 
1 164 THR n 
1 165 VAL n 
1 166 ILE n 
1 167 TYR n 
1 168 ASP n 
1 169 SER n 
1 170 SER n 
1 171 THR n 
1 172 LYS n 
1 173 THR n 
1 174 LEU n 
1 175 SER n 
1 176 VAL n 
1 177 ALA n 
1 178 VAL n 
1 179 THR n 
1 180 ASN n 
1 181 ASP n 
1 182 ASN n 
1 183 GLY n 
1 184 ASP n 
1 185 ILE n 
1 186 THR n 
1 187 THR n 
1 188 ILE n 
1 189 ALA n 
1 190 GLN n 
1 191 VAL n 
1 192 VAL n 
1 193 ASP n 
1 194 LEU n 
1 195 LYS n 
1 196 ALA n 
1 197 LYS n 
1 198 LEU n 
1 199 PRO n 
1 200 GLU n 
1 201 ARG n 
1 202 VAL n 
1 203 LYS n 
1 204 PHE n 
1 205 GLY n 
1 206 PHE n 
1 207 SER n 
1 208 ALA n 
1 209 SER n 
1 210 GLY n 
1 211 SER n 
1 212 LEU n 
1 213 GLY n 
1 214 GLY n 
1 215 ARG n 
1 216 GLN n 
1 217 ILE n 
1 218 HIS n 
1 219 LEU n 
1 220 ILE n 
1 221 ARG n 
1 222 SER n 
1 223 TRP n 
1 224 SER n 
1 225 PHE n 
1 226 THR n 
1 227 SER n 
1 228 THR n 
1 229 LEU n 
1 230 ILE n 
1 231 THR n 
1 232 THR n 
1 233 THR n 
1 234 ARG n 
1 235 ARG n 
1 236 SER n 
# 
_entity_src_nat.entity_id                  1 
_entity_src_nat.pdbx_src_id                1 
_entity_src_nat.pdbx_alt_source_flag       sample 
_entity_src_nat.pdbx_beg_seq_num           ? 
_entity_src_nat.pdbx_end_seq_num           ? 
_entity_src_nat.common_name                peanut 
_entity_src_nat.pdbx_organism_scientific   'Arachis hypogaea' 
_entity_src_nat.pdbx_ncbi_taxonomy_id      3818 
_entity_src_nat.genus                      Arachis 
_entity_src_nat.species                    ? 
_entity_src_nat.strain                     ? 
_entity_src_nat.tissue                     ? 
_entity_src_nat.tissue_fraction            ? 
_entity_src_nat.pdbx_secretion             ? 
_entity_src_nat.pdbx_fragment              ? 
_entity_src_nat.pdbx_variant               ? 
_entity_src_nat.pdbx_cell_line             ? 
_entity_src_nat.pdbx_atcc                  ? 
_entity_src_nat.pdbx_cellular_location     ? 
_entity_src_nat.pdbx_organ                 ? 
_entity_src_nat.pdbx_organelle             ? 
_entity_src_nat.pdbx_cell                  ? 
_entity_src_nat.pdbx_plasmid_name          ? 
_entity_src_nat.pdbx_plasmid_details       ? 
_entity_src_nat.details                    ? 
# 
_struct_ref.id                         1 
_struct_ref.db_name                    UNP 
_struct_ref.db_code                    LECG_ARAHY 
_struct_ref.pdbx_db_accession          P02872 
_struct_ref.entity_id                  1 
_struct_ref.pdbx_align_begin           24 
_struct_ref.pdbx_db_isoform            ? 
_struct_ref.pdbx_seq_one_letter_code   ? 
# 
loop_
_struct_ref_seq.align_id 
_struct_ref_seq.ref_id 
_struct_ref_seq.pdbx_PDB_id_code 
_struct_ref_seq.pdbx_strand_id 
_struct_ref_seq.seq_align_beg 
_struct_ref_seq.pdbx_seq_align_beg_ins_code 
_struct_ref_seq.seq_align_end 
_struct_ref_seq.pdbx_seq_align_end_ins_code 
_struct_ref_seq.pdbx_db_accession 
_struct_ref_seq.db_align_beg 
_struct_ref_seq.pdbx_db_align_beg_ins_code 
_struct_ref_seq.db_align_end 
_struct_ref_seq.pdbx_db_align_end_ins_code 
_struct_ref_seq.pdbx_auth_seq_align_beg 
_struct_ref_seq.pdbx_auth_seq_align_end 
1 1 2DH1 A 1 ? 236 ? P02872 24 ? 259 ? 1 236 
2 1 2DH1 B 1 ? 236 ? P02872 24 ? 259 ? 1 236 
3 1 2DH1 C 1 ? 236 ? P02872 24 ? 259 ? 1 236 
4 1 2DH1 D 1 ? 236 ? P02872 24 ? 259 ? 1 236 
# 
loop_
_chem_comp.id 
_chem_comp.type 
_chem_comp.mon_nstd_flag 
_chem_comp.name 
_chem_comp.pdbx_synonyms 
_chem_comp.formula 
_chem_comp.formula_weight 
ALA 'L-peptide linking' y ALANINE         ? 'C3 H7 N O2'     89.093  
ARG 'L-peptide linking' y ARGININE        ? 'C6 H15 N4 O2 1' 175.209 
ASN 'L-peptide linking' y ASPARAGINE      ? 'C4 H8 N2 O3'    132.118 
ASP 'L-peptide linking' y 'ASPARTIC ACID' ? 'C4 H7 N O4'     133.103 
GLN 'L-peptide linking' y GLUTAMINE       ? 'C5 H10 N2 O3'   146.144 
GLU 'L-peptide linking' y 'GLUTAMIC ACID' ? 'C5 H9 N O4'     147.129 
GLY 'peptide linking'   y GLYCINE         ? 'C2 H5 N O2'     75.067  
HIS 'L-peptide linking' y HISTIDINE       ? 'C6 H10 N3 O2 1' 156.162 
ILE 'L-peptide linking' y ISOLEUCINE      ? 'C6 H13 N O2'    131.173 
LEU 'L-peptide linking' y LEUCINE         ? 'C6 H13 N O2'    131.173 
LYS 'L-peptide linking' y LYSINE          ? 'C6 H15 N2 O2 1' 147.195 
MET 'L-peptide linking' y METHIONINE      ? 'C5 H11 N O2 S'  149.211 
PHE 'L-peptide linking' y PHENYLALANINE   ? 'C9 H11 N O2'    165.189 
PRO 'L-peptide linking' y PROLINE         ? 'C5 H9 N O2'     115.130 
SER 'L-peptide linking' y SERINE          ? 'C3 H7 N O3'     105.093 
THR 'L-peptide linking' y THREONINE       ? 'C4 H9 N O3'     119.119 
TRP 'L-peptide linking' y TRYPTOPHAN      ? 'C11 H12 N2 O2'  204.225 
TYR 'L-peptide linking' y TYROSINE        ? 'C9 H11 N O3'    181.189 
VAL 'L-peptide linking' y VALINE          ? 'C5 H11 N O2'    117.146 
# 
_exptl.entry_id          2DH1 
_exptl.method            'X-RAY DIFFRACTION' 
_exptl.crystals_number   1 
# 
_exptl_crystal.id                    1 
_exptl_crystal.density_meas          ? 
_exptl_crystal.density_Matthews      4.6 
_exptl_crystal.density_percent_sol   73.2 
_exptl_crystal.description           ? 
_exptl_crystal.F_000                 ? 
_exptl_crystal.preparation           ? 
# 
_exptl_crystal_grow.crystal_id      1 
_exptl_crystal_grow.method          'VAPOR DIFFUSION, HANGING DROP' 
_exptl_crystal_grow.temp            293.0 
_exptl_crystal_grow.temp_details    ? 
_exptl_crystal_grow.pH              7.0 
_exptl_crystal_grow.pdbx_details    
;12% PEG 8000, 0.05M sodium phosphate, 0.2M sodium cholride, 0.02% sodium azide, pH 7.0, VAPOR DIFFUSION, HANGING DROP, temperature 293.0K
;
_exptl_crystal_grow.pdbx_pH_range   . 
# 
_diffrn.id                     1 
_diffrn.ambient_temp           293 
_diffrn.ambient_temp_details   ? 
_diffrn.crystal_id             1 
# 
_diffrn_detector.diffrn_id              1 
_diffrn_detector.detector               'IMAGE PLATE' 
_diffrn_detector.type                   MARRESEARCH 
_diffrn_detector.pdbx_collection_date   2003-10-03 
_diffrn_detector.details                'OSMIC MIRROR' 
# 
_diffrn_radiation.diffrn_id                        1 
_diffrn_radiation.wavelength_id                    1 
_diffrn_radiation.pdbx_monochromatic_or_laue_m_l   M 
_diffrn_radiation.monochromator                    ? 
_diffrn_radiation.pdbx_diffrn_protocol             'SINGLE WAVELENGTH' 
_diffrn_radiation.pdbx_scattering_type             x-ray 
# 
_diffrn_radiation_wavelength.id           1 
_diffrn_radiation_wavelength.wavelength   1.5418 
_diffrn_radiation_wavelength.wt           1.0 
# 
_diffrn_source.diffrn_id                   1 
_diffrn_source.source                      'ROTATING ANODE' 
_diffrn_source.type                        'RIGAKU RU200' 
_diffrn_source.pdbx_synchrotron_site       ? 
_diffrn_source.pdbx_synchrotron_beamline   ? 
_diffrn_source.pdbx_wavelength             1.5418 
_diffrn_source.pdbx_wavelength_list        1.5418 
# 
_reflns.entry_id                     2DH1 
_reflns.observed_criterion_sigma_I   ? 
_reflns.observed_criterion_sigma_F   ? 
_reflns.d_resolution_low             20.0 
_reflns.d_resolution_high            7.65 
_reflns.number_obs                   2273 
_reflns.number_all                   ? 
_reflns.percent_possible_obs         99.8 
_reflns.pdbx_Rmerge_I_obs            0.1 
_reflns.pdbx_Rsym_value              0.1 
_reflns.pdbx_netI_over_sigmaI        ? 
_reflns.B_iso_Wilson_estimate        ? 
_reflns.pdbx_redundancy              8.1 
_reflns.R_free_details               ? 
_reflns.limit_h_max                  ? 
_reflns.limit_h_min                  ? 
_reflns.limit_k_max                  ? 
_reflns.limit_k_min                  ? 
_reflns.limit_l_max                  ? 
_reflns.limit_l_min                  ? 
_reflns.observed_criterion_F_max     ? 
_reflns.observed_criterion_F_min     ? 
_reflns.pdbx_chi_squared             ? 
_reflns.pdbx_scaling_rejects         ? 
_reflns.pdbx_ordinal                 1 
_reflns.pdbx_diffrn_id               1 
# 
_reflns_shell.d_res_high             7.65 
_reflns_shell.d_res_low              7.8 
_reflns_shell.percent_possible_all   100.0 
_reflns_shell.Rmerge_I_obs           0.49 
_reflns_shell.pdbx_Rsym_value        0.524 
_reflns_shell.meanI_over_sigI_obs    4.6 
_reflns_shell.pdbx_redundancy        8.1 
_reflns_shell.percent_possible_obs   ? 
_reflns_shell.number_unique_all      219 
_reflns_shell.number_measured_all    ? 
_reflns_shell.number_measured_obs    ? 
_reflns_shell.number_unique_obs      ? 
_reflns_shell.pdbx_chi_squared       ? 
_reflns_shell.pdbx_ordinal           1 
_reflns_shell.pdbx_diffrn_id         1 
# 
_refine.entry_id                                 2DH1 
_refine.ls_number_reflns_obs                     2165 
_refine.ls_number_reflns_all                     ? 
_refine.pdbx_ls_sigma_I                          ? 
_refine.pdbx_ls_sigma_F                          ? 
_refine.pdbx_data_cutoff_high_absF               ? 
_refine.pdbx_data_cutoff_low_absF                ? 
_refine.pdbx_data_cutoff_high_rms_absF           ? 
_refine.ls_d_res_low                             20.00 
_refine.ls_d_res_high                            7.65 
_refine.ls_percent_reflns_obs                    99.78 
_refine.ls_R_factor_obs                          0.35562 
_refine.ls_R_factor_all                          ? 
_refine.ls_R_factor_R_work                       0.35458 
_refine.ls_R_factor_R_free                       0.3772 
_refine.ls_R_factor_R_free_error                 ? 
_refine.ls_R_factor_R_free_error_details         ? 
_refine.ls_percent_reflns_R_free                 4.7 
_refine.ls_number_reflns_R_free                  106 
_refine.ls_number_parameters                     ? 
_refine.ls_number_restraints                     ? 
_refine.occupancy_min                            ? 
_refine.occupancy_max                            ? 
_refine.correlation_coeff_Fo_to_Fc               0.812 
_refine.correlation_coeff_Fo_to_Fc_free          0.836 
_refine.B_iso_mean                               ? 
_refine.aniso_B[1][1]                            ? 
_refine.aniso_B[2][2]                            ? 
_refine.aniso_B[3][3]                            ? 
_refine.aniso_B[1][2]                            ? 
_refine.aniso_B[1][3]                            ? 
_refine.aniso_B[2][3]                            ? 
_refine.solvent_model_details                    'BABINET MODEL WITH MASK' 
_refine.solvent_model_param_ksol                 ? 
_refine.solvent_model_param_bsol                 ? 
_refine.pdbx_solvent_vdw_probe_radii             1.20 
_refine.pdbx_solvent_ion_probe_radii             0.80 
_refine.pdbx_solvent_shrinkage_radii             0.80 
_refine.pdbx_ls_cross_valid_method               ? 
_refine.details                                  
;RIGID BODY REFINEMENT. THE COORDINATES FOR ONLY THE ALPHA CARBONS ARE PRESENT IN THE STRUCTURE. THE NUMBER OF MISSING ATOMS WAS SO MUCH THAT REMARK 470 FOR THE MISSING ATOMS LIST WERE REMOVED.
;
_refine.pdbx_starting_model                      'PDB ENTRY 2PEL' 
_refine.pdbx_method_to_determine_struct          'MOLECULAR REPLACEMENT' 
_refine.pdbx_isotropic_thermal_model             ? 
_refine.pdbx_stereochemistry_target_values       'MAXIMUM LIKELIHOOD' 
_refine.pdbx_stereochem_target_val_spec_case     ? 
_refine.pdbx_R_Free_selection_details            RANDOM 
_refine.pdbx_overall_ESU_R                       4.956 
_refine.pdbx_overall_ESU_R_Free                  5.272 
_refine.overall_SU_ML                            6.067 
_refine.overall_SU_B                             897.888 
_refine.ls_redundancy_reflns_obs                 ? 
_refine.B_iso_min                                ? 
_refine.B_iso_max                                ? 
_refine.overall_SU_R_Cruickshank_DPI             ? 
_refine.overall_SU_R_free                        ? 
_refine.ls_wR_factor_R_free                      ? 
_refine.ls_wR_factor_R_work                      ? 
_refine.overall_FOM_free_R_set                   ? 
_refine.overall_FOM_work_R_set                   ? 
_refine.pdbx_refine_id                           'X-RAY DIFFRACTION' 
_refine.pdbx_diffrn_id                           1 
_refine.pdbx_TLS_residual_ADP_flag               ? 
_refine.pdbx_overall_phase_error                 ? 
_refine.pdbx_overall_SU_R_free_Cruickshank_DPI   ? 
_refine.pdbx_overall_SU_R_Blow_DPI               ? 
_refine.pdbx_overall_SU_R_free_Blow_DPI          ? 
# 
_refine_hist.pdbx_refine_id                   'X-RAY DIFFRACTION' 
_refine_hist.cycle_id                         LAST 
_refine_hist.pdbx_number_atoms_protein        928 
_refine_hist.pdbx_number_atoms_nucleic_acid   0 
_refine_hist.pdbx_number_atoms_ligand         0 
_refine_hist.number_atoms_solvent             0 
_refine_hist.number_atoms_total               928 
_refine_hist.d_res_high                       7.65 
_refine_hist.d_res_low                        20.00 
# 
_refine_ls_shell.pdbx_total_number_of_bins_used   20 
_refine_ls_shell.d_res_high                       7.65 
_refine_ls_shell.d_res_low                        7.91 
_refine_ls_shell.number_reflns_R_work             142 
_refine_ls_shell.R_factor_R_work                  0.355 
_refine_ls_shell.percent_reflns_obs               100.00 
_refine_ls_shell.R_factor_R_free                  0.379 
_refine_ls_shell.R_factor_R_free_error            ? 
_refine_ls_shell.percent_reflns_R_free            ? 
_refine_ls_shell.number_reflns_R_free             ? 
_refine_ls_shell.number_reflns_all                ? 
_refine_ls_shell.R_factor_all                     ? 
_refine_ls_shell.number_reflns_obs                ? 
_refine_ls_shell.redundancy_reflns_obs            ? 
_refine_ls_shell.pdbx_refine_id                   'X-RAY DIFFRACTION' 
# 
_struct.entry_id                  2DH1 
_struct.title                     
;Crystal structure of peanut lectin lactose-azobenzene-4,4'-dicarboxylic acid-lactose complex
;
_struct.pdbx_model_details        ? 
_struct.pdbx_CASP_flag            ? 
_struct.pdbx_model_type_details   ? 
# 
_struct_keywords.entry_id        2DH1 
_struct_keywords.pdbx_keywords   'SUGAR BINDING PROTEIN' 
_struct_keywords.text            
'LEGUME LECTIN, AGGLUTININ, CROSSLINK, OPEN QUATERNARY STRUCTURE, CARBOHYDRATE SPECIFICITY, MULTIVALENCY, SUGAR BINDING PROTEIN' 
# 
loop_
_struct_asym.id 
_struct_asym.pdbx_blank_PDB_chainid_flag 
_struct_asym.pdbx_modified 
_struct_asym.entity_id 
_struct_asym.details 
A N N 1 ? 
B N N 1 ? 
C N N 1 ? 
D N N 1 ? 
# 
loop_
_struct_biol.id 
_struct_biol.details 
_struct_biol.pdbx_parent_biol_id 
1 'Biological molecule is a tetramer. It can be  generated from the dimer in the asymmetric by symmetry' ? 
2 ?                                                                                                      ? 
# 
_atom_sites.entry_id                    2DH1 
_atom_sites.fract_transf_matrix[1][1]   0.00012178 
_atom_sites.fract_transf_matrix[1][2]   -0.00612225 
_atom_sites.fract_transf_matrix[1][3]   -0.00887439 
_atom_sites.fract_transf_matrix[2][1]   -0.00010700 
_atom_sites.fract_transf_matrix[2][2]   0.00887383 
_atom_sites.fract_transf_matrix[2][3]   -0.00612333 
_atom_sites.fract_transf_matrix[3][1]   0.00211176 
_atom_sites.fract_transf_matrix[3][2]   0.00003080 
_atom_sites.fract_transf_matrix[3][3]   0.00000773 
_atom_sites.fract_transf_vector[1]      0.784099 
_atom_sites.fract_transf_vector[2]      0.282902 
_atom_sites.fract_transf_vector[3]      0.553070 
# 
_atom_type.symbol   C 
# 
loop_
_atom_site.group_PDB 
_atom_site.id 
_atom_site.type_symbol 
_atom_site.label_atom_id 
_atom_site.label_alt_id 
_atom_site.label_comp_id 
_atom_site.label_asym_id 
_atom_site.label_entity_id 
_atom_site.label_seq_id 
_atom_site.pdbx_PDB_ins_code 
_atom_site.Cartn_x 
_atom_site.Cartn_y 
_atom_site.Cartn_z 
_atom_site.occupancy 
_atom_site.B_iso_or_equiv 
_atom_site.pdbx_formal_charge 
_atom_site.auth_seq_id 
_atom_site.auth_comp_id 
_atom_site.auth_asym_id 
_atom_site.auth_atom_id 
_atom_site.pdbx_PDB_model_num 
ATOM 1   C CA . ALA A 1 1   ? -21.024 22.375  21.446  1.00 328.15 ? 1   ALA A CA 1 
ATOM 2   C CA . GLU A 1 2   ? -18.558 23.808  19.105  1.00 329.47 ? 2   GLU A CA 1 
ATOM 3   C CA . THR A 1 3   ? -19.102 25.023  15.862  1.00 327.98 ? 3   THR A CA 1 
ATOM 4   C CA . VAL A 1 4   ? -18.416 26.379  12.779  1.00 326.04 ? 4   VAL A CA 1 
ATOM 5   C CA . SER A 1 5   ? -19.997 27.800  9.682   1.00 324.84 ? 5   SER A CA 1 
ATOM 6   C CA . PHE A 1 6   ? -19.991 30.212  6.987   1.00 329.40 ? 6   PHE A CA 1 
ATOM 7   C CA . ASN A 1 7   ? -20.780 30.624  3.690   1.00 336.52 ? 7   ASN A CA 1 
ATOM 8   C CA . PHE A 1 8   ? -20.136 31.802  0.377   1.00 340.75 ? 8   PHE A CA 1 
ATOM 9   C CA . ASN A 1 9   ? -22.004 32.749  -2.600  1.00 347.34 ? 9   ASN A CA 1 
ATOM 10  C CA . SER A 1 10  ? -19.505 34.401  -4.484  1.00 350.35 ? 10  SER A CA 1 
ATOM 11  C CA . PHE A 1 11  ? -15.807 35.166  -3.920  1.00 351.78 ? 11  PHE A CA 1 
ATOM 12  C CA . SER A 1 12  ? -13.082 37.923  -3.701  1.00 347.90 ? 12  SER A CA 1 
ATOM 13  C CA . GLU A 1 13  ? -9.719  38.518  -4.109  1.00 346.50 ? 13  GLU A CA 1 
ATOM 14  C CA . GLY A 1 14  ? -8.000  39.286  -1.106  1.00 345.57 ? 14  GLY A CA 1 
ATOM 15  C CA . ASN A 1 15  ? -10.327 37.531  1.375   1.00 342.27 ? 15  ASN A CA 1 
ATOM 16  C CA . PRO A 1 16  ? -8.692  36.586  4.828   1.00 341.93 ? 16  PRO A CA 1 
ATOM 17  C CA . ALA A 1 17  ? -10.781 33.514  4.827   1.00 340.37 ? 17  ALA A CA 1 
ATOM 18  C CA . ILE A 1 18  ? -9.067  32.025  2.018   1.00 337.08 ? 18  ILE A CA 1 
ATOM 19  C CA . ASN A 1 19  ? -6.120  30.668  1.085   1.00 339.16 ? 19  ASN A CA 1 
ATOM 20  C CA . PHE A 1 20  ? -5.166  30.356  -2.448  1.00 345.31 ? 20  PHE A CA 1 
ATOM 21  C CA . GLN A 1 21  ? -2.838  27.992  -3.917  1.00 348.13 ? 21  GLN A CA 1 
ATOM 22  C CA . GLY A 1 22  ? -1.138  27.561  -7.284  1.00 348.70 ? 22  GLY A CA 1 
ATOM 23  C CA . ASP A 1 23  ? -3.077  28.543  -10.360 1.00 352.59 ? 23  ASP A CA 1 
ATOM 24  C CA . VAL A 1 24  ? -5.976  30.291  -8.506  1.00 353.05 ? 24  VAL A CA 1 
ATOM 25  C CA . THR A 1 25  ? -7.650  33.023  -10.255 1.00 355.43 ? 25  THR A CA 1 
ATOM 26  C CA . VAL A 1 26  ? -10.874 34.896  -9.081  1.00 359.22 ? 26  VAL A CA 1 
ATOM 27  C CA . LEU A 1 27  ? -13.008 36.241  -12.258 1.00 358.73 ? 27  LEU A CA 1 
ATOM 28  C CA . SER A 1 28  ? -15.117 39.420  -12.435 1.00 361.02 ? 28  SER A CA 1 
ATOM 29  C CA . ASN A 1 29  ? -18.168 37.119  -11.614 1.00 361.89 ? 29  ASN A CA 1 
ATOM 30  C CA . GLY A 1 30  ? -17.599 36.006  -7.877  1.00 362.79 ? 30  GLY A CA 1 
ATOM 31  C CA . ASN A 1 31  ? -16.416 32.540  -9.159  1.00 362.78 ? 31  ASN A CA 1 
ATOM 32  C CA . ILE A 1 32  ? -13.199 30.519  -9.252  1.00 357.24 ? 32  ILE A CA 1 
ATOM 33  C CA . GLN A 1 33  ? -10.736 29.198  -11.738 1.00 357.25 ? 33  GLN A CA 1 
ATOM 34  C CA . LEU A 1 34  ? -8.707  26.557  -10.081 1.00 357.05 ? 34  LEU A CA 1 
ATOM 35  C CA . THR A 1 35  ? -6.601  26.322  -13.227 1.00 357.84 ? 35  THR A CA 1 
ATOM 36  C CA . ASN A 1 36  ? -4.634  28.429  -15.769 1.00 362.48 ? 36  ASN A CA 1 
ATOM 37  C CA . LEU A 1 37  ? -5.140  27.520  -19.318 1.00 362.26 ? 37  LEU A CA 1 
ATOM 38  C CA . ASN A 1 38  ? -1.831  28.637  -20.985 1.00 356.61 ? 38  ASN A CA 1 
ATOM 39  C CA . LYS A 1 39  ? 0.188   26.077  -18.352 1.00 354.05 ? 39  LYS A CA 1 
ATOM 40  C CA . VAL A 1 40  ? 1.165   22.598  -18.475 1.00 351.80 ? 40  VAL A CA 1 
ATOM 41  C CA . ASN A 1 41  ? 0.081   20.642  -15.712 1.00 350.19 ? 41  ASN A CA 1 
ATOM 42  C CA . SER A 1 42  ? -1.743  23.282  -14.218 1.00 343.42 ? 42  SER A CA 1 
ATOM 43  C CA . VAL A 1 43  ? -3.090  23.261  -10.537 1.00 341.60 ? 43  VAL A CA 1 
ATOM 44  C CA . GLY A 1 44  ? -4.830  25.228  -7.962  1.00 336.07 ? 44  GLY A CA 1 
ATOM 45  C CA . ARG A 1 45  ? -6.799  24.675  -5.112  1.00 330.52 ? 45  ARG A CA 1 
ATOM 46  C CA . VAL A 1 46  ? -7.554  26.280  -2.051  1.00 319.45 ? 46  VAL A CA 1 
ATOM 47  C CA . LEU A 1 47  ? -9.170  26.527  1.225   1.00 317.87 ? 47  LEU A CA 1 
ATOM 48  C CA . TYR A 1 48  ? -10.472 27.339  4.098   1.00 322.83 ? 48  TYR A CA 1 
ATOM 49  C CA . ALA A 1 49  ? -8.147  29.316  5.745   1.00 331.27 ? 49  ALA A CA 1 
ATOM 50  C CA . MET A 1 50  ? -9.016  28.329  9.020   1.00 340.46 ? 50  MET A CA 1 
ATOM 51  C CA . PRO A 1 51  ? -7.707  25.208  10.329  1.00 335.34 ? 51  PRO A CA 1 
ATOM 52  C CA . VAL A 1 52  ? -10.141 22.902  11.828  1.00 333.58 ? 52  VAL A CA 1 
ATOM 53  C CA . ARG A 1 53  ? -10.160 20.785  14.766  1.00 338.13 ? 53  ARG A CA 1 
ATOM 54  C CA . ILE A 1 54  ? -11.948 17.800  13.625  1.00 342.76 ? 54  ILE A CA 1 
ATOM 55  C CA . TRP A 1 55  ? -11.318 15.577  16.503  1.00 352.34 ? 55  TRP A CA 1 
ATOM 56  C CA . SER A 1 56  ? -10.233 15.920  20.076  1.00 358.71 ? 56  SER A CA 1 
ATOM 57  C CA . SER A 1 57  ? -7.498  14.383  21.995  1.00 364.90 ? 57  SER A CA 1 
ATOM 58  C CA . ALA A 1 58  ? -9.438  15.335  25.215  1.00 368.06 ? 58  ALA A CA 1 
ATOM 59  C CA . THR A 1 59  ? -12.855 13.093  25.067  1.00 369.33 ? 59  THR A CA 1 
ATOM 60  C CA . GLY A 1 60  ? -13.028 10.426  22.130  1.00 368.09 ? 60  GLY A CA 1 
ATOM 61  C CA . ASN A 1 61  ? -15.631 12.377  20.000  1.00 363.03 ? 61  ASN A CA 1 
ATOM 62  C CA . VAL A 1 62  ? -15.702 13.011  16.383  1.00 352.79 ? 62  VAL A CA 1 
ATOM 63  C CA . ALA A 1 63  ? -17.859 15.745  15.111  1.00 345.28 ? 63  ALA A CA 1 
ATOM 64  C CA . SER A 1 64  ? -19.932 15.657  11.929  1.00 339.37 ? 64  SER A CA 1 
ATOM 65  C CA . PHE A 1 65  ? -20.830 17.954  9.121   1.00 334.91 ? 65  PHE A CA 1 
ATOM 66  C CA . LEU A 1 66  ? -22.547 19.060  5.985   1.00 332.46 ? 66  LEU A CA 1 
ATOM 67  C CA . THR A 1 67  ? -21.464 21.062  3.256   1.00 324.93 ? 67  THR A CA 1 
ATOM 68  C CA . SER A 1 68  ? -22.709 21.840  0.004   1.00 325.59 ? 68  SER A CA 1 
ATOM 69  C CA . PHE A 1 69  ? -21.506 23.793  -2.875  1.00 329.88 ? 69  PHE A CA 1 
ATOM 70  C CA . SER A 1 70  ? -21.410 23.809  -6.431  1.00 334.04 ? 70  SER A CA 1 
ATOM 71  C CA . PHE A 1 71  ? -19.184 24.118  -9.564  1.00 341.40 ? 71  PHE A CA 1 
ATOM 72  C CA . GLU A 1 72  ? -18.813 23.806  -13.280 1.00 346.17 ? 72  GLU A CA 1 
ATOM 73  C CA . MET A 1 73  ? -16.743 22.009  -15.630 1.00 350.00 ? 73  MET A CA 1 
ATOM 74  C CA . LYS A 1 74  ? -16.576 23.361  -19.408 1.00 353.86 ? 74  LYS A CA 1 
ATOM 75  C CA . ASP A 1 75  ? -14.314 22.005  -22.461 1.00 358.67 ? 75  ASP A CA 1 
ATOM 76  C CA . ILE A 1 76  ? -12.574 24.135  -24.866 1.00 359.63 ? 76  ILE A CA 1 
ATOM 77  C CA . LYS A 1 77  ? -11.697 24.081  -28.251 1.00 356.60 ? 77  LYS A CA 1 
ATOM 78  C CA . ASP A 1 78  ? -9.172  21.217  -29.238 1.00 356.95 ? 78  ASP A CA 1 
ATOM 79  C CA . TYR A 1 79  ? -7.816  19.884  -26.187 1.00 360.62 ? 79  TYR A CA 1 
ATOM 80  C CA . ASP A 1 80  ? -9.435  17.276  -23.875 1.00 362.70 ? 80  ASP A CA 1 
ATOM 81  C CA . PRO A 1 81  ? -11.348 17.696  -20.837 1.00 359.94 ? 81  PRO A CA 1 
ATOM 82  C CA . ALA A 1 82  ? -9.285  16.469  -18.005 1.00 357.34 ? 82  ALA A CA 1 
ATOM 83  C CA . ASP A 1 83  ? -8.286  15.754  -14.964 1.00 351.24 ? 83  ASP A CA 1 
ATOM 84  C CA . GLY A 1 84  ? -11.445 17.075  -12.594 1.00 345.86 ? 84  GLY A CA 1 
ATOM 85  C CA . ILE A 1 85  ? -11.579 18.001  -8.946  1.00 337.65 ? 85  ILE A CA 1 
ATOM 86  C CA . ILE A 1 86  ? -11.585 17.284  -5.481  1.00 332.09 ? 86  ILE A CA 1 
ATOM 87  C CA . PHE A 1 87  ? -12.794 18.077  -2.480  1.00 331.51 ? 87  PHE A CA 1 
ATOM 88  C CA . PHE A 1 88  ? -11.123 17.285  0.494   1.00 333.73 ? 88  PHE A CA 1 
ATOM 89  C CA . ILE A 1 89  ? -9.588  17.738  3.848   1.00 331.63 ? 89  ILE A CA 1 
ATOM 90  C CA . ALA A 1 90  ? -5.975  17.530  4.855   1.00 338.42 ? 90  ALA A CA 1 
ATOM 91  C CA . PRO A 1 91  ? -3.814  18.649  7.856   1.00 343.10 ? 91  PRO A CA 1 
ATOM 92  C CA . GLU A 1 92  ? -3.099  22.299  8.483   1.00 342.22 ? 92  GLU A CA 1 
ATOM 93  C CA . ASP A 1 93  ? -0.123  23.262  6.558   1.00 340.50 ? 93  ASP A CA 1 
ATOM 94  C CA . THR A 1 94  ? -0.721  20.818  3.541   1.00 335.42 ? 94  THR A CA 1 
ATOM 95  C CA . GLN A 1 95  ? 0.156   22.002  0.268   1.00 332.79 ? 95  GLN A CA 1 
ATOM 96  C CA . ILE A 1 96  ? 0.955   21.155  -3.036  1.00 337.27 ? 96  ILE A CA 1 
ATOM 97  C CA . PRO A 1 97  ? 3.512   18.435  -3.350  1.00 340.61 ? 97  PRO A CA 1 
ATOM 98  C CA . ALA A 1 98  ? 6.802   19.168  -4.359  1.00 340.58 ? 98  ALA A CA 1 
ATOM 99  C CA . GLY A 1 99  ? 6.986   19.914  -8.356  1.00 342.64 ? 99  GLY A CA 1 
ATOM 100 C CA . SER A 1 100 ? 4.240   17.998  -8.847  1.00 348.47 ? 100 SER A CA 1 
ATOM 101 C CA . ILE A 1 101 ? 2.985   16.779  -11.923 1.00 350.86 ? 101 ILE A CA 1 
ATOM 102 C CA . GLY A 1 102 ? -1.138  17.235  -12.060 1.00 347.48 ? 102 GLY A CA 1 
ATOM 103 C CA . GLY A 1 103 ? -2.485  15.021  -15.039 1.00 343.09 ? 103 GLY A CA 1 
ATOM 104 C CA . GLY A 1 104 ? -4.726  12.794  -12.920 1.00 335.43 ? 104 GLY A CA 1 
ATOM 105 C CA . THR A 1 105 ? -2.960  13.450  -9.268  1.00 333.82 ? 105 THR A CA 1 
ATOM 106 C CA . LEU A 1 106 ? -5.317  16.162  -9.028  1.00 339.27 ? 106 LEU A CA 1 
ATOM 107 C CA . GLY A 1 107 ? -2.724  17.970  -7.289  1.00 336.98 ? 107 GLY A CA 1 
ATOM 108 C CA . VAL A 1 108 ? -3.028  16.295  -4.035  1.00 338.20 ? 108 VAL A CA 1 
ATOM 109 C CA . SER A 1 109 ? -0.806  13.340  -4.394  1.00 345.61 ? 109 SER A CA 1 
ATOM 110 C CA . ASP A 1 110 ? 2.733   12.448  -5.647  1.00 349.23 ? 110 ASP A CA 1 
ATOM 111 C CA . THR A 1 111 ? 4.050   10.741  -8.907  1.00 352.03 ? 111 THR A CA 1 
ATOM 112 C CA . LYS A 1 112 ? 2.945   7.281   -7.382  1.00 353.28 ? 112 LYS A CA 1 
ATOM 113 C CA . GLY A 1 113 ? -0.621  8.502   -6.114  1.00 352.20 ? 113 GLY A CA 1 
ATOM 114 C CA . ALA A 1 114 ? -0.226  8.714   -2.367  1.00 348.88 ? 114 ALA A CA 1 
ATOM 115 C CA . GLY A 1 115 ? -0.496  11.707  -0.267  1.00 348.14 ? 115 GLY A CA 1 
ATOM 116 C CA . HIS A 1 116 ? -2.046  12.417  3.179   1.00 346.46 ? 116 HIS A CA 1 
ATOM 117 C CA . PHE A 1 117 ? -5.875  13.414  2.773   1.00 341.43 ? 117 PHE A CA 1 
ATOM 118 C CA . VAL A 1 118 ? -9.460  12.889  2.198   1.00 326.39 ? 118 VAL A CA 1 
ATOM 119 C CA . GLY A 1 119 ? -11.602 14.059  -0.517  1.00 321.21 ? 119 GLY A CA 1 
ATOM 120 C CA . VAL A 1 120 ? -14.082 13.507  -3.132  1.00 319.71 ? 120 VAL A CA 1 
ATOM 121 C CA . GLU A 1 121 ? -12.968 13.284  -6.418  1.00 324.64 ? 121 GLU A CA 1 
ATOM 122 C CA . PHE A 1 122 ? -14.631 14.277  -9.715  1.00 328.77 ? 122 PHE A CA 1 
ATOM 123 C CA . ASP A 1 123 ? -12.391 12.568  -12.071 1.00 335.32 ? 123 ASP A CA 1 
ATOM 124 C CA . THR A 1 124 ? -13.116 12.914  -15.826 1.00 343.23 ? 124 THR A CA 1 
ATOM 125 C CA . TYR A 1 125 ? -10.110 11.264  -17.467 1.00 350.91 ? 125 TYR A CA 1 
ATOM 126 C CA . SER A 1 126 ? -9.239  7.688   -17.040 1.00 356.18 ? 126 SER A CA 1 
ATOM 127 C CA . ASN A 1 127 ? -5.670  7.333   -15.696 1.00 355.75 ? 127 ASN A CA 1 
ATOM 128 C CA . SER A 1 128 ? -4.959  3.424   -16.361 1.00 356.31 ? 128 SER A CA 1 
ATOM 129 C CA . GLU A 1 129 ? -2.242  3.646   -13.355 1.00 360.91 ? 129 GLU A CA 1 
ATOM 130 C CA . TYR A 1 130 ? -4.713  4.769   -10.433 1.00 361.84 ? 130 TYR A CA 1 
ATOM 131 C CA . ASN A 1 131 ? -7.400  1.945   -11.228 1.00 358.89 ? 131 ASN A CA 1 
ATOM 132 C CA . ASP A 1 132 ? -9.577  4.646   -12.538 1.00 354.86 ? 132 ASP A CA 1 
ATOM 133 C CA . PRO A 1 133 ? -12.851 2.913   -13.599 1.00 354.33 ? 133 PRO A CA 1 
ATOM 134 C CA . PRO A 1 134 ? -13.142 3.129   -17.361 1.00 351.88 ? 134 PRO A CA 1 
ATOM 135 C CA . THR A 1 135 ? -16.169 6.129   -17.356 1.00 347.14 ? 135 THR A CA 1 
ATOM 136 C CA . ASP A 1 136 ? -16.175 9.908   -16.527 1.00 342.56 ? 136 ASP A CA 1 
ATOM 137 C CA . HIS A 1 137 ? -16.416 8.947   -12.277 1.00 347.43 ? 137 HIS A CA 1 
ATOM 138 C CA . VAL A 1 138 ? -16.693 9.891   -8.453  1.00 350.34 ? 138 VAL A CA 1 
ATOM 139 C CA . GLY A 1 139 ? -13.869 8.975   -6.102  1.00 346.61 ? 139 GLY A CA 1 
ATOM 140 C CA . ILE A 1 140 ? -13.571 8.783   -2.566  1.00 343.76 ? 140 ILE A CA 1 
ATOM 141 C CA . ASP A 1 141 ? -9.996  8.767   -1.871  1.00 338.43 ? 141 ASP A CA 1 
ATOM 142 C CA . VAL A 1 142 ? -8.113  8.100   1.270   1.00 342.85 ? 142 VAL A CA 1 
ATOM 143 C CA . ASN A 1 143 ? -4.307  8.743   1.406   1.00 344.55 ? 143 ASN A CA 1 
ATOM 144 C CA . SER A 1 144 ? -4.533  7.792   -2.535  1.00 345.49 ? 144 SER A CA 1 
ATOM 145 C CA . VAL A 1 145 ? -6.559  8.705   -5.794  1.00 349.17 ? 145 VAL A CA 1 
ATOM 146 C CA . ASP A 1 146 ? -6.681  4.903   -6.447  1.00 354.06 ? 146 ASP A CA 1 
ATOM 147 C CA . SER A 1 147 ? -9.983  5.538   -5.120  1.00 355.13 ? 147 SER A CA 1 
ATOM 148 C CA . VAL A 1 148 ? -11.393 3.005   -2.393  1.00 356.66 ? 148 VAL A CA 1 
ATOM 149 C CA . LYS A 1 149 ? -15.051 3.012   -4.108  1.00 353.26 ? 149 LYS A CA 1 
ATOM 150 C CA . THR A 1 150 ? -16.018 4.534   -7.560  1.00 350.88 ? 150 THR A CA 1 
ATOM 151 C CA . VAL A 1 151 ? -19.732 4.881   -8.811  1.00 348.24 ? 151 VAL A CA 1 
ATOM 152 C CA . PRO A 1 152 ? -19.456 5.926   -12.459 1.00 352.50 ? 152 PRO A CA 1 
ATOM 153 C CA . TRP A 1 153 ? -20.678 9.386   -13.780 1.00 358.43 ? 153 TRP A CA 1 
ATOM 154 C CA . ASN A 1 154 ? -20.500 12.100  -16.553 1.00 357.04 ? 154 ASN A CA 1 
ATOM 155 C CA . SER A 1 155 ? -19.210 15.424  -17.517 1.00 345.48 ? 155 SER A CA 1 
ATOM 156 C CA . VAL A 1 156 ? -21.083 17.712  -18.806 1.00 337.08 ? 156 VAL A CA 1 
ATOM 157 C CA . SER A 1 157 ? -18.861 20.105  -19.948 1.00 341.15 ? 157 SER A CA 1 
ATOM 158 C CA . GLY A 1 158 ? -20.414 23.675  -19.112 1.00 347.63 ? 158 GLY A CA 1 
ATOM 159 C CA . ALA A 1 159 ? -23.167 22.450  -16.518 1.00 351.42 ? 159 ALA A CA 1 
ATOM 160 C CA . VAL A 1 160 ? -23.820 23.712  -12.882 1.00 351.87 ? 160 VAL A CA 1 
ATOM 161 C CA . VAL A 1 161 ? -23.173 20.604  -10.359 1.00 349.44 ? 161 VAL A CA 1 
ATOM 162 C CA . LYS A 1 162 ? -24.484 20.569  -6.792  1.00 342.58 ? 162 LYS A CA 1 
ATOM 163 C CA . VAL A 1 163 ? -23.440 18.672  -4.146  1.00 330.48 ? 163 VAL A CA 1 
ATOM 164 C CA . THR A 1 164 ? -23.615 17.586  -0.846  1.00 323.24 ? 164 THR A CA 1 
ATOM 165 C CA . VAL A 1 165 ? -22.261 15.772  1.945   1.00 315.81 ? 165 VAL A CA 1 
ATOM 166 C CA . ILE A 1 166 ? -22.832 14.679  5.194   1.00 319.65 ? 166 ILE A CA 1 
ATOM 167 C CA . TYR A 1 167 ? -20.557 12.928  7.313   1.00 325.18 ? 167 TYR A CA 1 
ATOM 168 C CA . ASP A 1 168 ? -21.718 11.478  10.381  1.00 333.98 ? 168 ASP A CA 1 
ATOM 169 C CA . SER A 1 169 ? -19.880 11.073  13.797  1.00 338.28 ? 169 SER A CA 1 
ATOM 170 C CA . SER A 1 170 ? -21.076 7.984   15.565  1.00 337.78 ? 170 SER A CA 1 
ATOM 171 C CA . THR A 1 171 ? -20.895 5.781   12.388  1.00 335.98 ? 171 THR A CA 1 
ATOM 172 C CA . LYS A 1 172 ? -18.074 7.411   10.556  1.00 334.53 ? 172 LYS A CA 1 
ATOM 173 C CA . THR A 1 173 ? -20.030 8.011   7.653   1.00 334.28 ? 173 THR A CA 1 
ATOM 174 C CA . LEU A 1 174 ? -19.801 9.960   4.867   1.00 335.00 ? 174 LEU A CA 1 
ATOM 175 C CA . SER A 1 175 ? -22.057 11.013  2.171   1.00 330.02 ? 175 SER A CA 1 
ATOM 176 C CA . VAL A 1 176 ? -22.718 12.513  -0.686  1.00 328.95 ? 176 VAL A CA 1 
ATOM 177 C CA . ALA A 1 177 ? -24.861 13.461  -3.362  1.00 333.35 ? 177 ALA A CA 1 
ATOM 178 C CA . VAL A 1 178 ? -24.856 15.157  -6.461  1.00 338.23 ? 178 VAL A CA 1 
ATOM 179 C CA . THR A 1 179 ? -27.382 16.757  -8.612  1.00 343.38 ? 179 THR A CA 1 
ATOM 180 C CA . ASN A 1 180 ? -26.753 16.626  -12.223 1.00 348.26 ? 180 ASN A CA 1 
ATOM 181 C CA . ASP A 1 181 ? -27.666 19.240  -14.907 1.00 356.29 ? 181 ASP A CA 1 
ATOM 182 C CA . ASN A 1 182 ? -30.150 16.660  -16.109 1.00 366.45 ? 182 ASN A CA 1 
ATOM 183 C CA . GLY A 1 183 ? -31.985 16.553  -12.338 1.00 366.93 ? 183 GLY A CA 1 
ATOM 184 C CA . ASP A 1 184 ? -30.807 12.867  -12.004 1.00 364.69 ? 184 ASP A CA 1 
ATOM 185 C CA . ILE A 1 185 ? -28.801 12.148  -8.568  1.00 358.41 ? 185 ILE A CA 1 
ATOM 186 C CA . THR A 1 186 ? -25.684 10.209  -7.958  1.00 343.41 ? 186 THR A CA 1 
ATOM 187 C CA . THR A 1 187 ? -25.097 8.632   -4.675  1.00 341.82 ? 187 THR A CA 1 
ATOM 188 C CA . ILE A 1 188 ? -22.233 7.216   -2.775  1.00 342.52 ? 188 ILE A CA 1 
ATOM 189 C CA . ALA A 1 189 ? -21.088 7.049   0.755   1.00 336.75 ? 189 ALA A CA 1 
ATOM 190 C CA . GLN A 1 190 ? -18.232 5.430   2.726   1.00 335.78 ? 190 GLN A CA 1 
ATOM 191 C CA . VAL A 1 191 ? -17.162 4.508   6.368   1.00 341.69 ? 191 VAL A CA 1 
ATOM 192 C CA . VAL A 1 192 ? -14.150 6.296   7.342   1.00 348.01 ? 192 VAL A CA 1 
ATOM 193 C CA . ASP A 1 193 ? -12.218 6.809   10.457  1.00 343.65 ? 193 ASP A CA 1 
ATOM 194 C CA . LEU A 1 194 ? -10.932 10.016  10.259  1.00 346.61 ? 194 LEU A CA 1 
ATOM 195 C CA . LYS A 1 195 ? -9.638  9.925   13.665  1.00 349.50 ? 195 LYS A CA 1 
ATOM 196 C CA . ALA A 1 196 ? -7.448  7.547   12.061  1.00 345.51 ? 196 ALA A CA 1 
ATOM 197 C CA . LYS A 1 197 ? -5.997  8.803   9.106   1.00 340.36 ? 197 LYS A CA 1 
ATOM 198 C CA . LEU A 1 198 ? -5.871  12.626  10.246  1.00 339.97 ? 198 LEU A CA 1 
ATOM 199 C CA . PRO A 1 199 ? -4.801  15.129  12.716  1.00 337.35 ? 199 PRO A CA 1 
ATOM 200 C CA . GLU A 1 200 ? -7.256  16.621  14.865  1.00 343.28 ? 200 GLU A CA 1 
ATOM 201 C CA . ARG A 1 201 ? -6.225  19.807  13.185  1.00 342.86 ? 201 ARG A CA 1 
ATOM 202 C CA . VAL A 1 202 ? -7.401  19.942  9.374   1.00 339.07 ? 202 VAL A CA 1 
ATOM 203 C CA . LYS A 1 203 ? -8.372  22.578  6.768   1.00 336.51 ? 203 LYS A CA 1 
ATOM 204 C CA . PHE A 1 204 ? -10.397 22.231  3.605   1.00 330.08 ? 204 PHE A CA 1 
ATOM 205 C CA . GLY A 1 205 ? -10.596 22.945  0.042   1.00 322.87 ? 205 GLY A CA 1 
ATOM 206 C CA . PHE A 1 206 ? -10.207 21.607  -3.399  1.00 320.47 ? 206 PHE A CA 1 
ATOM 207 C CA . SER A 1 207 ? -8.208  21.466  -5.876  1.00 318.95 ? 207 SER A CA 1 
ATOM 208 C CA . ALA A 1 208 ? -7.935  20.512  -9.282  1.00 325.68 ? 208 ALA A CA 1 
ATOM 209 C CA . SER A 1 209 ? -5.176  19.917  -11.817 1.00 332.39 ? 209 SER A CA 1 
ATOM 210 C CA . GLY A 1 210 ? -3.943  18.967  -15.536 1.00 333.76 ? 210 GLY A CA 1 
ATOM 211 C CA . SER A 1 211 ? -1.670  16.325  -18.295 1.00 335.15 ? 211 SER A CA 1 
ATOM 212 C CA . LEU A 1 212 ? -0.164  18.270  -21.003 1.00 350.84 ? 212 LEU A CA 1 
ATOM 213 C CA . GLY A 1 213 ? -1.995  15.323  -22.341 1.00 355.23 ? 213 GLY A CA 1 
ATOM 214 C CA . GLY A 1 214 ? -4.821  17.195  -20.434 1.00 353.02 ? 214 GLY A CA 1 
ATOM 215 C CA . ARG A 1 215 ? -7.082  20.471  -20.104 1.00 348.56 ? 215 ARG A CA 1 
ATOM 216 C CA . GLN A 1 216 ? -10.719 22.370  -19.109 1.00 346.20 ? 216 GLN A CA 1 
ATOM 217 C CA . ILE A 1 217 ? -12.213 25.220  -17.171 1.00 341.24 ? 217 ILE A CA 1 
ATOM 218 C CA . HIS A 1 218 ? -12.577 24.447  -13.391 1.00 338.01 ? 218 HIS A CA 1 
ATOM 219 C CA . LEU A 1 219 ? -14.927 26.536  -11.380 1.00 332.50 ? 219 LEU A CA 1 
ATOM 220 C CA . ILE A 1 220 ? -16.428 26.749  -8.145  1.00 334.33 ? 220 ILE A CA 1 
ATOM 221 C CA . ARG A 1 221 ? -19.394 28.824  -7.133  1.00 341.50 ? 221 ARG A CA 1 
ATOM 222 C CA . SER A 1 222 ? -20.315 28.397  -3.562  1.00 336.89 ? 222 SER A CA 1 
ATOM 223 C CA . TRP A 1 223 ? -19.971 26.726  -0.564  1.00 334.47 ? 223 TRP A CA 1 
ATOM 224 C CA . SER A 1 224 ? -21.628 26.551  2.504   1.00 331.19 ? 224 SER A CA 1 
ATOM 225 C CA . PHE A 1 225 ? -20.675 24.521  5.254   1.00 334.82 ? 225 PHE A CA 1 
ATOM 226 C CA . THR A 1 226 ? -20.704 23.461  8.837   1.00 331.45 ? 226 THR A CA 1 
ATOM 227 C CA . SER A 1 227 ? -19.421 21.309  11.355  1.00 331.37 ? 227 SER A CA 1 
ATOM 228 C CA . THR A 1 228 ? -19.816 20.744  14.932  1.00 340.78 ? 228 THR A CA 1 
ATOM 229 C CA . LEU A 1 229 ? -18.277 19.226  17.904  1.00 348.47 ? 229 LEU A CA 1 
ATOM 230 C CA . ILE A 1 230 ? -19.514 17.487  20.859  1.00 353.15 ? 230 ILE A CA 1 
ATOM 231 C CA . THR A 1 231 ? -17.864 19.412  23.784  1.00 355.33 ? 231 THR A CA 1 
ATOM 232 C CA . THR A 1 232 ? -18.448 18.459  27.155  1.00 356.83 ? 232 THR A CA 1 
ATOM 233 C CA . ALA B 1 1   ? 20.405  -29.235 11.822  1.00 335.47 ? 1   ALA B CA 1 
ATOM 234 C CA . GLU B 1 2   ? 18.024  -29.306 8.946   1.00 337.69 ? 2   GLU B CA 1 
ATOM 235 C CA . THR B 1 3   ? 18.839  -29.344 5.389   1.00 334.38 ? 3   THR B CA 1 
ATOM 236 C CA . VAL B 1 4   ? 17.862  -29.360 2.092   1.00 327.56 ? 4   VAL B CA 1 
ATOM 237 C CA . SER B 1 5   ? 19.430  -29.744 -1.070  1.00 324.93 ? 5   SER B CA 1 
ATOM 238 C CA . PHE B 1 6   ? 19.447  -30.653 -4.529  1.00 327.41 ? 6   PHE B CA 1 
ATOM 239 C CA . ASN B 1 7   ? 20.485  -29.652 -7.846  1.00 334.16 ? 7   ASN B CA 1 
ATOM 240 C CA . PHE B 1 8   ? 20.014  -29.948 -11.526 1.00 337.98 ? 8   PHE B CA 1 
ATOM 241 C CA . ASN B 1 9   ? 21.632  -29.408 -14.588 1.00 343.81 ? 9   ASN B CA 1 
ATOM 242 C CA . SER B 1 10  ? 19.106  -30.338 -16.846 1.00 342.85 ? 10  SER B CA 1 
ATOM 243 C CA . PHE B 1 11  ? 15.651  -31.329 -16.447 1.00 343.22 ? 11  PHE B CA 1 
ATOM 244 C CA . SER B 1 12  ? 12.851  -33.501 -17.657 1.00 344.97 ? 12  SER B CA 1 
ATOM 245 C CA . GLU B 1 13  ? 9.449   -34.529 -18.109 1.00 351.44 ? 13  GLU B CA 1 
ATOM 246 C CA . GLY B 1 14  ? 7.674   -35.569 -15.264 1.00 352.23 ? 14  GLY B CA 1 
ATOM 247 C CA . ASN B 1 15  ? 10.048  -35.083 -12.400 1.00 348.79 ? 15  ASN B CA 1 
ATOM 248 C CA . PRO B 1 16  ? 8.280   -35.662 -8.947  1.00 347.07 ? 16  PRO B CA 1 
ATOM 249 C CA . ALA B 1 17  ? 10.731  -33.258 -7.837  1.00 343.97 ? 17  ALA B CA 1 
ATOM 250 C CA . ILE B 1 18  ? 8.933   -30.689 -9.907  1.00 340.28 ? 18  ILE B CA 1 
ATOM 251 C CA . ASN B 1 19  ? 6.082   -28.748 -10.369 1.00 342.82 ? 19  ASN B CA 1 
ATOM 252 C CA . PHE B 1 20  ? 4.674   -27.396 -13.538 1.00 348.31 ? 20  PHE B CA 1 
ATOM 253 C CA . GLN B 1 21  ? 2.322   -24.559 -13.797 1.00 348.69 ? 21  GLN B CA 1 
ATOM 254 C CA . GLY B 1 22  ? 0.841   -23.003 -16.838 1.00 349.92 ? 22  GLY B CA 1 
ATOM 255 C CA . ASP B 1 23  ? 2.839   -22.927 -20.144 1.00 351.97 ? 23  ASP B CA 1 
ATOM 256 C CA . VAL B 1 24  ? 5.782   -25.152 -19.144 1.00 347.90 ? 24  VAL B CA 1 
ATOM 257 C CA . THR B 1 25  ? 7.232   -27.012 -21.520 1.00 350.06 ? 25  THR B CA 1 
ATOM 258 C CA . VAL B 1 26  ? 10.336  -29.073 -21.239 1.00 360.27 ? 26  VAL B CA 1 
ATOM 259 C CA . LEU B 1 27  ? 12.811  -29.075 -24.485 1.00 360.98 ? 27  LEU B CA 1 
ATOM 260 C CA . SER B 1 28  ? 14.980  -31.914 -25.724 1.00 359.16 ? 28  SER B CA 1 
ATOM 261 C CA . ASN B 1 29  ? 18.062  -30.463 -24.583 1.00 353.62 ? 29  ASN B CA 1 
ATOM 262 C CA . GLY B 1 30  ? 16.847  -31.040 -20.960 1.00 355.20 ? 30  GLY B CA 1 
ATOM 263 C CA . ASN B 1 31  ? 16.144  -27.062 -20.565 1.00 357.49 ? 31  ASN B CA 1 
ATOM 264 C CA . ILE B 1 32  ? 12.948  -24.852 -19.636 1.00 354.62 ? 32  ILE B CA 1 
ATOM 265 C CA . GLN B 1 33  ? 10.383  -22.997 -21.657 1.00 351.91 ? 33  GLN B CA 1 
ATOM 266 C CA . LEU B 1 34  ? 8.594   -21.049 -19.230 1.00 352.74 ? 34  LEU B CA 1 
ATOM 267 C CA . THR B 1 35  ? 6.319   -19.642 -21.959 1.00 352.05 ? 35  THR B CA 1 
ATOM 268 C CA . ASN B 1 36  ? 4.293   -20.576 -25.156 1.00 355.06 ? 36  ASN B CA 1 
ATOM 269 C CA . LEU B 1 37  ? 4.999   -18.463 -28.114 1.00 359.51 ? 37  LEU B CA 1 
ATOM 270 C CA . ASN B 1 38  ? 1.605   -19.237 -29.684 1.00 360.17 ? 38  ASN B CA 1 
ATOM 271 C CA . LYS B 1 39  ? -0.304  -17.670 -26.521 1.00 359.24 ? 39  LYS B CA 1 
ATOM 272 C CA . VAL B 1 40  ? -1.317  -14.157 -25.366 1.00 352.38 ? 40  VAL B CA 1 
ATOM 273 C CA . ASN B 1 41  ? -0.356  -13.424 -21.925 1.00 348.13 ? 41  ASN B CA 1 
ATOM 274 C CA . SER B 1 42  ? 1.325   -16.506 -21.789 1.00 342.39 ? 42  SER B CA 1 
ATOM 275 C CA . VAL B 1 43  ? 2.827   -17.695 -18.390 1.00 342.64 ? 43  VAL B CA 1 
ATOM 276 C CA . GLY B 1 44  ? 4.826   -20.462 -16.665 1.00 334.67 ? 44  GLY B CA 1 
ATOM 277 C CA . ARG B 1 45  ? 6.632   -21.049 -13.696 1.00 326.96 ? 45  ARG B CA 1 
ATOM 278 C CA . VAL B 1 46  ? 7.485   -23.743 -11.724 1.00 314.92 ? 46  VAL B CA 1 
ATOM 279 C CA . LEU B 1 47  ? 8.444   -25.126 -8.522  1.00 314.09 ? 47  LEU B CA 1 
ATOM 280 C CA . TYR B 1 48  ? 10.327  -26.793 -6.165  1.00 319.42 ? 48  TYR B CA 1 
ATOM 281 C CA . ALA B 1 49  ? 8.007   -29.292 -5.383  1.00 324.91 ? 49  ALA B CA 1 
ATOM 282 C CA . MET B 1 50  ? 8.953   -29.513 -1.971  1.00 332.36 ? 50  MET B CA 1 
ATOM 283 C CA . PRO B 1 51  ? 7.936   -27.404 0.617   1.00 329.80 ? 51  PRO B CA 1 
ATOM 284 C CA . VAL B 1 52  ? 10.131  -25.823 2.782   1.00 329.85 ? 52  VAL B CA 1 
ATOM 285 C CA . ARG B 1 53  ? 9.905   -24.675 6.069   1.00 337.08 ? 53  ARG B CA 1 
ATOM 286 C CA . ILE B 1 54  ? 11.724  -21.691 6.431   1.00 346.73 ? 54  ILE B CA 1 
ATOM 287 C CA . TRP B 1 55  ? 10.814  -20.448 9.763   1.00 348.47 ? 55  TRP B CA 1 
ATOM 288 C CA . SER B 1 56  ? 9.712   -22.090 12.989  1.00 353.51 ? 56  SER B CA 1 
ATOM 289 C CA . SER B 1 57  ? 7.197   -20.854 15.181  1.00 360.19 ? 57  SER B CA 1 
ATOM 290 C CA . ALA B 1 58  ? 8.559   -23.164 17.564  1.00 365.35 ? 58  ALA B CA 1 
ATOM 291 C CA . THR B 1 59  ? 12.528  -21.399 18.455  1.00 365.23 ? 59  THR B CA 1 
ATOM 292 C CA . GLY B 1 60  ? 12.349  -18.222 16.684  1.00 359.99 ? 60  GLY B CA 1 
ATOM 293 C CA . ASN B 1 61  ? 15.484  -19.066 14.232  1.00 356.95 ? 61  ASN B CA 1 
ATOM 294 C CA . VAL B 1 62  ? 15.543  -18.164 10.561  1.00 348.69 ? 62  VAL B CA 1 
ATOM 295 C CA . ALA B 1 63  ? 17.471  -20.307 8.313   1.00 345.55 ? 63  ALA B CA 1 
ATOM 296 C CA . SER B 1 64  ? 19.778  -19.442 5.356   1.00 339.99 ? 64  SER B CA 1 
ATOM 297 C CA . PHE B 1 65  ? 20.437  -20.478 1.752   1.00 332.63 ? 65  PHE B CA 1 
ATOM 298 C CA . LEU B 1 66  ? 22.248  -20.071 -1.360  1.00 328.54 ? 66  LEU B CA 1 
ATOM 299 C CA . THR B 1 67  ? 21.365  -20.928 -4.618  1.00 326.52 ? 67  THR B CA 1 
ATOM 300 C CA . SER B 1 68  ? 22.286  -20.312 -8.047  1.00 327.43 ? 68  SER B CA 1 
ATOM 301 C CA . PHE B 1 69  ? 21.230  -21.070 -11.369 1.00 329.74 ? 69  PHE B CA 1 
ATOM 302 C CA . SER B 1 70  ? 21.309  -19.652 -14.673 1.00 336.22 ? 70  SER B CA 1 
ATOM 303 C CA . PHE B 1 71  ? 18.989  -18.758 -17.688 1.00 341.04 ? 71  PHE B CA 1 
ATOM 304 C CA . GLU B 1 72  ? 18.803  -17.330 -21.292 1.00 346.87 ? 72  GLU B CA 1 
ATOM 305 C CA . MET B 1 73  ? 16.589  -14.724 -22.853 1.00 355.46 ? 73  MET B CA 1 
ATOM 306 C CA . LYS B 1 74  ? 16.557  -14.777 -26.875 1.00 355.82 ? 74  LYS B CA 1 
ATOM 307 C CA . ASP B 1 75  ? 14.202  -12.444 -29.339 1.00 358.42 ? 75  ASP B CA 1 
ATOM 308 C CA . ILE B 1 76  ? 12.444  -13.459 -32.386 1.00 354.38 ? 76  ILE B CA 1 
ATOM 309 C CA . LYS B 1 77  ? 11.312  -12.010 -35.202 1.00 351.29 ? 77  LYS B CA 1 
ATOM 310 C CA . ASP B 1 78  ? 8.503   -9.265  -34.766 1.00 354.42 ? 78  ASP B CA 1 
ATOM 311 C CA . TYR B 1 79  ? 7.423   -9.071  -31.501 1.00 357.62 ? 79  TYR B CA 1 
ATOM 312 C CA . ASP B 1 80  ? 8.864   -7.578  -28.634 1.00 359.89 ? 80  ASP B CA 1 
ATOM 313 C CA . PRO B 1 81  ? 11.353  -8.801  -26.005 1.00 357.09 ? 81  PRO B CA 1 
ATOM 314 C CA . ALA B 1 82  ? 8.908   -8.696  -22.847 1.00 353.32 ? 82  ALA B CA 1 
ATOM 315 C CA . ASP B 1 83  ? 8.056   -8.939  -19.730 1.00 346.26 ? 83  ASP B CA 1 
ATOM 316 C CA . GLY B 1 84  ? 10.991  -11.074 -17.799 1.00 342.34 ? 84  GLY B CA 1 
ATOM 317 C CA . ILE B 1 85  ? 11.596  -13.567 -15.119 1.00 336.18 ? 85  ILE B CA 1 
ATOM 318 C CA . ILE B 1 86  ? 11.538  -14.171 -11.442 1.00 330.89 ? 86  ILE B CA 1 
ATOM 319 C CA . PHE B 1 87  ? 12.923  -15.932 -8.955  1.00 322.30 ? 87  PHE B CA 1 
ATOM 320 C CA . PHE B 1 88  ? 11.020  -16.200 -6.089  1.00 323.86 ? 88  PHE B CA 1 
ATOM 321 C CA . ILE B 1 89  ? 9.302   -17.678 -3.099  1.00 324.47 ? 89  ILE B CA 1 
ATOM 322 C CA . ALA B 1 90  ? 5.886   -17.828 -1.654  1.00 329.93 ? 90  ALA B CA 1 
ATOM 323 C CA . PRO B 1 91  ? 3.723   -20.136 0.522   1.00 331.58 ? 91  PRO B CA 1 
ATOM 324 C CA . GLU B 1 92  ? 2.635   -23.636 0.217   1.00 329.18 ? 92  GLU B CA 1 
ATOM 325 C CA . ASP B 1 93  ? -0.004  -23.607 -2.219  1.00 334.15 ? 93  ASP B CA 1 
ATOM 326 C CA . THR B 1 94  ? 0.438   -20.339 -4.223  1.00 325.27 ? 94  THR B CA 1 
ATOM 327 C CA . GLN B 1 95  ? -0.283  -20.354 -7.739  1.00 325.78 ? 95  GLN B CA 1 
ATOM 328 C CA . ILE B 1 96  ? -0.965  -18.317 -10.439 1.00 334.18 ? 96  ILE B CA 1 
ATOM 329 C CA . PRO B 1 97  ? -3.360  -15.617 -9.699  1.00 339.70 ? 97  PRO B CA 1 
ATOM 330 C CA . ALA B 1 98  ? -6.735  -15.965 -10.481 1.00 341.35 ? 98  ALA B CA 1 
ATOM 331 C CA . GLY B 1 99  ? -6.978  -13.733 -13.369 1.00 343.05 ? 99  GLY B CA 1 
ATOM 332 C CA . SER B 1 100 ? -3.947  -13.728 -14.974 1.00 343.60 ? 100 SER B CA 1 
ATOM 333 C CA . ILE B 1 101 ? -3.043  -11.335 -17.104 1.00 348.81 ? 101 ILE B CA 1 
ATOM 334 C CA . GLY B 1 102 ? 0.922   -11.610 -17.305 1.00 347.04 ? 102 GLY B CA 1 
ATOM 335 C CA . GLY B 1 103 ? 2.165   -8.512  -19.499 1.00 343.88 ? 103 GLY B CA 1 
ATOM 336 C CA . GLY B 1 104 ? 4.325   -6.867  -16.883 1.00 337.44 ? 104 GLY B CA 1 
ATOM 337 C CA . THR B 1 105 ? 2.898   -8.918  -13.629 1.00 335.46 ? 105 THR B CA 1 
ATOM 338 C CA . LEU B 1 106 ? 5.336   -11.505 -14.300 1.00 337.26 ? 106 LEU B CA 1 
ATOM 339 C CA . GLY B 1 107 ? 2.687   -13.811 -13.229 1.00 336.83 ? 107 GLY B CA 1 
ATOM 340 C CA . VAL B 1 108 ? 2.937   -13.698 -9.563  1.00 340.65 ? 108 VAL B CA 1 
ATOM 341 C CA . SER B 1 109 ? 0.617   -10.767 -9.133  1.00 349.43 ? 109 SER B CA 1 
ATOM 342 C CA . ASP B 1 110 ? -3.042  -9.422  -9.538  1.00 352.83 ? 110 ASP B CA 1 
ATOM 343 C CA . THR B 1 111 ? -3.934  -6.630  -12.140 1.00 355.83 ? 111 THR B CA 1 
ATOM 344 C CA . LYS B 1 112 ? -2.758  -3.943  -9.366  1.00 356.15 ? 112 LYS B CA 1 
ATOM 345 C CA . GLY B 1 113 ? 0.574   -5.718  -8.904  1.00 349.56 ? 113 GLY B CA 1 
ATOM 346 C CA . ALA B 1 114 ? 0.497   -6.969  -5.465  1.00 343.30 ? 114 ALA B CA 1 
ATOM 347 C CA . GLY B 1 115 ? 0.415   -10.521 -4.515  1.00 340.74 ? 115 GLY B CA 1 
ATOM 348 C CA . HIS B 1 116 ? 1.924   -12.411 -1.600  1.00 342.41 ? 116 HIS B CA 1 
ATOM 349 C CA . PHE B 1 117 ? 5.759   -13.344 -2.332  1.00 339.93 ? 117 PHE B CA 1 
ATOM 350 C CA . VAL B 1 118 ? 9.292   -12.571 -2.462  1.00 324.17 ? 118 VAL B CA 1 
ATOM 351 C CA . GLY B 1 119 ? 11.473  -12.744 -5.465  1.00 321.51 ? 119 GLY B CA 1 
ATOM 352 C CA . VAL B 1 120 ? 14.080  -11.475 -7.804  1.00 320.08 ? 120 VAL B CA 1 
ATOM 353 C CA . GLU B 1 121 ? 13.212  -10.030 -10.869 1.00 327.20 ? 121 GLU B CA 1 
ATOM 354 C CA . PHE B 1 122 ? 14.723  -9.391  -14.268 1.00 332.64 ? 122 PHE B CA 1 
ATOM 355 C CA . ASP B 1 123 ? 12.342  -7.208  -15.924 1.00 337.67 ? 123 ASP B CA 1 
ATOM 356 C CA . THR B 1 124 ? 12.954  -6.068  -19.607 1.00 342.56 ? 124 THR B CA 1 
ATOM 357 C CA . TYR B 1 125 ? 9.883   -3.980  -20.316 1.00 347.01 ? 125 TYR B CA 1 
ATOM 358 C CA . SER B 1 126 ? 9.100   -0.899  -18.496 1.00 348.65 ? 126 SER B CA 1 
ATOM 359 C CA . ASN B 1 127 ? 5.620   -0.688  -17.185 1.00 346.93 ? 127 ASN B CA 1 
ATOM 360 C CA . SER B 1 128 ? 5.130   3.050   -16.378 1.00 345.68 ? 128 SER B CA 1 
ATOM 361 C CA . GLU B 1 129 ? 2.335   1.583   -14.082 1.00 354.02 ? 129 GLU B CA 1 
ATOM 362 C CA . TYR B 1 130 ? 4.707   -0.553  -11.514 1.00 357.74 ? 130 TYR B CA 1 
ATOM 363 C CA . ASN B 1 131 ? 7.421   2.276   -11.113 1.00 357.09 ? 131 ASN B CA 1 
ATOM 364 C CA . ASP B 1 132 ? 9.588   0.415   -13.462 1.00 354.87 ? 132 ASP B CA 1 
ATOM 365 C CA . PRO B 1 133 ? 12.845  2.424   -13.859 1.00 355.85 ? 133 PRO B CA 1 
ATOM 366 C CA . PRO B 1 134 ? 13.234  3.720   -17.358 1.00 351.50 ? 134 PRO B CA 1 
ATOM 367 C CA . THR B 1 135 ? 16.216  0.746   -18.593 1.00 345.05 ? 135 THR B CA 1 
ATOM 368 C CA . ASP B 1 136 ? 16.161  -3.072  -19.032 1.00 343.35 ? 136 ASP B CA 1 
ATOM 369 C CA . HIS B 1 137 ? 16.378  -3.767  -14.758 1.00 346.78 ? 137 HIS B CA 1 
ATOM 370 C CA . VAL B 1 138 ? 16.526  -6.195  -11.628 1.00 347.47 ? 138 VAL B CA 1 
ATOM 371 C CA . GLY B 1 139 ? 13.869  -6.335  -8.821  1.00 343.49 ? 139 GLY B CA 1 
ATOM 372 C CA . ILE B 1 140 ? 13.605  -7.307  -5.283  1.00 337.40 ? 140 ILE B CA 1 
ATOM 373 C CA . ASP B 1 141 ? 10.055  -7.475  -4.683  1.00 335.56 ? 141 ASP B CA 1 
ATOM 374 C CA . VAL B 1 142 ? 7.858   -7.794  -1.856  1.00 340.37 ? 142 VAL B CA 1 
ATOM 375 C CA . ASN B 1 143 ? 4.176   -8.342  -2.050  1.00 342.78 ? 143 ASN B CA 1 
ATOM 376 C CA . SER B 1 144 ? 4.441   -5.924  -5.025  1.00 341.24 ? 144 SER B CA 1 
ATOM 377 C CA . VAL B 1 145 ? 6.375   -5.754  -8.479  1.00 344.89 ? 145 VAL B CA 1 
ATOM 378 C CA . ASP B 1 146 ? 6.891   -1.985  -8.335  1.00 350.34 ? 146 ASP B CA 1 
ATOM 379 C CA . SER B 1 147 ? 9.820   -3.334  -6.680  1.00 354.89 ? 147 SER B CA 1 
ATOM 380 C CA . VAL B 1 148 ? 11.428  -1.839  -3.330  1.00 356.00 ? 148 VAL B CA 1 
ATOM 381 C CA . LYS B 1 149 ? 15.033  -1.337  -4.939  1.00 352.38 ? 149 LYS B CA 1 
ATOM 382 C CA . THR B 1 150 ? 16.024  -1.385  -8.660  1.00 348.74 ? 150 THR B CA 1 
ATOM 383 C CA . VAL B 1 151 ? 19.781  -1.432  -10.062 1.00 347.75 ? 151 VAL B CA 1 
ATOM 384 C CA . PRO B 1 152 ? 19.648  -1.079  -13.874 1.00 352.61 ? 152 PRO B CA 1 
ATOM 385 C CA . TRP B 1 153 ? 21.002  -3.736  -16.427 1.00 358.59 ? 153 TRP B CA 1 
ATOM 386 C CA . ASN B 1 154 ? 20.715  -5.257  -20.029 1.00 357.96 ? 154 ASN B CA 1 
ATOM 387 C CA . SER B 1 155 ? 19.123  -8.012  -21.815 1.00 346.78 ? 155 SER B CA 1 
ATOM 388 C CA . VAL B 1 156 ? 20.911  -9.587  -23.949 1.00 340.75 ? 156 VAL B CA 1 
ATOM 389 C CA . SER B 1 157 ? 19.124  -11.762 -26.109 1.00 341.31 ? 157 SER B CA 1 
ATOM 390 C CA . GLY B 1 158 ? 20.473  -15.320 -26.782 1.00 343.51 ? 158 GLY B CA 1 
ATOM 391 C CA . ALA B 1 159 ? 23.151  -14.768 -23.983 1.00 346.44 ? 159 ALA B CA 1 
ATOM 392 C CA . VAL B 1 160 ? 23.776  -17.179 -20.740 1.00 348.21 ? 160 VAL B CA 1 
ATOM 393 C CA . VAL B 1 161 ? 23.025  -15.254 -17.278 1.00 346.22 ? 161 VAL B CA 1 
ATOM 394 C CA . LYS B 1 162 ? 24.183  -16.626 -13.873 1.00 338.78 ? 162 LYS B CA 1 
ATOM 395 C CA . VAL B 1 163 ? 23.412  -16.060 -10.577 1.00 325.87 ? 163 VAL B CA 1 
ATOM 396 C CA . THR B 1 164 ? 23.267  -16.038 -7.211  1.00 320.34 ? 164 THR B CA 1 
ATOM 397 C CA . VAL B 1 165 ? 22.053  -15.466 -4.056  1.00 314.84 ? 165 VAL B CA 1 
ATOM 398 C CA . ILE B 1 166 ? 22.519  -15.523 -0.647  1.00 319.10 ? 166 ILE B CA 1 
ATOM 399 C CA . TYR B 1 167 ? 20.585  -14.681 2.045   1.00 326.31 ? 167 TYR B CA 1 
ATOM 400 C CA . ASP B 1 168 ? 21.714  -14.324 5.442   1.00 334.41 ? 168 ASP B CA 1 
ATOM 401 C CA . SER B 1 169 ? 19.696  -15.418 8.652   1.00 338.09 ? 169 SER B CA 1 
ATOM 402 C CA . SER B 1 170 ? 20.654  -13.238 11.224  1.00 337.57 ? 170 SER B CA 1 
ATOM 403 C CA . THR B 1 171 ? 20.985  -10.030 9.456   1.00 333.97 ? 171 THR B CA 1 
ATOM 404 C CA . LYS B 1 172 ? 17.937  -10.661 7.277   1.00 334.19 ? 172 LYS B CA 1 
ATOM 405 C CA . THR B 1 173 ? 19.730  -10.435 4.169   1.00 332.20 ? 173 THR B CA 1 
ATOM 406 C CA . LEU B 1 174 ? 19.543  -10.982 0.985   1.00 329.33 ? 174 LEU B CA 1 
ATOM 407 C CA . SER B 1 175 ? 21.865  -10.893 -1.774  1.00 324.47 ? 175 SER B CA 1 
ATOM 408 C CA . VAL B 1 176 ? 22.503  -11.372 -5.107  1.00 322.28 ? 176 VAL B CA 1 
ATOM 409 C CA . ALA B 1 177 ? 24.606  -11.324 -7.935  1.00 327.99 ? 177 ALA B CA 1 
ATOM 410 C CA . VAL B 1 178 ? 24.861  -11.853 -11.509 1.00 335.04 ? 178 VAL B CA 1 
ATOM 411 C CA . THR B 1 179 ? 27.396  -12.222 -14.087 1.00 343.48 ? 179 THR B CA 1 
ATOM 412 C CA . ASN B 1 180 ? 26.742  -10.743 -17.342 1.00 352.00 ? 180 ASN B CA 1 
ATOM 413 C CA . ASP B 1 181 ? 27.644  -12.748 -20.719 1.00 357.65 ? 181 ASP B CA 1 
ATOM 414 C CA . ASN B 1 182 ? 30.377  -9.993  -20.877 1.00 367.47 ? 182 ASN B CA 1 
ATOM 415 C CA . GLY B 1 183 ? 32.221  -11.073 -17.372 1.00 368.07 ? 183 GLY B CA 1 
ATOM 416 C CA . ASP B 1 184 ? 30.932  -7.702  -15.735 1.00 367.36 ? 184 ASP B CA 1 
ATOM 417 C CA . ILE B 1 185 ? 28.706  -8.242  -12.382 1.00 362.42 ? 185 ILE B CA 1 
ATOM 418 C CA . THR B 1 186 ? 25.567  -6.564  -11.200 1.00 350.29 ? 186 THR B CA 1 
ATOM 419 C CA . THR B 1 187 ? 24.930  -6.131  -7.462  1.00 344.29 ? 187 THR B CA 1 
ATOM 420 C CA . ILE B 1 188 ? 22.203  -5.416  -5.141  1.00 344.77 ? 188 ILE B CA 1 
ATOM 421 C CA . ALA B 1 189 ? 20.828  -6.599  -1.958  1.00 340.72 ? 189 ALA B CA 1 
ATOM 422 C CA . GLN B 1 190 ? 18.161  -5.907  0.495   1.00 339.27 ? 190 GLN B CA 1 
ATOM 423 C CA . VAL B 1 191 ? 17.108  -6.635  4.106   1.00 342.52 ? 191 VAL B CA 1 
ATOM 424 C CA . VAL B 1 192 ? 13.982  -8.291  4.529   1.00 349.94 ? 192 VAL B CA 1 
ATOM 425 C CA . ASP B 1 193 ? 12.108  -10.074 7.172   1.00 348.61 ? 193 ASP B CA 1 
ATOM 426 C CA . LEU B 1 194 ? 10.421  -13.089 6.076   1.00 351.92 ? 194 LEU B CA 1 
ATOM 427 C CA . LYS B 1 195 ? 9.374   -14.487 9.345   1.00 349.77 ? 195 LYS B CA 1 
ATOM 428 C CA . ALA B 1 196 ? 7.185   -11.421 8.541   1.00 343.94 ? 196 ALA B CA 1 
ATOM 429 C CA . LYS B 1 197 ? 5.657   -11.468 5.214   1.00 332.77 ? 197 LYS B CA 1 
ATOM 430 C CA . LEU B 1 198 ? 5.518   -15.435 4.856   1.00 333.86 ? 198 LEU B CA 1 
ATOM 431 C CA . PRO B 1 199 ? 4.448   -18.698 6.386   1.00 334.66 ? 199 PRO B CA 1 
ATOM 432 C CA . GLU B 1 200 ? 7.041   -20.851 7.772   1.00 341.90 ? 200 GLU B CA 1 
ATOM 433 C CA . ARG B 1 201 ? 6.229   -23.339 4.817   1.00 342.07 ? 201 ARG B CA 1 
ATOM 434 C CA . VAL B 1 202 ? 7.221   -21.843 1.415   1.00 337.55 ? 202 VAL B CA 1 
ATOM 435 C CA . LYS B 1 203 ? 8.281   -23.309 -1.837  1.00 336.70 ? 203 LYS B CA 1 
ATOM 436 C CA . PHE B 1 204 ? 10.357  -21.969 -4.700  1.00 330.48 ? 204 PHE B CA 1 
ATOM 437 C CA . GLY B 1 205 ? 10.211  -21.242 -8.341  1.00 326.88 ? 205 GLY B CA 1 
ATOM 438 C CA . PHE B 1 206 ? 10.034  -19.001 -11.106 1.00 326.84 ? 206 PHE B CA 1 
ATOM 439 C CA . SER B 1 207 ? 8.065   -17.776 -13.380 1.00 327.70 ? 207 SER B CA 1 
ATOM 440 C CA . ALA B 1 208 ? 7.944   -15.600 -16.242 1.00 335.01 ? 208 ALA B CA 1 
ATOM 441 C CA . SER B 1 209 ? 5.032   -14.183 -18.302 1.00 342.66 ? 209 SER B CA 1 
ATOM 442 C CA . GLY B 1 210 ? 3.743   -11.984 -21.556 1.00 343.18 ? 210 GLY B CA 1 
ATOM 443 C CA . SER B 1 211 ? 1.596   -8.464  -22.953 1.00 344.13 ? 211 SER B CA 1 
ATOM 444 C CA . LEU B 1 212 ? -0.402  -9.305  -25.989 1.00 357.90 ? 212 LEU B CA 1 
ATOM 445 C CA . GLY B 1 213 ? 1.805   -6.387  -26.684 1.00 361.21 ? 213 GLY B CA 1 
ATOM 446 C CA . GLY B 1 214 ? 4.738   -8.513  -25.203 1.00 356.64 ? 214 GLY B CA 1 
ATOM 447 C CA . ARG B 1 215 ? 6.828   -11.643 -26.313 1.00 350.56 ? 215 ARG B CA 1 
ATOM 448 C CA . GLN B 1 216 ? 10.393  -13.742 -25.691 1.00 348.00 ? 216 GLN B CA 1 
ATOM 449 C CA . ILE B 1 217 ? 11.876  -17.128 -25.246 1.00 344.88 ? 217 ILE B CA 1 
ATOM 450 C CA . HIS B 1 218 ? 12.227  -17.650 -21.301 1.00 342.79 ? 218 HIS B CA 1 
ATOM 451 C CA . LEU B 1 219 ? 14.683  -20.285 -20.149 1.00 339.21 ? 219 LEU B CA 1 
ATOM 452 C CA . ILE B 1 220 ? 16.040  -21.794 -17.203 1.00 334.05 ? 220 ILE B CA 1 
ATOM 453 C CA . ARG B 1 221 ? 19.132  -23.907 -17.412 1.00 339.55 ? 221 ARG B CA 1 
ATOM 454 C CA . SER B 1 222 ? 20.017  -24.898 -13.802 1.00 336.48 ? 222 SER B CA 1 
ATOM 455 C CA . TRP B 1 223 ? 19.736  -24.484 -10.313 1.00 331.94 ? 223 TRP B CA 1 
ATOM 456 C CA . SER B 1 224 ? 21.222  -25.652 -7.447  1.00 326.65 ? 224 SER B CA 1 
ATOM 457 C CA . PHE B 1 225 ? 20.395  -24.940 -4.141  1.00 331.16 ? 225 PHE B CA 1 
ATOM 458 C CA . THR B 1 226 ? 20.232  -25.102 -0.377  1.00 328.05 ? 226 THR B CA 1 
ATOM 459 C CA . SER B 1 227 ? 19.349  -23.988 2.930   1.00 324.16 ? 227 SER B CA 1 
ATOM 460 C CA . THR B 1 228 ? 19.273  -25.052 6.195   1.00 332.61 ? 228 THR B CA 1 
ATOM 461 C CA . LEU B 1 229 ? 17.927  -24.663 9.621   1.00 340.36 ? 229 LEU B CA 1 
ATOM 462 C CA . ILE B 1 230 ? 18.989  -24.320 13.057  1.00 346.32 ? 230 ILE B CA 1 
ATOM 463 C CA . THR B 1 231 ? 17.871  -26.953 15.173  1.00 350.71 ? 231 THR B CA 1 
ATOM 464 C CA . THR B 1 232 ? 16.661  -26.893 18.625  1.00 350.40 ? 232 THR B CA 1 
ATOM 465 C CA . ALA C 1 1   ? 33.361  -0.251  -17.642 1.00 345.80 ? 1   ALA C CA 1 
ATOM 466 C CA . GLU C 1 2   ? 36.474  -1.814  -15.689 1.00 350.26 ? 2   GLU C CA 1 
ATOM 467 C CA . THR C 1 3   ? 36.351  -5.505  -15.049 1.00 355.27 ? 3   THR C CA 1 
ATOM 468 C CA . VAL C 1 4   ? 39.041  -7.645  -13.402 1.00 356.40 ? 4   VAL C CA 1 
ATOM 469 C CA . SER C 1 5   ? 38.781  -11.682 -13.347 1.00 354.27 ? 5   SER C CA 1 
ATOM 470 C CA . PHE C 1 6   ? 40.414  -14.760 -13.681 1.00 348.28 ? 6   PHE C CA 1 
ATOM 471 C CA . ASN C 1 7   ? 40.911  -17.678 -12.527 1.00 354.00 ? 7   ASN C CA 1 
ATOM 472 C CA . PHE C 1 8   ? 42.329  -20.997 -11.064 1.00 365.26 ? 8   PHE C CA 1 
ATOM 473 C CA . ASN C 1 9   ? 41.643  -24.723 -10.710 1.00 369.96 ? 9   ASN C CA 1 
ATOM 474 C CA . SER C 1 10  ? 45.549  -25.514 -9.929  1.00 372.18 ? 10  SER C CA 1 
ATOM 475 C CA . PHE C 1 11  ? 48.787  -23.461 -8.784  1.00 373.22 ? 11  PHE C CA 1 
ATOM 476 C CA . SER C 1 12  ? 52.879  -23.632 -9.997  1.00 373.09 ? 12  SER C CA 1 
ATOM 477 C CA . GLU C 1 13  ? 55.112  -21.773 -7.663  1.00 374.38 ? 13  GLU C CA 1 
ATOM 478 C CA . GLY C 1 14  ? 55.820  -20.937 -11.333 1.00 369.73 ? 14  GLY C CA 1 
ATOM 479 C CA . ASN C 1 15  ? 53.484  -17.990 -11.885 1.00 365.86 ? 15  ASN C CA 1 
ATOM 480 C CA . PRO C 1 16  ? 53.502  -14.099 -12.277 1.00 361.71 ? 16  PRO C CA 1 
ATOM 481 C CA . ALA C 1 17  ? 50.161  -13.391 -11.585 1.00 351.23 ? 17  ALA C CA 1 
ATOM 482 C CA . ILE C 1 18  ? 50.821  -14.711 -7.819  1.00 348.11 ? 18  ILE C CA 1 
ATOM 483 C CA . ASN C 1 19  ? 52.559  -13.295 -4.605  1.00 352.79 ? 19  ASN C CA 1 
ATOM 484 C CA . PHE C 1 20  ? 54.613  -15.887 -2.071  1.00 352.62 ? 20  PHE C CA 1 
ATOM 485 C CA . GLN C 1 21  ? 55.398  -14.112 1.364   1.00 351.50 ? 21  GLN C CA 1 
ATOM 486 C CA . GLY C 1 22  ? 56.891  -16.497 4.211   1.00 355.17 ? 22  GLY C CA 1 
ATOM 487 C CA . ASP C 1 23  ? 56.380  -20.426 4.624   1.00 357.43 ? 23  ASP C CA 1 
ATOM 488 C CA . VAL C 1 24  ? 54.237  -20.796 1.381   1.00 357.88 ? 24  VAL C CA 1 
ATOM 489 C CA . THR C 1 25  ? 55.281  -23.994 -0.196  1.00 359.70 ? 25  THR C CA 1 
ATOM 490 C CA . VAL C 1 26  ? 53.448  -25.137 -3.360  1.00 365.50 ? 26  VAL C CA 1 
ATOM 491 C CA . LEU C 1 27  ? 52.632  -29.034 -3.372  1.00 365.90 ? 27  LEU C CA 1 
ATOM 492 C CA . SER C 1 28  ? 52.801  -31.577 -6.413  1.00 366.48 ? 28  SER C CA 1 
ATOM 493 C CA . ASN C 1 29  ? 48.786  -31.513 -6.785  1.00 363.72 ? 29  ASN C CA 1 
ATOM 494 C CA . GLY C 1 30  ? 48.631  -27.843 -7.636  1.00 361.81 ? 30  GLY C CA 1 
ATOM 495 C CA . ASN C 1 31  ? 47.287  -27.134 -4.097  1.00 361.23 ? 31  ASN C CA 1 
ATOM 496 C CA . ILE C 1 32  ? 48.613  -24.167 -1.602  1.00 361.43 ? 32  ILE C CA 1 
ATOM 497 C CA . GLN C 1 33  ? 50.127  -25.122 2.080   1.00 358.66 ? 33  GLN C CA 1 
ATOM 498 C CA . LEU C 1 34  ? 50.107  -21.536 3.794   1.00 354.57 ? 34  LEU C CA 1 
ATOM 499 C CA . THR C 1 35  ? 52.269  -23.033 6.446   1.00 355.47 ? 35  THR C CA 1 
ATOM 500 C CA . ASN C 1 36  ? 55.158  -25.069 7.303   1.00 360.19 ? 36  ASN C CA 1 
ATOM 501 C CA . LEU C 1 37  ? 55.182  -28.171 9.680   1.00 361.86 ? 37  LEU C CA 1 
ATOM 502 C CA . ASN C 1 38  ? 57.757  -28.660 12.264  1.00 359.07 ? 38  ASN C CA 1 
ATOM 503 C CA . LYS C 1 39  ? 58.088  -24.634 11.833  1.00 355.88 ? 39  LYS C CA 1 
ATOM 504 C CA . VAL C 1 40  ? 57.253  -22.685 14.438  1.00 353.32 ? 40  VAL C CA 1 
ATOM 505 C CA . ASN C 1 41  ? 55.336  -19.712 14.487  1.00 355.48 ? 41  ASN C CA 1 
ATOM 506 C CA . SER C 1 42  ? 55.073  -20.432 10.844  1.00 352.41 ? 42  SER C CA 1 
ATOM 507 C CA . VAL C 1 43  ? 53.417  -17.505 8.851   1.00 351.70 ? 43  VAL C CA 1 
ATOM 508 C CA . GLY C 1 44  ? 51.980  -18.091 5.174   1.00 351.56 ? 44  GLY C CA 1 
ATOM 509 C CA . ARG C 1 45  ? 49.818  -16.023 2.789   1.00 351.23 ? 45  ARG C CA 1 
ATOM 510 C CA . VAL C 1 46  ? 49.247  -15.202 -0.658  1.00 348.45 ? 46  VAL C CA 1 
ATOM 511 C CA . LEU C 1 47  ? 47.705  -12.474 -2.883  1.00 346.97 ? 47  LEU C CA 1 
ATOM 512 C CA . TYR C 1 48  ? 47.149  -11.616 -6.182  1.00 347.77 ? 48  TYR C CA 1 
ATOM 513 C CA . ALA C 1 49  ? 49.916  -10.227 -7.924  1.00 351.89 ? 49  ALA C CA 1 
ATOM 514 C CA . MET C 1 50  ? 47.896  -7.300  -9.735  1.00 352.05 ? 50  MET C CA 1 
ATOM 515 C CA . PRO C 1 51  ? 46.263  -4.711  -7.915  1.00 349.21 ? 51  PRO C CA 1 
ATOM 516 C CA . VAL C 1 52  ? 42.965  -4.028  -8.085  1.00 346.83 ? 52  VAL C CA 1 
ATOM 517 C CA . ARG C 1 53  ? 41.809  -0.523  -8.279  1.00 354.35 ? 53  ARG C CA 1 
ATOM 518 C CA . ILE C 1 54  ? 39.101  -0.601  -5.426  1.00 356.28 ? 54  ILE C CA 1 
ATOM 519 C CA . TRP C 1 55  ? 37.880  2.982   -5.305  1.00 356.90 ? 55  TRP C CA 1 
ATOM 520 C CA . SER C 1 56  ? 38.263  6.259   -7.038  1.00 364.74 ? 56  SER C CA 1 
ATOM 521 C CA . SER C 1 57  ? 38.989  9.606   -5.040  1.00 371.41 ? 57  SER C CA 1 
ATOM 522 C CA . ALA C 1 58  ? 37.878  10.776  -8.811  1.00 374.94 ? 58  ALA C CA 1 
ATOM 523 C CA . THR C 1 59  ? 33.894  9.804   -8.734  1.00 375.08 ? 59  THR C CA 1 
ATOM 524 C CA . GLY C 1 60  ? 32.911  8.726   -4.983  1.00 371.91 ? 60  GLY C CA 1 
ATOM 525 C CA . ASN C 1 61  ? 31.715  5.216   -6.548  1.00 367.00 ? 61  ASN C CA 1 
ATOM 526 C CA . VAL C 1 62  ? 32.210  1.712   -4.929  1.00 358.52 ? 62  VAL C CA 1 
ATOM 527 C CA . ALA C 1 63  ? 32.416  -1.863  -6.638  1.00 351.79 ? 63  ALA C CA 1 
ATOM 528 C CA . SER C 1 64  ? 31.044  -5.070  -6.078  1.00 336.20 ? 64  SER C CA 1 
ATOM 529 C CA . PHE C 1 65  ? 32.442  -8.283  -6.491  1.00 330.50 ? 65  PHE C CA 1 
ATOM 530 C CA . LEU C 1 66  ? 32.107  -11.685 -5.792  1.00 333.66 ? 66  LEU C CA 1 
ATOM 531 C CA . THR C 1 67  ? 34.369  -14.587 -5.313  1.00 331.47 ? 67  THR C CA 1 
ATOM 532 C CA . SER C 1 68  ? 34.693  -18.080 -4.070  1.00 331.18 ? 68  SER C CA 1 
ATOM 533 C CA . PHE C 1 69  ? 37.210  -20.563 -3.422  1.00 340.20 ? 69  PHE C CA 1 
ATOM 534 C CA . SER C 1 70  ? 37.777  -24.039 -2.141  1.00 347.93 ? 70  SER C CA 1 
ATOM 535 C CA . PHE C 1 71  ? 39.893  -25.129 1.020   1.00 351.88 ? 71  PHE C CA 1 
ATOM 536 C CA . GLU C 1 72  ? 40.817  -28.142 3.240   1.00 355.54 ? 72  GLU C CA 1 
ATOM 537 C CA . MET C 1 73  ? 41.891  -28.088 6.939   1.00 358.90 ? 73  MET C CA 1 
ATOM 538 C CA . LYS C 1 74  ? 43.760  -31.343 8.177   1.00 360.53 ? 74  LYS C CA 1 
ATOM 539 C CA . ASP C 1 75  ? 44.741  -32.693 11.573  1.00 363.63 ? 75  ASP C CA 1 
ATOM 540 C CA . ILE C 1 76  ? 48.264  -33.853 12.135  1.00 371.01 ? 76  ILE C CA 1 
ATOM 541 C CA . LYS C 1 77  ? 48.871  -36.333 15.127  1.00 370.67 ? 77  LYS C CA 1 
ATOM 542 C CA . ASP C 1 78  ? 49.998  -34.171 18.981  1.00 371.49 ? 78  ASP C CA 1 
ATOM 543 C CA . TYR C 1 79  ? 49.985  -30.581 18.110  1.00 367.22 ? 79  TYR C CA 1 
ATOM 544 C CA . ASP C 1 80  ? 46.539  -28.815 18.436  1.00 371.45 ? 80  ASP C CA 1 
ATOM 545 C CA . PRO C 1 81  ? 44.685  -28.124 15.011  1.00 371.80 ? 81  PRO C CA 1 
ATOM 546 C CA . ALA C 1 82  ? 45.247  -24.240 14.673  1.00 371.10 ? 82  ALA C CA 1 
ATOM 547 C CA . ASP C 1 83  ? 45.282  -21.163 14.001  1.00 363.43 ? 83  ASP C CA 1 
ATOM 548 C CA . GLY C 1 84  ? 43.405  -20.777 10.530  1.00 357.11 ? 84  GLY C CA 1 
ATOM 549 C CA . ILE C 1 85  ? 42.908  -18.957 7.271   1.00 346.87 ? 85  ILE C CA 1 
ATOM 550 C CA . ILE C 1 86  ? 41.811  -15.624 6.437   1.00 339.20 ? 86  ILE C CA 1 
ATOM 551 C CA . PHE C 1 87  ? 40.931  -14.172 3.432   1.00 329.44 ? 87  PHE C CA 1 
ATOM 552 C CA . PHE C 1 88  ? 41.661  -10.935 3.485   1.00 334.09 ? 88  PHE C CA 1 
ATOM 553 C CA . ILE C 1 89  ? 42.172  -7.636  1.679   1.00 345.61 ? 89  ILE C CA 1 
ATOM 554 C CA . ALA C 1 90  ? 45.169  -5.066  2.401   1.00 351.81 ? 90  ALA C CA 1 
ATOM 555 C CA . PRO C 1 91  ? 47.156  -1.691  1.009   1.00 356.40 ? 91  PRO C CA 1 
ATOM 556 C CA . GLU C 1 92  ? 49.526  -2.776  -2.451  1.00 358.12 ? 92  GLU C CA 1 
ATOM 557 C CA . ASP C 1 93  ? 52.090  -2.670  0.191   1.00 366.27 ? 93  ASP C CA 1 
ATOM 558 C CA . THR C 1 94  ? 51.015  -5.370  2.973   1.00 366.99 ? 94  THR C CA 1 
ATOM 559 C CA . GLN C 1 95  ? 53.584  -7.600  4.438   1.00 368.73 ? 95  GLN C CA 1 
ATOM 560 C CA . ILE C 1 96  ? 53.530  -10.120 7.247   1.00 370.38 ? 96  ILE C CA 1 
ATOM 561 C CA . PRO C 1 97  ? 54.054  -7.417  10.036  1.00 372.52 ? 97  PRO C CA 1 
ATOM 562 C CA . ALA C 1 98  ? 57.113  -6.607  12.140  1.00 371.46 ? 98  ALA C CA 1 
ATOM 563 C CA . GLY C 1 99  ? 58.076  -9.504  14.771  1.00 370.44 ? 99  GLY C CA 1 
ATOM 564 C CA . SER C 1 100 ? 55.443  -12.070 13.731  1.00 367.77 ? 100 SER C CA 1 
ATOM 565 C CA . ILE C 1 101 ? 53.898  -13.944 16.848  1.00 370.27 ? 101 ILE C CA 1 
ATOM 566 C CA . GLY C 1 102 ? 51.870  -16.410 14.334  1.00 370.31 ? 102 GLY C CA 1 
ATOM 567 C CA . GLY C 1 103 ? 49.872  -18.052 17.477  1.00 367.79 ? 103 GLY C CA 1 
ATOM 568 C CA . GLY C 1 104 ? 46.613  -16.213 16.574  1.00 359.88 ? 104 GLY C CA 1 
ATOM 569 C CA . THR C 1 105 ? 47.388  -12.981 14.519  1.00 349.58 ? 105 THR C CA 1 
ATOM 570 C CA . LEU C 1 106 ? 46.787  -15.370 11.632  1.00 343.73 ? 106 LEU C CA 1 
ATOM 571 C CA . GLY C 1 107 ? 49.571  -13.288 10.438  1.00 342.84 ? 107 GLY C CA 1 
ATOM 572 C CA . VAL C 1 108 ? 47.535  -10.213 9.524   1.00 345.53 ? 108 VAL C CA 1 
ATOM 573 C CA . SER C 1 109 ? 48.069  -8.129  12.617  1.00 354.60 ? 109 SER C CA 1 
ATOM 574 C CA . ASP C 1 110 ? 50.580  -7.200  15.475  1.00 359.70 ? 110 ASP C CA 1 
ATOM 575 C CA . THR C 1 111 ? 51.372  -9.002  19.269  1.00 363.70 ? 111 THR C CA 1 
ATOM 576 C CA . LYS C 1 112 ? 47.932  -6.592  20.531  1.00 364.02 ? 112 LYS C CA 1 
ATOM 577 C CA . GLY C 1 113 ? 45.892  -7.407  17.142  1.00 362.53 ? 113 GLY C CA 1 
ATOM 578 C CA . ALA C 1 114 ? 46.080  -4.222  14.928  1.00 361.25 ? 114 ALA C CA 1 
ATOM 579 C CA . GLY C 1 115 ? 46.867  -4.364  11.234  1.00 357.53 ? 115 GLY C CA 1 
ATOM 580 C CA . HIS C 1 116 ? 45.607  -2.456  8.296   1.00 354.34 ? 116 HIS C CA 1 
ATOM 581 C CA . PHE C 1 117 ? 43.440  -5.315  6.581   1.00 352.48 ? 117 PHE C CA 1 
ATOM 582 C CA . VAL C 1 118 ? 39.656  -6.694  5.708   1.00 343.83 ? 118 VAL C CA 1 
ATOM 583 C CA . GLY C 1 119 ? 38.669  -10.238 5.174   1.00 334.25 ? 119 GLY C CA 1 
ATOM 584 C CA . VAL C 1 120 ? 37.708  -13.298 6.599   1.00 330.30 ? 120 VAL C CA 1 
ATOM 585 C CA . GLU C 1 121 ? 38.736  -15.621 8.945   1.00 333.12 ? 121 GLU C CA 1 
ATOM 586 C CA . PHE C 1 122 ? 37.866  -19.024 9.404   1.00 336.70 ? 122 PHE C CA 1 
ATOM 587 C CA . ASP C 1 123 ? 39.268  -19.346 12.966  1.00 345.58 ? 123 ASP C CA 1 
ATOM 588 C CA . THR C 1 124 ? 39.926  -22.811 14.719  1.00 350.45 ? 124 THR C CA 1 
ATOM 589 C CA . TYR C 1 125 ? 41.441  -22.074 18.018  1.00 356.91 ? 125 TYR C CA 1 
ATOM 590 C CA . SER C 1 126 ? 39.895  -19.955 20.878  1.00 359.03 ? 126 SER C CA 1 
ATOM 591 C CA . ASN C 1 127 ? 42.179  -16.927 22.182  1.00 359.63 ? 127 ASN C CA 1 
ATOM 592 C CA . SER C 1 128 ? 40.443  -15.217 25.586  1.00 357.77 ? 128 SER C CA 1 
ATOM 593 C CA . GLU C 1 129 ? 42.851  -12.782 24.539  1.00 361.53 ? 129 GLU C CA 1 
ATOM 594 C CA . TYR C 1 130 ? 41.160  -11.784 21.067  1.00 361.36 ? 130 TYR C CA 1 
ATOM 595 C CA . ASN C 1 131 ? 37.338  -11.631 22.345  1.00 361.02 ? 131 ASN C CA 1 
ATOM 596 C CA . ASP C 1 132 ? 37.000  -15.089 20.391  1.00 358.94 ? 132 ASP C CA 1 
ATOM 597 C CA . PRO C 1 133 ? 33.889  -17.232 20.286  1.00 352.88 ? 133 PRO C CA 1 
ATOM 598 C CA . PRO C 1 134 ? 34.590  -20.339 22.277  1.00 350.65 ? 134 PRO C CA 1 
ATOM 599 C CA . THR C 1 135 ? 34.101  -23.024 19.486  1.00 351.51 ? 135 THR C CA 1 
ATOM 600 C CA . ASP C 1 136 ? 35.359  -23.141 15.959  1.00 352.16 ? 136 ASP C CA 1 
ATOM 601 C CA . HIS C 1 137 ? 33.965  -19.774 14.407  1.00 354.35 ? 137 HIS C CA 1 
ATOM 602 C CA . VAL C 1 138 ? 34.340  -17.595 11.439  1.00 355.39 ? 138 VAL C CA 1 
ATOM 603 C CA . GLY C 1 139 ? 34.844  -14.046 11.229  1.00 354.67 ? 139 GLY C CA 1 
ATOM 604 C CA . ILE C 1 140 ? 34.657  -10.791 9.487   1.00 352.98 ? 140 ILE C CA 1 
ATOM 605 C CA . ASP C 1 141 ? 37.755  -8.843  10.598  1.00 351.21 ? 141 ASP C CA 1 
ATOM 606 C CA . VAL C 1 142 ? 38.194  -4.915  10.565  1.00 350.57 ? 142 VAL C CA 1 
ATOM 607 C CA . ASN C 1 143 ? 41.627  -3.196  11.052  1.00 344.83 ? 143 ASN C CA 1 
ATOM 608 C CA . SER C 1 144 ? 41.708  -5.978  13.860  1.00 348.94 ? 144 SER C CA 1 
ATOM 609 C CA . VAL C 1 145 ? 41.082  -10.051 14.594  1.00 351.71 ? 145 VAL C CA 1 
ATOM 610 C CA . ASP C 1 146 ? 38.635  -9.185  17.572  1.00 352.72 ? 146 ASP C CA 1 
ATOM 611 C CA . SER C 1 147 ? 36.246  -9.650  15.066  1.00 354.82 ? 147 SER C CA 1 
ATOM 612 C CA . VAL C 1 148 ? 33.348  -6.729  14.778  1.00 356.65 ? 148 VAL C CA 1 
ATOM 613 C CA . LYS C 1 149 ? 30.971  -10.160 14.435  1.00 357.52 ? 149 LYS C CA 1 
ATOM 614 C CA . THR C 1 150 ? 31.306  -14.160 14.762  1.00 355.18 ? 150 THR C CA 1 
ATOM 615 C CA . VAL C 1 151 ? 28.876  -17.007 13.842  1.00 351.55 ? 151 VAL C CA 1 
ATOM 616 C CA . PRO C 1 152 ? 29.850  -20.591 14.763  1.00 353.25 ? 152 PRO C CA 1 
ATOM 617 C CA . TRP C 1 153 ? 30.776  -23.500 12.912  1.00 358.22 ? 153 TRP C CA 1 
ATOM 618 C CA . ASN C 1 154 ? 32.843  -26.433 13.141  1.00 362.91 ? 154 ASN C CA 1 
ATOM 619 C CA . SER C 1 155 ? 36.279  -27.593 11.506  1.00 361.98 ? 155 SER C CA 1 
ATOM 620 C CA . VAL C 1 156 ? 36.461  -30.950 9.876   1.00 360.11 ? 156 VAL C CA 1 
ATOM 621 C CA . SER C 1 157 ? 39.643  -32.765 9.464   1.00 357.48 ? 157 SER C CA 1 
ATOM 622 C CA . GLY C 1 158 ? 40.082  -34.045 5.745   1.00 354.84 ? 158 GLY C CA 1 
ATOM 623 C CA . ALA C 1 159 ? 37.533  -32.029 4.052   1.00 350.40 ? 159 ALA C CA 1 
ATOM 624 C CA . VAL C 1 160 ? 37.196  -29.516 1.213   1.00 347.42 ? 160 VAL C CA 1 
ATOM 625 C CA . VAL C 1 161 ? 35.224  -26.603 2.396   1.00 343.68 ? 161 VAL C CA 1 
ATOM 626 C CA . LYS C 1 162 ? 33.781  -23.897 0.048   1.00 336.69 ? 162 LYS C CA 1 
ATOM 627 C CA . VAL C 1 163 ? 32.791  -20.404 0.124   1.00 326.40 ? 163 VAL C CA 1 
ATOM 628 C CA . THR C 1 164 ? 31.696  -17.499 -1.058  1.00 324.69 ? 164 THR C CA 1 
ATOM 629 C CA . VAL C 1 165 ? 31.412  -13.987 -1.046  1.00 321.77 ? 165 VAL C CA 1 
ATOM 630 C CA . ILE C 1 166 ? 29.874  -11.086 -2.203  1.00 327.82 ? 166 ILE C CA 1 
ATOM 631 C CA . TYR C 1 167 ? 30.028  -7.616  -1.697  1.00 333.22 ? 167 TYR C CA 1 
ATOM 632 C CA . ASP C 1 168 ? 27.536  -5.083  -2.685  1.00 341.04 ? 168 ASP C CA 1 
ATOM 633 C CA . SER C 1 169 ? 28.458  -1.268  -3.797  1.00 341.79 ? 169 SER C CA 1 
ATOM 634 C CA . SER C 1 170 ? 25.308  0.908   -3.304  1.00 341.03 ? 170 SER C CA 1 
ATOM 635 C CA . THR C 1 171 ? 24.662  -0.629  0.311   1.00 340.31 ? 171 THR C CA 1 
ATOM 636 C CA . LYS C 1 172 ? 28.129  -1.624  1.437   1.00 334.19 ? 172 LYS C CA 1 
ATOM 637 C CA . THR C 1 173 ? 27.857  -5.243  1.928   1.00 325.16 ? 173 THR C CA 1 
ATOM 638 C CA . LEU C 1 174 ? 29.338  -8.174  2.382   1.00 324.20 ? 174 LEU C CA 1 
ATOM 639 C CA . SER C 1 175 ? 27.997  -11.393 2.567   1.00 320.65 ? 175 SER C CA 1 
ATOM 640 C CA . VAL C 1 176 ? 29.262  -14.715 2.537   1.00 323.90 ? 176 VAL C CA 1 
ATOM 641 C CA . ALA C 1 177 ? 28.962  -18.313 2.793   1.00 328.09 ? 177 ALA C CA 1 
ATOM 642 C CA . VAL C 1 178 ? 30.074  -21.555 2.892   1.00 335.34 ? 178 VAL C CA 1 
ATOM 643 C CA . THR C 1 179 ? 29.542  -24.909 2.348   1.00 348.81 ? 179 THR C CA 1 
ATOM 644 C CA . ASN C 1 180 ? 30.166  -27.622 4.907   1.00 359.37 ? 180 ASN C CA 1 
ATOM 645 C CA . ASP C 1 181 ? 31.263  -31.359 4.115   1.00 364.30 ? 181 ASP C CA 1 
ATOM 646 C CA . ASN C 1 182 ? 27.859  -32.224 6.080   1.00 366.40 ? 182 ASN C CA 1 
ATOM 647 C CA . GLY C 1 183 ? 25.883  -30.668 3.094   1.00 365.22 ? 183 GLY C CA 1 
ATOM 648 C CA . ASP C 1 184 ? 25.501  -27.901 6.208   1.00 362.76 ? 184 ASP C CA 1 
ATOM 649 C CA . ILE C 1 185 ? 25.745  -23.818 5.526   1.00 356.12 ? 185 ILE C CA 1 
ATOM 650 C CA . THR C 1 186 ? 26.783  -21.226 7.705   1.00 339.36 ? 186 THR C CA 1 
ATOM 651 C CA . THR C 1 187 ? 26.389  -17.669 6.705   1.00 335.78 ? 187 THR C CA 1 
ATOM 652 C CA . ILE C 1 188 ? 27.092  -14.271 7.711   1.00 341.04 ? 188 ILE C CA 1 
ATOM 653 C CA . ALA C 1 189 ? 27.574  -10.828 6.370   1.00 347.02 ? 189 ALA C CA 1 
ATOM 654 C CA . GLN C 1 190 ? 28.477  -7.043  7.557   1.00 348.54 ? 190 GLN C CA 1 
ATOM 655 C CA . VAL C 1 191 ? 27.885  -3.361  6.344   1.00 351.21 ? 191 VAL C CA 1 
ATOM 656 C CA . VAL C 1 192 ? 31.421  -2.336  5.894   1.00 356.46 ? 192 VAL C CA 1 
ATOM 657 C CA . ASP C 1 193 ? 32.341  1.268   4.096   1.00 360.27 ? 193 ASP C CA 1 
ATOM 658 C CA . LEU C 1 194 ? 35.626  0.395   2.028   1.00 362.76 ? 194 LEU C CA 1 
ATOM 659 C CA . LYS C 1 195 ? 36.096  4.034   1.016   1.00 359.05 ? 195 LYS C CA 1 
ATOM 660 C CA . ALA C 1 196 ? 36.465  4.523   4.835   1.00 351.66 ? 196 ALA C CA 1 
ATOM 661 C CA . LYS C 1 197 ? 39.593  1.751   5.996   1.00 348.56 ? 197 LYS C CA 1 
ATOM 662 C CA . LEU C 1 198 ? 41.764  0.983   2.921   1.00 343.73 ? 198 LEU C CA 1 
ATOM 663 C CA . PRO C 1 199 ? 43.212  2.959   0.010   1.00 346.30 ? 199 PRO C CA 1 
ATOM 664 C CA . GLU C 1 200 ? 41.860  2.932   -3.528  1.00 352.30 ? 200 GLU C CA 1 
ATOM 665 C CA . ARG C 1 201 ? 44.499  0.467   -4.569  1.00 349.12 ? 201 ARG C CA 1 
ATOM 666 C CA . VAL C 1 202 ? 44.264  -3.203  -2.803  1.00 343.02 ? 202 VAL C CA 1 
ATOM 667 C CA . LYS C 1 203 ? 45.490  -6.839  -3.479  1.00 338.40 ? 203 LYS C CA 1 
ATOM 668 C CA . PHE C 1 204 ? 43.885  -10.027 -2.246  1.00 339.12 ? 204 PHE C CA 1 
ATOM 669 C CA . GLY C 1 205 ? 44.850  -12.844 -0.181  1.00 334.88 ? 205 GLY C CA 1 
ATOM 670 C CA . PHE C 1 206 ? 45.004  -15.383 2.447   1.00 338.51 ? 206 PHE C CA 1 
ATOM 671 C CA . SER C 1 207 ? 47.148  -16.142 5.064   1.00 342.79 ? 207 SER C CA 1 
ATOM 672 C CA . ALA C 1 208 ? 47.027  -18.939 7.454   1.00 346.39 ? 208 ALA C CA 1 
ATOM 673 C CA . SER C 1 209 ? 49.281  -19.182 10.543  1.00 352.07 ? 209 SER C CA 1 
ATOM 674 C CA . GLY C 1 210 ? 50.475  -21.190 13.987  1.00 353.65 ? 210 GLY C CA 1 
ATOM 675 C CA . SER C 1 211 ? 51.432  -21.168 18.175  1.00 354.95 ? 211 SER C CA 1 
ATOM 676 C CA . LEU C 1 212 ? 54.047  -23.758 19.608  1.00 364.98 ? 212 LEU C CA 1 
ATOM 677 C CA . GLY C 1 213 ? 51.559  -25.120 21.711  1.00 368.33 ? 213 GLY C CA 1 
ATOM 678 C CA . GLY C 1 214 ? 49.946  -25.196 17.972  1.00 364.93 ? 214 GLY C CA 1 
ATOM 679 C CA . ARG C 1 215 ? 49.821  -26.667 14.038  1.00 357.66 ? 215 ARG C CA 1 
ATOM 680 C CA . GLN C 1 216 ? 47.594  -28.197 11.123  1.00 348.50 ? 216 GLN C CA 1 
ATOM 681 C CA . ILE C 1 217 ? 47.490  -28.349 7.306   1.00 346.01 ? 217 ILE C CA 1 
ATOM 682 C CA . HIS C 1 218 ? 46.161  -25.136 5.714   1.00 344.69 ? 218 HIS C CA 1 
ATOM 683 C CA . LEU C 1 219 ? 45.631  -25.868 1.897   1.00 343.15 ? 219 LEU C CA 1 
ATOM 684 C CA . ILE C 1 220 ? 43.692  -23.703 -0.631  1.00 342.39 ? 220 ILE C CA 1 
ATOM 685 C CA . ARG C 1 221 ? 42.240  -25.550 -3.741  1.00 340.78 ? 221 ARG C CA 1 
ATOM 686 C CA . SER C 1 222 ? 40.583  -23.111 -6.122  1.00 337.97 ? 222 SER C CA 1 
ATOM 687 C CA . TRP C 1 223 ? 39.360  -19.622 -6.166  1.00 339.38 ? 223 TRP C CA 1 
ATOM 688 C CA . SER C 1 224 ? 37.780  -17.300 -8.828  1.00 333.87 ? 224 SER C CA 1 
ATOM 689 C CA . PHE C 1 225 ? 36.881  -13.847 -8.888  1.00 330.29 ? 225 PHE C CA 1 
ATOM 690 C CA . THR C 1 226 ? 35.577  -10.789 -10.551 1.00 327.64 ? 226 THR C CA 1 
ATOM 691 C CA . SER C 1 227 ? 34.747  -7.434  -9.492  1.00 328.71 ? 227 SER C CA 1 
ATOM 692 C CA . THR C 1 228 ? 33.622  -4.402  -11.177 1.00 339.53 ? 228 THR C CA 1 
ATOM 693 C CA . LEU C 1 229 ? 33.777  -0.701  -10.892 1.00 350.78 ? 229 LEU C CA 1 
ATOM 694 C CA . ILE C 1 230 ? 31.326  1.377   -12.582 1.00 366.23 ? 230 ILE C CA 1 
ATOM 695 C CA . THR C 1 231 ? 32.468  4.199   -15.109 1.00 371.56 ? 231 THR C CA 1 
ATOM 696 C CA . THR C 1 232 ? 30.467  7.484   -14.739 1.00 373.37 ? 232 THR C CA 1 
ATOM 697 C CA . ALA D 1 1   ? -33.120 5.663   -16.093 1.00 348.76 ? 1   ALA D CA 1 
ATOM 698 C CA . GLU D 1 2   ? -36.154 7.052   -13.733 1.00 352.25 ? 2   GLU D CA 1 
ATOM 699 C CA . THR D 1 3   ? -36.052 10.337  -11.890 1.00 349.51 ? 3   THR D CA 1 
ATOM 700 C CA . VAL D 1 4   ? -38.566 11.884  -9.747  1.00 352.64 ? 4   VAL D CA 1 
ATOM 701 C CA . SER D 1 5   ? -38.554 15.269  -7.854  1.00 351.76 ? 5   SER D CA 1 
ATOM 702 C CA . PHE D 1 6   ? -40.004 18.420  -7.176  1.00 349.40 ? 6   PHE D CA 1 
ATOM 703 C CA . ASN D 1 7   ? -40.712 21.115  -5.434  1.00 357.88 ? 7   ASN D CA 1 
ATOM 704 C CA . PHE D 1 8   ? -42.249 23.587  -3.040  1.00 370.30 ? 8   PHE D CA 1 
ATOM 705 C CA . ASN D 1 9   ? -41.860 26.757  -0.791  1.00 374.57 ? 9   ASN D CA 1 
ATOM 706 C CA . SER D 1 10  ? -45.383 27.702  0.251   1.00 375.08 ? 10  SER D CA 1 
ATOM 707 C CA . PHE D 1 11  ? -48.174 25.199  0.434   1.00 380.92 ? 11  PHE D CA 1 
ATOM 708 C CA . SER D 1 12  ? -52.187 25.808  -0.914  1.00 380.94 ? 12  SER D CA 1 
ATOM 709 C CA . GLU D 1 13  ? -55.556 23.999  0.307   1.00 379.17 ? 13  GLU D CA 1 
ATOM 710 C CA . GLY D 1 14  ? -56.185 23.625  -3.408  1.00 375.21 ? 14  GLY D CA 1 
ATOM 711 C CA . ASN D 1 15  ? -53.273 21.051  -4.322  1.00 373.27 ? 15  ASN D CA 1 
ATOM 712 C CA . PRO D 1 16  ? -53.701 17.459  -5.801  1.00 371.08 ? 16  PRO D CA 1 
ATOM 713 C CA . ALA D 1 17  ? -50.230 16.343  -6.060  1.00 358.70 ? 17  ALA D CA 1 
ATOM 714 C CA . ILE D 1 18  ? -50.469 16.351  -1.904  1.00 353.26 ? 18  ILE D CA 1 
ATOM 715 C CA . ASN D 1 19  ? -52.585 14.141  0.518   1.00 354.78 ? 19  ASN D CA 1 
ATOM 716 C CA . PHE D 1 20  ? -54.260 15.768  3.996   1.00 350.93 ? 20  PHE D CA 1 
ATOM 717 C CA . GLN D 1 21  ? -55.310 12.686  6.355   1.00 346.78 ? 21  GLN D CA 1 
ATOM 718 C CA . GLY D 1 22  ? -56.649 13.747  9.839   1.00 350.33 ? 22  GLY D CA 1 
ATOM 719 C CA . ASP D 1 23  ? -56.095 17.445  11.621  1.00 352.31 ? 23  ASP D CA 1 
ATOM 720 C CA . VAL D 1 24  ? -53.775 19.035  8.812   1.00 353.87 ? 24  VAL D CA 1 
ATOM 721 C CA . THR D 1 25  ? -54.707 22.677  8.442   1.00 359.84 ? 25  THR D CA 1 
ATOM 722 C CA . VAL D 1 26  ? -52.959 24.963  5.843   1.00 363.95 ? 26  VAL D CA 1 
ATOM 723 C CA . LEU D 1 27  ? -51.941 28.493  7.387   1.00 365.48 ? 27  LEU D CA 1 
ATOM 724 C CA . SER D 1 28  ? -52.128 32.125  5.762   1.00 365.52 ? 28  SER D CA 1 
ATOM 725 C CA . ASN D 1 29  ? -48.038 31.905  5.249   1.00 363.19 ? 29  ASN D CA 1 
ATOM 726 C CA . GLY D 1 30  ? -47.992 28.794  2.908   1.00 361.11 ? 30  GLY D CA 1 
ATOM 727 C CA . ASN D 1 31  ? -46.611 26.967  6.095   1.00 360.20 ? 31  ASN D CA 1 
ATOM 728 C CA . ILE D 1 32  ? -48.150 23.371  7.318   1.00 360.53 ? 32  ILE D CA 1 
ATOM 729 C CA . GLN D 1 33  ? -49.711 22.928  11.095  1.00 357.03 ? 33  GLN D CA 1 
ATOM 730 C CA . LEU D 1 34  ? -49.783 18.910  11.304  1.00 354.04 ? 34  LEU D CA 1 
ATOM 731 C CA . THR D 1 35  ? -52.038 19.434  14.404  1.00 354.21 ? 35  THR D CA 1 
ATOM 732 C CA . ASN D 1 36  ? -55.210 20.997  15.680  1.00 358.13 ? 36  ASN D CA 1 
ATOM 733 C CA . LEU D 1 37  ? -54.851 22.535  19.241  1.00 363.04 ? 37  LEU D CA 1 
ATOM 734 C CA . ASN D 1 38  ? -58.235 22.707  20.559  1.00 354.52 ? 38  ASN D CA 1 
ATOM 735 C CA . LYS D 1 39  ? -58.259 18.735  19.492  1.00 355.11 ? 39  LYS D CA 1 
ATOM 736 C CA . VAL D 1 40  ? -57.130 16.294  21.753  1.00 351.47 ? 40  VAL D CA 1 
ATOM 737 C CA . ASN D 1 41  ? -55.782 13.358  20.288  1.00 352.91 ? 41  ASN D CA 1 
ATOM 738 C CA . SER D 1 42  ? -54.552 15.297  17.601  1.00 351.14 ? 42  SER D CA 1 
ATOM 739 C CA . VAL D 1 43  ? -53.183 13.183  14.732  1.00 350.60 ? 43  VAL D CA 1 
ATOM 740 C CA . GLY D 1 44  ? -51.794 15.040  11.631  1.00 351.57 ? 44  GLY D CA 1 
ATOM 741 C CA . ARG D 1 45  ? -49.717 13.945  8.544   1.00 351.93 ? 45  ARG D CA 1 
ATOM 742 C CA . VAL D 1 46  ? -49.137 14.434  5.044   1.00 349.35 ? 46  VAL D CA 1 
ATOM 743 C CA . LEU D 1 47  ? -47.628 12.593  2.145   1.00 350.13 ? 47  LEU D CA 1 
ATOM 744 C CA . TYR D 1 48  ? -46.973 13.055  -1.484  1.00 349.74 ? 48  TYR D CA 1 
ATOM 745 C CA . ALA D 1 49  ? -49.902 12.446  -3.893  1.00 351.57 ? 49  ALA D CA 1 
ATOM 746 C CA . MET D 1 50  ? -47.758 10.539  -6.393  1.00 351.77 ? 50  MET D CA 1 
ATOM 747 C CA . PRO D 1 51  ? -46.218 7.072   -5.485  1.00 351.70 ? 51  PRO D CA 1 
ATOM 748 C CA . VAL D 1 52  ? -42.698 6.505   -5.774  1.00 348.29 ? 52  VAL D CA 1 
ATOM 749 C CA . ARG D 1 53  ? -41.501 3.418   -7.263  1.00 352.37 ? 53  ARG D CA 1 
ATOM 750 C CA . ILE D 1 54  ? -38.682 2.363   -4.719  1.00 356.23 ? 54  ILE D CA 1 
ATOM 751 C CA . TRP D 1 55  ? -37.576 -1.183  -5.669  1.00 359.25 ? 55  TRP D CA 1 
ATOM 752 C CA . SER D 1 56  ? -38.037 -3.269  -8.989  1.00 364.77 ? 56  SER D CA 1 
ATOM 753 C CA . SER D 1 57  ? -39.455 -6.886  -8.876  1.00 373.03 ? 57  SER D CA 1 
ATOM 754 C CA . ALA D 1 58  ? -36.958 -6.842  -12.051 1.00 374.98 ? 58  ALA D CA 1 
ATOM 755 C CA . THR D 1 59  ? -33.374 -6.340  -11.092 1.00 375.91 ? 59  THR D CA 1 
ATOM 756 C CA . GLY D 1 60  ? -32.570 -6.906  -7.146  1.00 376.71 ? 60  GLY D CA 1 
ATOM 757 C CA . ASN D 1 61  ? -31.608 -2.817  -7.312  1.00 373.66 ? 61  ASN D CA 1 
ATOM 758 C CA . VAL D 1 62  ? -32.423 -0.072  -4.683  1.00 362.37 ? 62  VAL D CA 1 
ATOM 759 C CA . ALA D 1 63  ? -32.571 3.898   -5.339  1.00 355.09 ? 63  ALA D CA 1 
ATOM 760 C CA . SER D 1 64  ? -30.874 6.660   -3.759  1.00 340.63 ? 64  SER D CA 1 
ATOM 761 C CA . PHE D 1 65  ? -32.104 9.844   -2.685  1.00 333.68 ? 65  PHE D CA 1 
ATOM 762 C CA . LEU D 1 66  ? -32.138 12.631  -0.814  1.00 329.94 ? 66  LEU D CA 1 
ATOM 763 C CA . THR D 1 67  ? -34.077 15.282  0.353   1.00 326.87 ? 67  THR D CA 1 
ATOM 764 C CA . SER D 1 68  ? -34.363 17.998  2.730   1.00 333.59 ? 68  SER D CA 1 
ATOM 765 C CA . PHE D 1 69  ? -36.773 20.178  4.338   1.00 344.64 ? 69  PHE D CA 1 
ATOM 766 C CA . SER D 1 70  ? -37.487 23.023  6.775   1.00 350.28 ? 70  SER D CA 1 
ATOM 767 C CA . PHE D 1 71  ? -39.674 22.908  10.165  1.00 351.01 ? 71  PHE D CA 1 
ATOM 768 C CA . GLU D 1 72  ? -40.631 25.056  13.386  1.00 351.14 ? 72  GLU D CA 1 
ATOM 769 C CA . MET D 1 73  ? -41.739 23.553  16.727  1.00 356.84 ? 73  MET D CA 1 
ATOM 770 C CA . LYS D 1 74  ? -43.241 26.373  18.872  1.00 359.43 ? 74  LYS D CA 1 
ATOM 771 C CA . ASP D 1 75  ? -44.203 26.138  22.629  1.00 363.07 ? 75  ASP D CA 1 
ATOM 772 C CA . ILE D 1 76  ? -48.008 27.151  23.374  1.00 366.59 ? 76  ILE D CA 1 
ATOM 773 C CA . LYS D 1 77  ? -48.687 28.129  27.443  1.00 368.47 ? 77  LYS D CA 1 
ATOM 774 C CA . ASP D 1 78  ? -50.079 25.250  30.086  1.00 370.70 ? 78  ASP D CA 1 
ATOM 775 C CA . TYR D 1 79  ? -49.838 22.200  27.599  1.00 369.47 ? 79  TYR D CA 1 
ATOM 776 C CA . ASP D 1 80  ? -46.460 20.155  27.458  1.00 368.98 ? 80  ASP D CA 1 
ATOM 777 C CA . PRO D 1 81  ? -44.389 20.790  24.140  1.00 367.87 ? 81  PRO D CA 1 
ATOM 778 C CA . ALA D 1 82  ? -45.065 17.264  22.561  1.00 366.40 ? 82  ALA D CA 1 
ATOM 779 C CA . ASP D 1 83  ? -45.030 14.658  20.764  1.00 360.06 ? 83  ASP D CA 1 
ATOM 780 C CA . GLY D 1 84  ? -42.757 15.084  17.565  1.00 355.10 ? 84  GLY D CA 1 
ATOM 781 C CA . ILE D 1 85  ? -42.627 15.062  13.850  1.00 346.31 ? 85  ILE D CA 1 
ATOM 782 C CA . ILE D 1 86  ? -41.517 12.265  11.909  1.00 340.51 ? 86  ILE D CA 1 
ATOM 783 C CA . PHE D 1 87  ? -40.679 11.635  8.592   1.00 333.39 ? 87  PHE D CA 1 
ATOM 784 C CA . PHE D 1 88  ? -41.508 8.836   7.140   1.00 333.92 ? 88  PHE D CA 1 
ATOM 785 C CA . ILE D 1 89  ? -42.021 6.690   4.139   1.00 343.60 ? 89  ILE D CA 1 
ATOM 786 C CA . ALA D 1 90  ? -45.143 3.854   4.209   1.00 349.80 ? 90  ALA D CA 1 
ATOM 787 C CA . PRO D 1 91  ? -47.467 1.323   1.790   1.00 353.52 ? 91  PRO D CA 1 
ATOM 788 C CA . GLU D 1 92  ? -49.694 3.664   -1.377  1.00 352.99 ? 92  GLU D CA 1 
ATOM 789 C CA . ASP D 1 93  ? -52.481 2.863   1.048   1.00 357.93 ? 93  ASP D CA 1 
ATOM 790 C CA . THR D 1 94  ? -51.248 4.010   4.772   1.00 356.36 ? 94  THR D CA 1 
ATOM 791 C CA . GLN D 1 95  ? -53.637 5.896   6.724   1.00 356.96 ? 95  GLN D CA 1 
ATOM 792 C CA . ILE D 1 96  ? -53.701 6.952   10.420  1.00 358.61 ? 96  ILE D CA 1 
ATOM 793 C CA . PRO D 1 97  ? -54.153 3.311   11.970  1.00 360.29 ? 97  PRO D CA 1 
ATOM 794 C CA . ALA D 1 98  ? -56.665 1.775   14.084  1.00 357.95 ? 98  ALA D CA 1 
ATOM 795 C CA . GLY D 1 99  ? -58.320 4.252   17.063  1.00 356.71 ? 99  GLY D CA 1 
ATOM 796 C CA . SER D 1 100 ? -55.657 6.699   17.066  1.00 357.73 ? 100 SER D CA 1 
ATOM 797 C CA . ILE D 1 101 ? -53.796 7.306   20.732  1.00 361.57 ? 101 ILE D CA 1 
ATOM 798 C CA . GLY D 1 102 ? -51.659 10.550  19.510  1.00 363.08 ? 102 GLY D CA 1 
ATOM 799 C CA . GLY D 1 103 ? -49.626 10.503  22.975  1.00 360.97 ? 103 GLY D CA 1 
ATOM 800 C CA . GLY D 1 104 ? -46.336 9.256   21.361  1.00 352.40 ? 104 GLY D CA 1 
ATOM 801 C CA . THR D 1 105 ? -47.404 6.789   18.466  1.00 344.01 ? 105 THR D CA 1 
ATOM 802 C CA . LEU D 1 106 ? -46.606 10.001  16.479  1.00 340.02 ? 106 LEU D CA 1 
ATOM 803 C CA . GLY D 1 107 ? -49.576 9.024   14.389  1.00 339.21 ? 107 GLY D CA 1 
ATOM 804 C CA . VAL D 1 108 ? -47.809 6.125   12.447  1.00 341.42 ? 108 VAL D CA 1 
ATOM 805 C CA . SER D 1 109 ? -48.008 3.275   14.811  1.00 349.26 ? 109 SER D CA 1 
ATOM 806 C CA . ASP D 1 110 ? -50.560 1.288   17.048  1.00 357.07 ? 110 ASP D CA 1 
ATOM 807 C CA . THR D 1 111 ? -51.093 1.588   21.333  1.00 359.86 ? 111 THR D CA 1 
ATOM 808 C CA . LYS D 1 112 ? -48.211 -1.501  21.667  1.00 359.03 ? 112 LYS D CA 1 
ATOM 809 C CA . GLY D 1 113 ? -46.325 0.996   18.769  1.00 360.10 ? 113 GLY D CA 1 
ATOM 810 C CA . ALA D 1 114 ? -45.990 -1.370  15.593  1.00 360.34 ? 114 ALA D CA 1 
ATOM 811 C CA . GLY D 1 115 ? -46.459 0.154   12.209  1.00 359.60 ? 115 GLY D CA 1 
ATOM 812 C CA . HIS D 1 116 ? -45.760 -0.459  8.684   1.00 358.77 ? 116 HIS D CA 1 
ATOM 813 C CA . PHE D 1 117 ? -43.184 2.312   8.099   1.00 353.10 ? 117 PHE D CA 1 
ATOM 814 C CA . VAL D 1 118 ? -39.335 3.816   7.817   1.00 344.11 ? 118 VAL D CA 1 
ATOM 815 C CA . GLY D 1 119 ? -38.905 7.325   9.084   1.00 332.21 ? 119 GLY D CA 1 
ATOM 816 C CA . VAL D 1 120 ? -37.231 9.704   11.019  1.00 326.91 ? 120 VAL D CA 1 
ATOM 817 C CA . GLU D 1 121 ? -38.306 11.115  14.020  1.00 330.79 ? 121 GLU D CA 1 
ATOM 818 C CA . PHE D 1 122 ? -37.774 14.234  15.907  1.00 335.73 ? 122 PHE D CA 1 
ATOM 819 C CA . ASP D 1 123 ? -39.207 13.100  19.228  1.00 342.90 ? 123 ASP D CA 1 
ATOM 820 C CA . THR D 1 124 ? -39.599 15.920  21.935  1.00 347.18 ? 124 THR D CA 1 
ATOM 821 C CA . TYR D 1 125 ? -40.835 14.110  24.909  1.00 353.16 ? 125 TYR D CA 1 
ATOM 822 C CA . SER D 1 126 ? -39.833 10.997  26.805  1.00 355.23 ? 126 SER D CA 1 
ATOM 823 C CA . ASN D 1 127 ? -42.076 7.703   27.017  1.00 355.08 ? 127 ASN D CA 1 
ATOM 824 C CA . SER D 1 128 ? -40.463 4.945   29.476  1.00 352.48 ? 128 SER D CA 1 
ATOM 825 C CA . GLU D 1 129 ? -42.832 2.762   27.363  1.00 358.64 ? 129 GLU D CA 1 
ATOM 826 C CA . TYR D 1 130 ? -41.246 3.166   23.831  1.00 360.32 ? 130 TYR D CA 1 
ATOM 827 C CA . ASN D 1 131 ? -37.689 2.764   25.242  1.00 362.15 ? 131 ASN D CA 1 
ATOM 828 C CA . ASP D 1 132 ? -37.229 6.539   24.439  1.00 358.80 ? 132 ASP D CA 1 
ATOM 829 C CA . PRO D 1 133 ? -33.837 8.247   25.469  1.00 355.85 ? 133 PRO D CA 1 
ATOM 830 C CA . PRO D 1 134 ? -34.609 10.971  28.362  1.00 354.97 ? 134 PRO D CA 1 
ATOM 831 C CA . THR D 1 135 ? -34.078 14.252  26.619  1.00 353.08 ? 135 THR D CA 1 
ATOM 832 C CA . ASP D 1 136 ? -35.339 15.688  23.411  1.00 352.21 ? 136 ASP D CA 1 
ATOM 833 C CA . HIS D 1 137 ? -33.980 13.031  20.570  1.00 353.41 ? 137 HIS D CA 1 
ATOM 834 C CA . VAL D 1 138 ? -34.163 12.013  16.915  1.00 353.81 ? 138 VAL D CA 1 
ATOM 835 C CA . GLY D 1 139 ? -34.542 8.669   15.470  1.00 350.11 ? 139 GLY D CA 1 
ATOM 836 C CA . ILE D 1 140 ? -34.510 6.111   12.934  1.00 346.89 ? 140 ILE D CA 1 
ATOM 837 C CA . ASP D 1 141 ? -37.661 4.138   13.132  1.00 348.84 ? 141 ASP D CA 1 
ATOM 838 C CA . VAL D 1 142 ? -38.034 0.463   11.809  1.00 350.37 ? 142 VAL D CA 1 
ATOM 839 C CA . ASN D 1 143 ? -41.595 -0.941  11.634  1.00 346.88 ? 143 ASN D CA 1 
ATOM 840 C CA . SER D 1 144 ? -41.585 0.810   15.111  1.00 348.72 ? 144 SER D CA 1 
ATOM 841 C CA . VAL D 1 145 ? -40.845 4.172   17.365  1.00 348.45 ? 145 VAL D CA 1 
ATOM 842 C CA . ASP D 1 146 ? -38.483 2.259   19.803  1.00 348.76 ? 146 ASP D CA 1 
ATOM 843 C CA . SER D 1 147 ? -36.071 3.128   17.516  1.00 352.07 ? 147 SER D CA 1 
ATOM 844 C CA . VAL D 1 148 ? -33.557 0.464   16.247  1.00 354.42 ? 148 VAL D CA 1 
ATOM 845 C CA . LYS D 1 149 ? -30.936 3.795   16.949  1.00 355.46 ? 149 LYS D CA 1 
ATOM 846 C CA . THR D 1 150 ? -31.118 7.445   18.914  1.00 355.36 ? 150 THR D CA 1 
ATOM 847 C CA . VAL D 1 151 ? -28.776 10.678  19.134  1.00 354.67 ? 151 VAL D CA 1 
ATOM 848 C CA . PRO D 1 152 ? -29.505 13.644  21.472  1.00 356.54 ? 152 PRO D CA 1 
ATOM 849 C CA . TRP D 1 153 ? -30.422 17.013  20.503  1.00 356.31 ? 153 TRP D CA 1 
ATOM 850 C CA . ASN D 1 154 ? -32.484 19.850  21.747  1.00 356.21 ? 154 ASN D CA 1 
ATOM 851 C CA . SER D 1 155 ? -35.913 21.208  20.443  1.00 353.14 ? 155 SER D CA 1 
ATOM 852 C CA . VAL D 1 156 ? -36.310 24.828  20.649  1.00 352.50 ? 156 VAL D CA 1 
ATOM 853 C CA . SER D 1 157 ? -39.391 26.901  20.533  1.00 350.18 ? 157 SER D CA 1 
ATOM 854 C CA . GLY D 1 158 ? -40.067 29.555  17.773  1.00 350.00 ? 158 GLY D CA 1 
ATOM 855 C CA . ALA D 1 159 ? -37.634 28.049  15.511  1.00 351.09 ? 159 ALA D CA 1 
ATOM 856 C CA . VAL D 1 160 ? -36.704 26.990  11.920  1.00 349.45 ? 160 VAL D CA 1 
ATOM 857 C CA . VAL D 1 161 ? -34.590 23.772  11.730  1.00 344.24 ? 161 VAL D CA 1 
ATOM 858 C CA . LYS D 1 162 ? -33.210 21.928  8.564   1.00 338.48 ? 162 LYS D CA 1 
ATOM 859 C CA . VAL D 1 163 ? -32.494 18.635  7.834   1.00 326.05 ? 163 VAL D CA 1 
ATOM 860 C CA . THR D 1 164 ? -31.442 16.399  5.585   1.00 324.39 ? 164 THR D CA 1 
ATOM 861 C CA . VAL D 1 165 ? -31.316 13.046  4.185   1.00 321.54 ? 165 VAL D CA 1 
ATOM 862 C CA . ILE D 1 166 ? -29.714 10.820  1.830   1.00 326.51 ? 166 ILE D CA 1 
ATOM 863 C CA . TYR D 1 167 ? -29.812 7.370   1.274   1.00 326.32 ? 167 TYR D CA 1 
ATOM 864 C CA . ASP D 1 168 ? -27.441 5.564   -0.530  1.00 333.03 ? 168 ASP D CA 1 
ATOM 865 C CA . SER D 1 169 ? -28.135 2.490   -3.026  1.00 335.56 ? 169 SER D CA 1 
ATOM 866 C CA . SER D 1 170 ? -25.063 0.258   -3.021  1.00 337.78 ? 170 SER D CA 1 
ATOM 867 C CA . THR D 1 171 ? -24.422 0.475   0.699   1.00 337.95 ? 171 THR D CA 1 
ATOM 868 C CA . LYS D 1 172 ? -27.951 0.496   2.052   1.00 335.46 ? 172 LYS D CA 1 
ATOM 869 C CA . THR D 1 173 ? -27.635 3.837   3.595   1.00 331.16 ? 173 THR D CA 1 
ATOM 870 C CA . LEU D 1 174 ? -29.331 6.347   5.236   1.00 333.41 ? 174 LEU D CA 1 
ATOM 871 C CA . SER D 1 175 ? -28.184 9.474   6.899   1.00 326.92 ? 175 SER D CA 1 
ATOM 872 C CA . VAL D 1 176 ? -29.155 12.741  7.742   1.00 323.55 ? 176 VAL D CA 1 
ATOM 873 C CA . ALA D 1 177 ? -28.657 15.830  9.403   1.00 328.53 ? 177 ALA D CA 1 
ATOM 874 C CA . VAL D 1 178 ? -29.360 18.924  10.816  1.00 335.42 ? 178 VAL D CA 1 
ATOM 875 C CA . THR D 1 179 ? -28.735 22.261  11.480  1.00 341.60 ? 179 THR D CA 1 
ATOM 876 C CA . ASN D 1 180 ? -29.793 23.758  14.773  1.00 349.67 ? 180 ASN D CA 1 
ATOM 877 C CA . ASP D 1 181 ? -30.456 27.441  14.460  1.00 356.62 ? 181 ASP D CA 1 
ATOM 878 C CA . ASN D 1 182 ? -27.721 27.355  17.212  1.00 358.44 ? 182 ASN D CA 1 
ATOM 879 C CA . GLY D 1 183 ? -25.893 26.893  13.955  1.00 366.02 ? 183 GLY D CA 1 
ATOM 880 C CA . ASP D 1 184 ? -25.180 23.374  15.925  1.00 365.19 ? 184 ASP D CA 1 
ATOM 881 C CA . ILE D 1 185 ? -25.317 19.826  13.679  1.00 359.37 ? 185 ILE D CA 1 
ATOM 882 C CA . THR D 1 186 ? -26.597 16.632  14.990  1.00 346.29 ? 186 THR D CA 1 
ATOM 883 C CA . THR D 1 187 ? -26.102 13.854  12.541  1.00 344.79 ? 187 THR D CA 1 
ATOM 884 C CA . ILE D 1 188 ? -26.905 10.354  12.276  1.00 350.73 ? 188 ILE D CA 1 
ATOM 885 C CA . ALA D 1 189 ? -27.276 7.241   9.902   1.00 351.17 ? 189 ALA D CA 1 
ATOM 886 C CA . GLN D 1 190 ? -28.403 3.472   9.684   1.00 349.26 ? 190 GLN D CA 1 
ATOM 887 C CA . VAL D 1 191 ? -27.771 0.239   7.554   1.00 348.77 ? 191 VAL D CA 1 
ATOM 888 C CA . VAL D 1 192 ? -31.649 -0.208  6.701   1.00 351.57 ? 192 VAL D CA 1 
ATOM 889 C CA . ASP D 1 193 ? -32.432 -2.940  3.570   1.00 354.36 ? 193 ASP D CA 1 
ATOM 890 C CA . LEU D 1 194 ? -35.493 -1.182  1.884   1.00 355.36 ? 194 LEU D CA 1 
ATOM 891 C CA . LYS D 1 195 ? -35.723 -3.928  -0.470  1.00 350.21 ? 195 LYS D CA 1 
ATOM 892 C CA . ALA D 1 196 ? -36.297 -6.099  2.970   1.00 348.88 ? 196 ALA D CA 1 
ATOM 893 C CA . LYS D 1 197 ? -39.475 -4.013  5.133   1.00 346.06 ? 197 LYS D CA 1 
ATOM 894 C CA . LEU D 1 198 ? -41.607 -1.935  2.565   1.00 345.16 ? 198 LEU D CA 1 
ATOM 895 C CA . PRO D 1 199 ? -43.447 -2.863  -0.739  1.00 349.60 ? 199 PRO D CA 1 
ATOM 896 C CA . GLU D 1 200 ? -42.095 -1.813  -4.308  1.00 355.26 ? 200 GLU D CA 1 
ATOM 897 C CA . ARG D 1 201 ? -44.489 1.260   -4.257  1.00 353.53 ? 201 ARG D CA 1 
ATOM 898 C CA . VAL D 1 202 ? -44.379 4.117   -1.433  1.00 345.11 ? 202 VAL D CA 1 
ATOM 899 C CA . LYS D 1 203 ? -45.454 7.647   -0.593  1.00 335.02 ? 203 LYS D CA 1 
ATOM 900 C CA . PHE D 1 204 ? -43.583 10.097  1.562   1.00 333.55 ? 204 PHE D CA 1 
ATOM 901 C CA . GLY D 1 205 ? -44.326 12.292  4.296   1.00 329.84 ? 205 GLY D CA 1 
ATOM 902 C CA . PHE D 1 206 ? -44.714 13.448  7.811   1.00 333.90 ? 206 PHE D CA 1 
ATOM 903 C CA . SER D 1 207 ? -46.689 13.213  10.669  1.00 337.01 ? 207 SER D CA 1 
ATOM 904 C CA . ALA D 1 208 ? -46.851 14.702  13.988  1.00 339.51 ? 208 ALA D CA 1 
ATOM 905 C CA . SER D 1 209 ? -49.106 14.205  16.997  1.00 344.82 ? 209 SER D CA 1 
ATOM 906 C CA . GLY D 1 210 ? -50.419 15.229  20.669  1.00 346.76 ? 210 GLY D CA 1 
ATOM 907 C CA . SER D 1 211 ? -51.303 13.497  24.480  1.00 348.39 ? 211 SER D CA 1 
ATOM 908 C CA . LEU D 1 212 ? -53.584 14.826  27.302  1.00 355.81 ? 212 LEU D CA 1 
ATOM 909 C CA . GLY D 1 213 ? -51.189 16.045  29.109  1.00 359.20 ? 213 GLY D CA 1 
ATOM 910 C CA . GLY D 1 214 ? -49.754 16.869  25.401  1.00 356.74 ? 214 GLY D CA 1 
ATOM 911 C CA . ARG D 1 215 ? -49.600 19.774  22.583  1.00 351.69 ? 215 ARG D CA 1 
ATOM 912 C CA . GLN D 1 216 ? -47.405 22.215  20.610  1.00 342.02 ? 216 GLN D CA 1 
ATOM 913 C CA . ILE D 1 217 ? -46.989 23.887  17.221  1.00 343.10 ? 217 ILE D CA 1 
ATOM 914 C CA . HIS D 1 218 ? -45.482 21.423  14.679  1.00 342.85 ? 218 HIS D CA 1 
ATOM 915 C CA . LEU D 1 219 ? -44.971 23.498  11.256  1.00 342.95 ? 219 LEU D CA 1 
ATOM 916 C CA . ILE D 1 220 ? -43.307 22.553  7.846   1.00 338.94 ? 220 ILE D CA 1 
ATOM 917 C CA . ARG D 1 221 ? -41.941 25.330  5.877   1.00 332.83 ? 221 ARG D CA 1 
ATOM 918 C CA . SER D 1 222 ? -40.115 23.697  3.063   1.00 332.48 ? 222 SER D CA 1 
ATOM 919 C CA . TRP D 1 223 ? -39.164 20.286  1.502   1.00 333.42 ? 223 TRP D CA 1 
ATOM 920 C CA . SER D 1 224 ? -37.353 19.062  -1.623  1.00 332.59 ? 224 SER D CA 1 
ATOM 921 C CA . PHE D 1 225 ? -36.522 15.954  -3.072  1.00 331.17 ? 225 PHE D CA 1 
ATOM 922 C CA . THR D 1 226 ? -35.336 13.508  -5.480  1.00 328.06 ? 226 THR D CA 1 
ATOM 923 C CA . SER D 1 227 ? -34.451 10.116  -5.994  1.00 330.52 ? 227 SER D CA 1 
ATOM 924 C CA . THR D 1 228 ? -33.550 7.762   -8.500  1.00 339.95 ? 228 THR D CA 1 
ATOM 925 C CA . LEU D 1 229 ? -33.597 4.204   -9.402  1.00 353.26 ? 229 LEU D CA 1 
ATOM 926 C CA . ILE D 1 230 ? -31.409 2.297   -11.599 1.00 370.77 ? 230 ILE D CA 1 
ATOM 927 C CA . THR D 1 231 ? -32.670 0.345   -14.795 1.00 377.85 ? 231 THR D CA 1 
ATOM 928 C CA . THR D 1 232 ? -30.483 -2.474  -16.394 1.00 376.79 ? 232 THR D CA 1 
# 
loop_
_pdbx_poly_seq_scheme.asym_id 
_pdbx_poly_seq_scheme.entity_id 
_pdbx_poly_seq_scheme.seq_id 
_pdbx_poly_seq_scheme.mon_id 
_pdbx_poly_seq_scheme.ndb_seq_num 
_pdbx_poly_seq_scheme.pdb_seq_num 
_pdbx_poly_seq_scheme.auth_seq_num 
_pdbx_poly_seq_scheme.pdb_mon_id 
_pdbx_poly_seq_scheme.auth_mon_id 
_pdbx_poly_seq_scheme.pdb_strand_id 
_pdbx_poly_seq_scheme.pdb_ins_code 
_pdbx_poly_seq_scheme.hetero 
A 1 1   ALA 1   1   1   ALA ALA A . n 
A 1 2   GLU 2   2   2   GLU GLU A . n 
A 1 3   THR 3   3   3   THR THR A . n 
A 1 4   VAL 4   4   4   VAL VAL A . n 
A 1 5   SER 5   5   5   SER SER A . n 
A 1 6   PHE 6   6   6   PHE PHE A . n 
A 1 7   ASN 7   7   7   ASN ASN A . n 
A 1 8   PHE 8   8   8   PHE PHE A . n 
A 1 9   ASN 9   9   9   ASN ASN A . n 
A 1 10  SER 10  10  10  SER SER A . n 
A 1 11  PHE 11  11  11  PHE PHE A . n 
A 1 12  SER 12  12  12  SER SER A . n 
A 1 13  GLU 13  13  13  GLU GLU A . n 
A 1 14  GLY 14  14  14  GLY GLY A . n 
A 1 15  ASN 15  15  15  ASN ASN A . n 
A 1 16  PRO 16  16  16  PRO PRO A . n 
A 1 17  ALA 17  17  17  ALA ALA A . n 
A 1 18  ILE 18  18  18  ILE ILE A . n 
A 1 19  ASN 19  19  19  ASN ASN A . n 
A 1 20  PHE 20  20  20  PHE PHE A . n 
A 1 21  GLN 21  21  21  GLN GLN A . n 
A 1 22  GLY 22  22  22  GLY GLY A . n 
A 1 23  ASP 23  23  23  ASP ASP A . n 
A 1 24  VAL 24  24  24  VAL VAL A . n 
A 1 25  THR 25  25  25  THR THR A . n 
A 1 26  VAL 26  26  26  VAL VAL A . n 
A 1 27  LEU 27  27  27  LEU LEU A . n 
A 1 28  SER 28  28  28  SER SER A . n 
A 1 29  ASN 29  29  29  ASN ASN A . n 
A 1 30  GLY 30  30  30  GLY GLY A . n 
A 1 31  ASN 31  31  31  ASN ASN A . n 
A 1 32  ILE 32  32  32  ILE ILE A . n 
A 1 33  GLN 33  33  33  GLN GLN A . n 
A 1 34  LEU 34  34  34  LEU LEU A . n 
A 1 35  THR 35  35  35  THR THR A . n 
A 1 36  ASN 36  36  36  ASN ASN A . n 
A 1 37  LEU 37  37  37  LEU LEU A . n 
A 1 38  ASN 38  38  38  ASN ASN A . n 
A 1 39  LYS 39  39  39  LYS LYS A . n 
A 1 40  VAL 40  40  40  VAL VAL A . n 
A 1 41  ASN 41  41  41  ASN ASN A . n 
A 1 42  SER 42  42  42  SER SER A . n 
A 1 43  VAL 43  43  43  VAL VAL A . n 
A 1 44  GLY 44  44  44  GLY GLY A . n 
A 1 45  ARG 45  45  45  ARG ARG A . n 
A 1 46  VAL 46  46  46  VAL VAL A . n 
A 1 47  LEU 47  47  47  LEU LEU A . n 
A 1 48  TYR 48  48  48  TYR TYR A . n 
A 1 49  ALA 49  49  49  ALA ALA A . n 
A 1 50  MET 50  50  50  MET MET A . n 
A 1 51  PRO 51  51  51  PRO PRO A . n 
A 1 52  VAL 52  52  52  VAL VAL A . n 
A 1 53  ARG 53  53  53  ARG ARG A . n 
A 1 54  ILE 54  54  54  ILE ILE A . n 
A 1 55  TRP 55  55  55  TRP TRP A . n 
A 1 56  SER 56  56  56  SER SER A . n 
A 1 57  SER 57  57  57  SER SER A . n 
A 1 58  ALA 58  58  58  ALA ALA A . n 
A 1 59  THR 59  59  59  THR THR A . n 
A 1 60  GLY 60  60  60  GLY GLY A . n 
A 1 61  ASN 61  61  61  ASN ASN A . n 
A 1 62  VAL 62  62  62  VAL VAL A . n 
A 1 63  ALA 63  63  63  ALA ALA A . n 
A 1 64  SER 64  64  64  SER SER A . n 
A 1 65  PHE 65  65  65  PHE PHE A . n 
A 1 66  LEU 66  66  66  LEU LEU A . n 
A 1 67  THR 67  67  67  THR THR A . n 
A 1 68  SER 68  68  68  SER SER A . n 
A 1 69  PHE 69  69  69  PHE PHE A . n 
A 1 70  SER 70  70  70  SER SER A . n 
A 1 71  PHE 71  71  71  PHE PHE A . n 
A 1 72  GLU 72  72  72  GLU GLU A . n 
A 1 73  MET 73  73  73  MET MET A . n 
A 1 74  LYS 74  74  74  LYS LYS A . n 
A 1 75  ASP 75  75  75  ASP ASP A . n 
A 1 76  ILE 76  76  76  ILE ILE A . n 
A 1 77  LYS 77  77  77  LYS LYS A . n 
A 1 78  ASP 78  78  78  ASP ASP A . n 
A 1 79  TYR 79  79  79  TYR TYR A . n 
A 1 80  ASP 80  80  80  ASP ASP A . n 
A 1 81  PRO 81  81  81  PRO PRO A . n 
A 1 82  ALA 82  82  82  ALA ALA A . n 
A 1 83  ASP 83  83  83  ASP ASP A . n 
A 1 84  GLY 84  84  84  GLY GLY A . n 
A 1 85  ILE 85  85  85  ILE ILE A . n 
A 1 86  ILE 86  86  86  ILE ILE A . n 
A 1 87  PHE 87  87  87  PHE PHE A . n 
A 1 88  PHE 88  88  88  PHE PHE A . n 
A 1 89  ILE 89  89  89  ILE ILE A . n 
A 1 90  ALA 90  90  90  ALA ALA A . n 
A 1 91  PRO 91  91  91  PRO PRO A . n 
A 1 92  GLU 92  92  92  GLU GLU A . n 
A 1 93  ASP 93  93  93  ASP ASP A . n 
A 1 94  THR 94  94  94  THR THR A . n 
A 1 95  GLN 95  95  95  GLN GLN A . n 
A 1 96  ILE 96  96  96  ILE ILE A . n 
A 1 97  PRO 97  97  97  PRO PRO A . n 
A 1 98  ALA 98  98  98  ALA ALA A . n 
A 1 99  GLY 99  99  99  GLY GLY A . n 
A 1 100 SER 100 100 100 SER SER A . n 
A 1 101 ILE 101 101 101 ILE ILE A . n 
A 1 102 GLY 102 102 102 GLY GLY A . n 
A 1 103 GLY 103 103 103 GLY GLY A . n 
A 1 104 GLY 104 104 104 GLY GLY A . n 
A 1 105 THR 105 105 105 THR THR A . n 
A 1 106 LEU 106 106 106 LEU LEU A . n 
A 1 107 GLY 107 107 107 GLY GLY A . n 
A 1 108 VAL 108 108 108 VAL VAL A . n 
A 1 109 SER 109 109 109 SER SER A . n 
A 1 110 ASP 110 110 110 ASP ASP A . n 
A 1 111 THR 111 111 111 THR THR A . n 
A 1 112 LYS 112 112 112 LYS LYS A . n 
A 1 113 GLY 113 113 113 GLY GLY A . n 
A 1 114 ALA 114 114 114 ALA ALA A . n 
A 1 115 GLY 115 115 115 GLY GLY A . n 
A 1 116 HIS 116 116 116 HIS HIS A . n 
A 1 117 PHE 117 117 117 PHE PHE A . n 
A 1 118 VAL 118 118 118 VAL VAL A . n 
A 1 119 GLY 119 119 119 GLY GLY A . n 
A 1 120 VAL 120 120 120 VAL VAL A . n 
A 1 121 GLU 121 121 121 GLU GLU A . n 
A 1 122 PHE 122 122 122 PHE PHE A . n 
A 1 123 ASP 123 123 123 ASP ASP A . n 
A 1 124 THR 124 124 124 THR THR A . n 
A 1 125 TYR 125 125 125 TYR TYR A . n 
A 1 126 SER 126 126 126 SER SER A . n 
A 1 127 ASN 127 127 127 ASN ASN A . n 
A 1 128 SER 128 128 128 SER SER A . n 
A 1 129 GLU 129 129 129 GLU GLU A . n 
A 1 130 TYR 130 130 130 TYR TYR A . n 
A 1 131 ASN 131 131 131 ASN ASN A . n 
A 1 132 ASP 132 132 132 ASP ASP A . n 
A 1 133 PRO 133 133 133 PRO PRO A . n 
A 1 134 PRO 134 134 134 PRO PRO A . n 
A 1 135 THR 135 135 135 THR THR A . n 
A 1 136 ASP 136 136 136 ASP ASP A . n 
A 1 137 HIS 137 137 137 HIS HIS A . n 
A 1 138 VAL 138 138 138 VAL VAL A . n 
A 1 139 GLY 139 139 139 GLY GLY A . n 
A 1 140 ILE 140 140 140 ILE ILE A . n 
A 1 141 ASP 141 141 141 ASP ASP A . n 
A 1 142 VAL 142 142 142 VAL VAL A . n 
A 1 143 ASN 143 143 143 ASN ASN A . n 
A 1 144 SER 144 144 144 SER SER A . n 
A 1 145 VAL 145 145 145 VAL VAL A . n 
A 1 146 ASP 146 146 146 ASP ASP A . n 
A 1 147 SER 147 147 147 SER SER A . n 
A 1 148 VAL 148 148 148 VAL VAL A . n 
A 1 149 LYS 149 149 149 LYS LYS A . n 
A 1 150 THR 150 150 150 THR THR A . n 
A 1 151 VAL 151 151 151 VAL VAL A . n 
A 1 152 PRO 152 152 152 PRO PRO A . n 
A 1 153 TRP 153 153 153 TRP TRP A . n 
A 1 154 ASN 154 154 154 ASN ASN A . n 
A 1 155 SER 155 155 155 SER SER A . n 
A 1 156 VAL 156 156 156 VAL VAL A . n 
A 1 157 SER 157 157 157 SER SER A . n 
A 1 158 GLY 158 158 158 GLY GLY A . n 
A 1 159 ALA 159 159 159 ALA ALA A . n 
A 1 160 VAL 160 160 160 VAL VAL A . n 
A 1 161 VAL 161 161 161 VAL VAL A . n 
A 1 162 LYS 162 162 162 LYS LYS A . n 
A 1 163 VAL 163 163 163 VAL VAL A . n 
A 1 164 THR 164 164 164 THR THR A . n 
A 1 165 VAL 165 165 165 VAL VAL A . n 
A 1 166 ILE 166 166 166 ILE ILE A . n 
A 1 167 TYR 167 167 167 TYR TYR A . n 
A 1 168 ASP 168 168 168 ASP ASP A . n 
A 1 169 SER 169 169 169 SER SER A . n 
A 1 170 SER 170 170 170 SER SER A . n 
A 1 171 THR 171 171 171 THR THR A . n 
A 1 172 LYS 172 172 172 LYS LYS A . n 
A 1 173 THR 173 173 173 THR THR A . n 
A 1 174 LEU 174 174 174 LEU LEU A . n 
A 1 175 SER 175 175 175 SER SER A . n 
A 1 176 VAL 176 176 176 VAL VAL A . n 
A 1 177 ALA 177 177 177 ALA ALA A . n 
A 1 178 VAL 178 178 178 VAL VAL A . n 
A 1 179 THR 179 179 179 THR THR A . n 
A 1 180 ASN 180 180 180 ASN ASN A . n 
A 1 181 ASP 181 181 181 ASP ASP A . n 
A 1 182 ASN 182 182 182 ASN ASN A . n 
A 1 183 GLY 183 183 183 GLY GLY A . n 
A 1 184 ASP 184 184 184 ASP ASP A . n 
A 1 185 ILE 185 185 185 ILE ILE A . n 
A 1 186 THR 186 186 186 THR THR A . n 
A 1 187 THR 187 187 187 THR THR A . n 
A 1 188 ILE 188 188 188 ILE ILE A . n 
A 1 189 ALA 189 189 189 ALA ALA A . n 
A 1 190 GLN 190 190 190 GLN GLN A . n 
A 1 191 VAL 191 191 191 VAL VAL A . n 
A 1 192 VAL 192 192 192 VAL VAL A . n 
A 1 193 ASP 193 193 193 ASP ASP A . n 
A 1 194 LEU 194 194 194 LEU LEU A . n 
A 1 195 LYS 195 195 195 LYS LYS A . n 
A 1 196 ALA 196 196 196 ALA ALA A . n 
A 1 197 LYS 197 197 197 LYS LYS A . n 
A 1 198 LEU 198 198 198 LEU LEU A . n 
A 1 199 PRO 199 199 199 PRO PRO A . n 
A 1 200 GLU 200 200 200 GLU GLU A . n 
A 1 201 ARG 201 201 201 ARG ARG A . n 
A 1 202 VAL 202 202 202 VAL VAL A . n 
A 1 203 LYS 203 203 203 LYS LYS A . n 
A 1 204 PHE 204 204 204 PHE PHE A . n 
A 1 205 GLY 205 205 205 GLY GLY A . n 
A 1 206 PHE 206 206 206 PHE PHE A . n 
A 1 207 SER 207 207 207 SER SER A . n 
A 1 208 ALA 208 208 208 ALA ALA A . n 
A 1 209 SER 209 209 209 SER SER A . n 
A 1 210 GLY 210 210 210 GLY GLY A . n 
A 1 211 SER 211 211 211 SER SER A . n 
A 1 212 LEU 212 212 212 LEU LEU A . n 
A 1 213 GLY 213 213 213 GLY GLY A . n 
A 1 214 GLY 214 214 214 GLY GLY A . n 
A 1 215 ARG 215 215 215 ARG ARG A . n 
A 1 216 GLN 216 216 216 GLN GLN A . n 
A 1 217 ILE 217 217 217 ILE ILE A . n 
A 1 218 HIS 218 218 218 HIS HIS A . n 
A 1 219 LEU 219 219 219 LEU LEU A . n 
A 1 220 ILE 220 220 220 ILE ILE A . n 
A 1 221 ARG 221 221 221 ARG ARG A . n 
A 1 222 SER 222 222 222 SER SER A . n 
A 1 223 TRP 223 223 223 TRP TRP A . n 
A 1 224 SER 224 224 224 SER SER A . n 
A 1 225 PHE 225 225 225 PHE PHE A . n 
A 1 226 THR 226 226 226 THR THR A . n 
A 1 227 SER 227 227 227 SER SER A . n 
A 1 228 THR 228 228 228 THR THR A . n 
A 1 229 LEU 229 229 229 LEU LEU A . n 
A 1 230 ILE 230 230 230 ILE ILE A . n 
A 1 231 THR 231 231 231 THR THR A . n 
A 1 232 THR 232 232 232 THR THR A . n 
A 1 233 THR 233 233 ?   ?   ?   A . n 
A 1 234 ARG 234 234 ?   ?   ?   A . n 
A 1 235 ARG 235 235 ?   ?   ?   A . n 
A 1 236 SER 236 236 ?   ?   ?   A . n 
B 1 1   ALA 1   1   1   ALA ALA B . n 
B 1 2   GLU 2   2   2   GLU GLU B . n 
B 1 3   THR 3   3   3   THR THR B . n 
B 1 4   VAL 4   4   4   VAL VAL B . n 
B 1 5   SER 5   5   5   SER SER B . n 
B 1 6   PHE 6   6   6   PHE PHE B . n 
B 1 7   ASN 7   7   7   ASN ASN B . n 
B 1 8   PHE 8   8   8   PHE PHE B . n 
B 1 9   ASN 9   9   9   ASN ASN B . n 
B 1 10  SER 10  10  10  SER SER B . n 
B 1 11  PHE 11  11  11  PHE PHE B . n 
B 1 12  SER 12  12  12  SER SER B . n 
B 1 13  GLU 13  13  13  GLU GLU B . n 
B 1 14  GLY 14  14  14  GLY GLY B . n 
B 1 15  ASN 15  15  15  ASN ASN B . n 
B 1 16  PRO 16  16  16  PRO PRO B . n 
B 1 17  ALA 17  17  17  ALA ALA B . n 
B 1 18  ILE 18  18  18  ILE ILE B . n 
B 1 19  ASN 19  19  19  ASN ASN B . n 
B 1 20  PHE 20  20  20  PHE PHE B . n 
B 1 21  GLN 21  21  21  GLN GLN B . n 
B 1 22  GLY 22  22  22  GLY GLY B . n 
B 1 23  ASP 23  23  23  ASP ASP B . n 
B 1 24  VAL 24  24  24  VAL VAL B . n 
B 1 25  THR 25  25  25  THR THR B . n 
B 1 26  VAL 26  26  26  VAL VAL B . n 
B 1 27  LEU 27  27  27  LEU LEU B . n 
B 1 28  SER 28  28  28  SER SER B . n 
B 1 29  ASN 29  29  29  ASN ASN B . n 
B 1 30  GLY 30  30  30  GLY GLY B . n 
B 1 31  ASN 31  31  31  ASN ASN B . n 
B 1 32  ILE 32  32  32  ILE ILE B . n 
B 1 33  GLN 33  33  33  GLN GLN B . n 
B 1 34  LEU 34  34  34  LEU LEU B . n 
B 1 35  THR 35  35  35  THR THR B . n 
B 1 36  ASN 36  36  36  ASN ASN B . n 
B 1 37  LEU 37  37  37  LEU LEU B . n 
B 1 38  ASN 38  38  38  ASN ASN B . n 
B 1 39  LYS 39  39  39  LYS LYS B . n 
B 1 40  VAL 40  40  40  VAL VAL B . n 
B 1 41  ASN 41  41  41  ASN ASN B . n 
B 1 42  SER 42  42  42  SER SER B . n 
B 1 43  VAL 43  43  43  VAL VAL B . n 
B 1 44  GLY 44  44  44  GLY GLY B . n 
B 1 45  ARG 45  45  45  ARG ARG B . n 
B 1 46  VAL 46  46  46  VAL VAL B . n 
B 1 47  LEU 47  47  47  LEU LEU B . n 
B 1 48  TYR 48  48  48  TYR TYR B . n 
B 1 49  ALA 49  49  49  ALA ALA B . n 
B 1 50  MET 50  50  50  MET MET B . n 
B 1 51  PRO 51  51  51  PRO PRO B . n 
B 1 52  VAL 52  52  52  VAL VAL B . n 
B 1 53  ARG 53  53  53  ARG ARG B . n 
B 1 54  ILE 54  54  54  ILE ILE B . n 
B 1 55  TRP 55  55  55  TRP TRP B . n 
B 1 56  SER 56  56  56  SER SER B . n 
B 1 57  SER 57  57  57  SER SER B . n 
B 1 58  ALA 58  58  58  ALA ALA B . n 
B 1 59  THR 59  59  59  THR THR B . n 
B 1 60  GLY 60  60  60  GLY GLY B . n 
B 1 61  ASN 61  61  61  ASN ASN B . n 
B 1 62  VAL 62  62  62  VAL VAL B . n 
B 1 63  ALA 63  63  63  ALA ALA B . n 
B 1 64  SER 64  64  64  SER SER B . n 
B 1 65  PHE 65  65  65  PHE PHE B . n 
B 1 66  LEU 66  66  66  LEU LEU B . n 
B 1 67  THR 67  67  67  THR THR B . n 
B 1 68  SER 68  68  68  SER SER B . n 
B 1 69  PHE 69  69  69  PHE PHE B . n 
B 1 70  SER 70  70  70  SER SER B . n 
B 1 71  PHE 71  71  71  PHE PHE B . n 
B 1 72  GLU 72  72  72  GLU GLU B . n 
B 1 73  MET 73  73  73  MET MET B . n 
B 1 74  LYS 74  74  74  LYS LYS B . n 
B 1 75  ASP 75  75  75  ASP ASP B . n 
B 1 76  ILE 76  76  76  ILE ILE B . n 
B 1 77  LYS 77  77  77  LYS LYS B . n 
B 1 78  ASP 78  78  78  ASP ASP B . n 
B 1 79  TYR 79  79  79  TYR TYR B . n 
B 1 80  ASP 80  80  80  ASP ASP B . n 
B 1 81  PRO 81  81  81  PRO PRO B . n 
B 1 82  ALA 82  82  82  ALA ALA B . n 
B 1 83  ASP 83  83  83  ASP ASP B . n 
B 1 84  GLY 84  84  84  GLY GLY B . n 
B 1 85  ILE 85  85  85  ILE ILE B . n 
B 1 86  ILE 86  86  86  ILE ILE B . n 
B 1 87  PHE 87  87  87  PHE PHE B . n 
B 1 88  PHE 88  88  88  PHE PHE B . n 
B 1 89  ILE 89  89  89  ILE ILE B . n 
B 1 90  ALA 90  90  90  ALA ALA B . n 
B 1 91  PRO 91  91  91  PRO PRO B . n 
B 1 92  GLU 92  92  92  GLU GLU B . n 
B 1 93  ASP 93  93  93  ASP ASP B . n 
B 1 94  THR 94  94  94  THR THR B . n 
B 1 95  GLN 95  95  95  GLN GLN B . n 
B 1 96  ILE 96  96  96  ILE ILE B . n 
B 1 97  PRO 97  97  97  PRO PRO B . n 
B 1 98  ALA 98  98  98  ALA ALA B . n 
B 1 99  GLY 99  99  99  GLY GLY B . n 
B 1 100 SER 100 100 100 SER SER B . n 
B 1 101 ILE 101 101 101 ILE ILE B . n 
B 1 102 GLY 102 102 102 GLY GLY B . n 
B 1 103 GLY 103 103 103 GLY GLY B . n 
B 1 104 GLY 104 104 104 GLY GLY B . n 
B 1 105 THR 105 105 105 THR THR B . n 
B 1 106 LEU 106 106 106 LEU LEU B . n 
B 1 107 GLY 107 107 107 GLY GLY B . n 
B 1 108 VAL 108 108 108 VAL VAL B . n 
B 1 109 SER 109 109 109 SER SER B . n 
B 1 110 ASP 110 110 110 ASP ASP B . n 
B 1 111 THR 111 111 111 THR THR B . n 
B 1 112 LYS 112 112 112 LYS LYS B . n 
B 1 113 GLY 113 113 113 GLY GLY B . n 
B 1 114 ALA 114 114 114 ALA ALA B . n 
B 1 115 GLY 115 115 115 GLY GLY B . n 
B 1 116 HIS 116 116 116 HIS HIS B . n 
B 1 117 PHE 117 117 117 PHE PHE B . n 
B 1 118 VAL 118 118 118 VAL VAL B . n 
B 1 119 GLY 119 119 119 GLY GLY B . n 
B 1 120 VAL 120 120 120 VAL VAL B . n 
B 1 121 GLU 121 121 121 GLU GLU B . n 
B 1 122 PHE 122 122 122 PHE PHE B . n 
B 1 123 ASP 123 123 123 ASP ASP B . n 
B 1 124 THR 124 124 124 THR THR B . n 
B 1 125 TYR 125 125 125 TYR TYR B . n 
B 1 126 SER 126 126 126 SER SER B . n 
B 1 127 ASN 127 127 127 ASN ASN B . n 
B 1 128 SER 128 128 128 SER SER B . n 
B 1 129 GLU 129 129 129 GLU GLU B . n 
B 1 130 TYR 130 130 130 TYR TYR B . n 
B 1 131 ASN 131 131 131 ASN ASN B . n 
B 1 132 ASP 132 132 132 ASP ASP B . n 
B 1 133 PRO 133 133 133 PRO PRO B . n 
B 1 134 PRO 134 134 134 PRO PRO B . n 
B 1 135 THR 135 135 135 THR THR B . n 
B 1 136 ASP 136 136 136 ASP ASP B . n 
B 1 137 HIS 137 137 137 HIS HIS B . n 
B 1 138 VAL 138 138 138 VAL VAL B . n 
B 1 139 GLY 139 139 139 GLY GLY B . n 
B 1 140 ILE 140 140 140 ILE ILE B . n 
B 1 141 ASP 141 141 141 ASP ASP B . n 
B 1 142 VAL 142 142 142 VAL VAL B . n 
B 1 143 ASN 143 143 143 ASN ASN B . n 
B 1 144 SER 144 144 144 SER SER B . n 
B 1 145 VAL 145 145 145 VAL VAL B . n 
B 1 146 ASP 146 146 146 ASP ASP B . n 
B 1 147 SER 147 147 147 SER SER B . n 
B 1 148 VAL 148 148 148 VAL VAL B . n 
B 1 149 LYS 149 149 149 LYS LYS B . n 
B 1 150 THR 150 150 150 THR THR B . n 
B 1 151 VAL 151 151 151 VAL VAL B . n 
B 1 152 PRO 152 152 152 PRO PRO B . n 
B 1 153 TRP 153 153 153 TRP TRP B . n 
B 1 154 ASN 154 154 154 ASN ASN B . n 
B 1 155 SER 155 155 155 SER SER B . n 
B 1 156 VAL 156 156 156 VAL VAL B . n 
B 1 157 SER 157 157 157 SER SER B . n 
B 1 158 GLY 158 158 158 GLY GLY B . n 
B 1 159 ALA 159 159 159 ALA ALA B . n 
B 1 160 VAL 160 160 160 VAL VAL B . n 
B 1 161 VAL 161 161 161 VAL VAL B . n 
B 1 162 LYS 162 162 162 LYS LYS B . n 
B 1 163 VAL 163 163 163 VAL VAL B . n 
B 1 164 THR 164 164 164 THR THR B . n 
B 1 165 VAL 165 165 165 VAL VAL B . n 
B 1 166 ILE 166 166 166 ILE ILE B . n 
B 1 167 TYR 167 167 167 TYR TYR B . n 
B 1 168 ASP 168 168 168 ASP ASP B . n 
B 1 169 SER 169 169 169 SER SER B . n 
B 1 170 SER 170 170 170 SER SER B . n 
B 1 171 THR 171 171 171 THR THR B . n 
B 1 172 LYS 172 172 172 LYS LYS B . n 
B 1 173 THR 173 173 173 THR THR B . n 
B 1 174 LEU 174 174 174 LEU LEU B . n 
B 1 175 SER 175 175 175 SER SER B . n 
B 1 176 VAL 176 176 176 VAL VAL B . n 
B 1 177 ALA 177 177 177 ALA ALA B . n 
B 1 178 VAL 178 178 178 VAL VAL B . n 
B 1 179 THR 179 179 179 THR THR B . n 
B 1 180 ASN 180 180 180 ASN ASN B . n 
B 1 181 ASP 181 181 181 ASP ASP B . n 
B 1 182 ASN 182 182 182 ASN ASN B . n 
B 1 183 GLY 183 183 183 GLY GLY B . n 
B 1 184 ASP 184 184 184 ASP ASP B . n 
B 1 185 ILE 185 185 185 ILE ILE B . n 
B 1 186 THR 186 186 186 THR THR B . n 
B 1 187 THR 187 187 187 THR THR B . n 
B 1 188 ILE 188 188 188 ILE ILE B . n 
B 1 189 ALA 189 189 189 ALA ALA B . n 
B 1 190 GLN 190 190 190 GLN GLN B . n 
B 1 191 VAL 191 191 191 VAL VAL B . n 
B 1 192 VAL 192 192 192 VAL VAL B . n 
B 1 193 ASP 193 193 193 ASP ASP B . n 
B 1 194 LEU 194 194 194 LEU LEU B . n 
B 1 195 LYS 195 195 195 LYS LYS B . n 
B 1 196 ALA 196 196 196 ALA ALA B . n 
B 1 197 LYS 197 197 197 LYS LYS B . n 
B 1 198 LEU 198 198 198 LEU LEU B . n 
B 1 199 PRO 199 199 199 PRO PRO B . n 
B 1 200 GLU 200 200 200 GLU GLU B . n 
B 1 201 ARG 201 201 201 ARG ARG B . n 
B 1 202 VAL 202 202 202 VAL VAL B . n 
B 1 203 LYS 203 203 203 LYS LYS B . n 
B 1 204 PHE 204 204 204 PHE PHE B . n 
B 1 205 GLY 205 205 205 GLY GLY B . n 
B 1 206 PHE 206 206 206 PHE PHE B . n 
B 1 207 SER 207 207 207 SER SER B . n 
B 1 208 ALA 208 208 208 ALA ALA B . n 
B 1 209 SER 209 209 209 SER SER B . n 
B 1 210 GLY 210 210 210 GLY GLY B . n 
B 1 211 SER 211 211 211 SER SER B . n 
B 1 212 LEU 212 212 212 LEU LEU B . n 
B 1 213 GLY 213 213 213 GLY GLY B . n 
B 1 214 GLY 214 214 214 GLY GLY B . n 
B 1 215 ARG 215 215 215 ARG ARG B . n 
B 1 216 GLN 216 216 216 GLN GLN B . n 
B 1 217 ILE 217 217 217 ILE ILE B . n 
B 1 218 HIS 218 218 218 HIS HIS B . n 
B 1 219 LEU 219 219 219 LEU LEU B . n 
B 1 220 ILE 220 220 220 ILE ILE B . n 
B 1 221 ARG 221 221 221 ARG ARG B . n 
B 1 222 SER 222 222 222 SER SER B . n 
B 1 223 TRP 223 223 223 TRP TRP B . n 
B 1 224 SER 224 224 224 SER SER B . n 
B 1 225 PHE 225 225 225 PHE PHE B . n 
B 1 226 THR 226 226 226 THR THR B . n 
B 1 227 SER 227 227 227 SER SER B . n 
B 1 228 THR 228 228 228 THR THR B . n 
B 1 229 LEU 229 229 229 LEU LEU B . n 
B 1 230 ILE 230 230 230 ILE ILE B . n 
B 1 231 THR 231 231 231 THR THR B . n 
B 1 232 THR 232 232 232 THR THR B . n 
B 1 233 THR 233 233 ?   ?   ?   B . n 
B 1 234 ARG 234 234 ?   ?   ?   B . n 
B 1 235 ARG 235 235 ?   ?   ?   B . n 
B 1 236 SER 236 236 ?   ?   ?   B . n 
C 1 1   ALA 1   1   1   ALA ALA C . n 
C 1 2   GLU 2   2   2   GLU GLU C . n 
C 1 3   THR 3   3   3   THR THR C . n 
C 1 4   VAL 4   4   4   VAL VAL C . n 
C 1 5   SER 5   5   5   SER SER C . n 
C 1 6   PHE 6   6   6   PHE PHE C . n 
C 1 7   ASN 7   7   7   ASN ASN C . n 
C 1 8   PHE 8   8   8   PHE PHE C . n 
C 1 9   ASN 9   9   9   ASN ASN C . n 
C 1 10  SER 10  10  10  SER SER C . n 
C 1 11  PHE 11  11  11  PHE PHE C . n 
C 1 12  SER 12  12  12  SER SER C . n 
C 1 13  GLU 13  13  13  GLU GLU C . n 
C 1 14  GLY 14  14  14  GLY GLY C . n 
C 1 15  ASN 15  15  15  ASN ASN C . n 
C 1 16  PRO 16  16  16  PRO PRO C . n 
C 1 17  ALA 17  17  17  ALA ALA C . n 
C 1 18  ILE 18  18  18  ILE ILE C . n 
C 1 19  ASN 19  19  19  ASN ASN C . n 
C 1 20  PHE 20  20  20  PHE PHE C . n 
C 1 21  GLN 21  21  21  GLN GLN C . n 
C 1 22  GLY 22  22  22  GLY GLY C . n 
C 1 23  ASP 23  23  23  ASP ASP C . n 
C 1 24  VAL 24  24  24  VAL VAL C . n 
C 1 25  THR 25  25  25  THR THR C . n 
C 1 26  VAL 26  26  26  VAL VAL C . n 
C 1 27  LEU 27  27  27  LEU LEU C . n 
C 1 28  SER 28  28  28  SER SER C . n 
C 1 29  ASN 29  29  29  ASN ASN C . n 
C 1 30  GLY 30  30  30  GLY GLY C . n 
C 1 31  ASN 31  31  31  ASN ASN C . n 
C 1 32  ILE 32  32  32  ILE ILE C . n 
C 1 33  GLN 33  33  33  GLN GLN C . n 
C 1 34  LEU 34  34  34  LEU LEU C . n 
C 1 35  THR 35  35  35  THR THR C . n 
C 1 36  ASN 36  36  36  ASN ASN C . n 
C 1 37  LEU 37  37  37  LEU LEU C . n 
C 1 38  ASN 38  38  38  ASN ASN C . n 
C 1 39  LYS 39  39  39  LYS LYS C . n 
C 1 40  VAL 40  40  40  VAL VAL C . n 
C 1 41  ASN 41  41  41  ASN ASN C . n 
C 1 42  SER 42  42  42  SER SER C . n 
C 1 43  VAL 43  43  43  VAL VAL C . n 
C 1 44  GLY 44  44  44  GLY GLY C . n 
C 1 45  ARG 45  45  45  ARG ARG C . n 
C 1 46  VAL 46  46  46  VAL VAL C . n 
C 1 47  LEU 47  47  47  LEU LEU C . n 
C 1 48  TYR 48  48  48  TYR TYR C . n 
C 1 49  ALA 49  49  49  ALA ALA C . n 
C 1 50  MET 50  50  50  MET MET C . n 
C 1 51  PRO 51  51  51  PRO PRO C . n 
C 1 52  VAL 52  52  52  VAL VAL C . n 
C 1 53  ARG 53  53  53  ARG ARG C . n 
C 1 54  ILE 54  54  54  ILE ILE C . n 
C 1 55  TRP 55  55  55  TRP TRP C . n 
C 1 56  SER 56  56  56  SER SER C . n 
C 1 57  SER 57  57  57  SER SER C . n 
C 1 58  ALA 58  58  58  ALA ALA C . n 
C 1 59  THR 59  59  59  THR THR C . n 
C 1 60  GLY 60  60  60  GLY GLY C . n 
C 1 61  ASN 61  61  61  ASN ASN C . n 
C 1 62  VAL 62  62  62  VAL VAL C . n 
C 1 63  ALA 63  63  63  ALA ALA C . n 
C 1 64  SER 64  64  64  SER SER C . n 
C 1 65  PHE 65  65  65  PHE PHE C . n 
C 1 66  LEU 66  66  66  LEU LEU C . n 
C 1 67  THR 67  67  67  THR THR C . n 
C 1 68  SER 68  68  68  SER SER C . n 
C 1 69  PHE 69  69  69  PHE PHE C . n 
C 1 70  SER 70  70  70  SER SER C . n 
C 1 71  PHE 71  71  71  PHE PHE C . n 
C 1 72  GLU 72  72  72  GLU GLU C . n 
C 1 73  MET 73  73  73  MET MET C . n 
C 1 74  LYS 74  74  74  LYS LYS C . n 
C 1 75  ASP 75  75  75  ASP ASP C . n 
C 1 76  ILE 76  76  76  ILE ILE C . n 
C 1 77  LYS 77  77  77  LYS LYS C . n 
C 1 78  ASP 78  78  78  ASP ASP C . n 
C 1 79  TYR 79  79  79  TYR TYR C . n 
C 1 80  ASP 80  80  80  ASP ASP C . n 
C 1 81  PRO 81  81  81  PRO PRO C . n 
C 1 82  ALA 82  82  82  ALA ALA C . n 
C 1 83  ASP 83  83  83  ASP ASP C . n 
C 1 84  GLY 84  84  84  GLY GLY C . n 
C 1 85  ILE 85  85  85  ILE ILE C . n 
C 1 86  ILE 86  86  86  ILE ILE C . n 
C 1 87  PHE 87  87  87  PHE PHE C . n 
C 1 88  PHE 88  88  88  PHE PHE C . n 
C 1 89  ILE 89  89  89  ILE ILE C . n 
C 1 90  ALA 90  90  90  ALA ALA C . n 
C 1 91  PRO 91  91  91  PRO PRO C . n 
C 1 92  GLU 92  92  92  GLU GLU C . n 
C 1 93  ASP 93  93  93  ASP ASP C . n 
C 1 94  THR 94  94  94  THR THR C . n 
C 1 95  GLN 95  95  95  GLN GLN C . n 
C 1 96  ILE 96  96  96  ILE ILE C . n 
C 1 97  PRO 97  97  97  PRO PRO C . n 
C 1 98  ALA 98  98  98  ALA ALA C . n 
C 1 99  GLY 99  99  99  GLY GLY C . n 
C 1 100 SER 100 100 100 SER SER C . n 
C 1 101 ILE 101 101 101 ILE ILE C . n 
C 1 102 GLY 102 102 102 GLY GLY C . n 
C 1 103 GLY 103 103 103 GLY GLY C . n 
C 1 104 GLY 104 104 104 GLY GLY C . n 
C 1 105 THR 105 105 105 THR THR C . n 
C 1 106 LEU 106 106 106 LEU LEU C . n 
C 1 107 GLY 107 107 107 GLY GLY C . n 
C 1 108 VAL 108 108 108 VAL VAL C . n 
C 1 109 SER 109 109 109 SER SER C . n 
C 1 110 ASP 110 110 110 ASP ASP C . n 
C 1 111 THR 111 111 111 THR THR C . n 
C 1 112 LYS 112 112 112 LYS LYS C . n 
C 1 113 GLY 113 113 113 GLY GLY C . n 
C 1 114 ALA 114 114 114 ALA ALA C . n 
C 1 115 GLY 115 115 115 GLY GLY C . n 
C 1 116 HIS 116 116 116 HIS HIS C . n 
C 1 117 PHE 117 117 117 PHE PHE C . n 
C 1 118 VAL 118 118 118 VAL VAL C . n 
C 1 119 GLY 119 119 119 GLY GLY C . n 
C 1 120 VAL 120 120 120 VAL VAL C . n 
C 1 121 GLU 121 121 121 GLU GLU C . n 
C 1 122 PHE 122 122 122 PHE PHE C . n 
C 1 123 ASP 123 123 123 ASP ASP C . n 
C 1 124 THR 124 124 124 THR THR C . n 
C 1 125 TYR 125 125 125 TYR TYR C . n 
C 1 126 SER 126 126 126 SER SER C . n 
C 1 127 ASN 127 127 127 ASN ASN C . n 
C 1 128 SER 128 128 128 SER SER C . n 
C 1 129 GLU 129 129 129 GLU GLU C . n 
C 1 130 TYR 130 130 130 TYR TYR C . n 
C 1 131 ASN 131 131 131 ASN ASN C . n 
C 1 132 ASP 132 132 132 ASP ASP C . n 
C 1 133 PRO 133 133 133 PRO PRO C . n 
C 1 134 PRO 134 134 134 PRO PRO C . n 
C 1 135 THR 135 135 135 THR THR C . n 
C 1 136 ASP 136 136 136 ASP ASP C . n 
C 1 137 HIS 137 137 137 HIS HIS C . n 
C 1 138 VAL 138 138 138 VAL VAL C . n 
C 1 139 GLY 139 139 139 GLY GLY C . n 
C 1 140 ILE 140 140 140 ILE ILE C . n 
C 1 141 ASP 141 141 141 ASP ASP C . n 
C 1 142 VAL 142 142 142 VAL VAL C . n 
C 1 143 ASN 143 143 143 ASN ASN C . n 
C 1 144 SER 144 144 144 SER SER C . n 
C 1 145 VAL 145 145 145 VAL VAL C . n 
C 1 146 ASP 146 146 146 ASP ASP C . n 
C 1 147 SER 147 147 147 SER SER C . n 
C 1 148 VAL 148 148 148 VAL VAL C . n 
C 1 149 LYS 149 149 149 LYS LYS C . n 
C 1 150 THR 150 150 150 THR THR C . n 
C 1 151 VAL 151 151 151 VAL VAL C . n 
C 1 152 PRO 152 152 152 PRO PRO C . n 
C 1 153 TRP 153 153 153 TRP TRP C . n 
C 1 154 ASN 154 154 154 ASN ASN C . n 
C 1 155 SER 155 155 155 SER SER C . n 
C 1 156 VAL 156 156 156 VAL VAL C . n 
C 1 157 SER 157 157 157 SER SER C . n 
C 1 158 GLY 158 158 158 GLY GLY C . n 
C 1 159 ALA 159 159 159 ALA ALA C . n 
C 1 160 VAL 160 160 160 VAL VAL C . n 
C 1 161 VAL 161 161 161 VAL VAL C . n 
C 1 162 LYS 162 162 162 LYS LYS C . n 
C 1 163 VAL 163 163 163 VAL VAL C . n 
C 1 164 THR 164 164 164 THR THR C . n 
C 1 165 VAL 165 165 165 VAL VAL C . n 
C 1 166 ILE 166 166 166 ILE ILE C . n 
C 1 167 TYR 167 167 167 TYR TYR C . n 
C 1 168 ASP 168 168 168 ASP ASP C . n 
C 1 169 SER 169 169 169 SER SER C . n 
C 1 170 SER 170 170 170 SER SER C . n 
C 1 171 THR 171 171 171 THR THR C . n 
C 1 172 LYS 172 172 172 LYS LYS C . n 
C 1 173 THR 173 173 173 THR THR C . n 
C 1 174 LEU 174 174 174 LEU LEU C . n 
C 1 175 SER 175 175 175 SER SER C . n 
C 1 176 VAL 176 176 176 VAL VAL C . n 
C 1 177 ALA 177 177 177 ALA ALA C . n 
C 1 178 VAL 178 178 178 VAL VAL C . n 
C 1 179 THR 179 179 179 THR THR C . n 
C 1 180 ASN 180 180 180 ASN ASN C . n 
C 1 181 ASP 181 181 181 ASP ASP C . n 
C 1 182 ASN 182 182 182 ASN ASN C . n 
C 1 183 GLY 183 183 183 GLY GLY C . n 
C 1 184 ASP 184 184 184 ASP ASP C . n 
C 1 185 ILE 185 185 185 ILE ILE C . n 
C 1 186 THR 186 186 186 THR THR C . n 
C 1 187 THR 187 187 187 THR THR C . n 
C 1 188 ILE 188 188 188 ILE ILE C . n 
C 1 189 ALA 189 189 189 ALA ALA C . n 
C 1 190 GLN 190 190 190 GLN GLN C . n 
C 1 191 VAL 191 191 191 VAL VAL C . n 
C 1 192 VAL 192 192 192 VAL VAL C . n 
C 1 193 ASP 193 193 193 ASP ASP C . n 
C 1 194 LEU 194 194 194 LEU LEU C . n 
C 1 195 LYS 195 195 195 LYS LYS C . n 
C 1 196 ALA 196 196 196 ALA ALA C . n 
C 1 197 LYS 197 197 197 LYS LYS C . n 
C 1 198 LEU 198 198 198 LEU LEU C . n 
C 1 199 PRO 199 199 199 PRO PRO C . n 
C 1 200 GLU 200 200 200 GLU GLU C . n 
C 1 201 ARG 201 201 201 ARG ARG C . n 
C 1 202 VAL 202 202 202 VAL VAL C . n 
C 1 203 LYS 203 203 203 LYS LYS C . n 
C 1 204 PHE 204 204 204 PHE PHE C . n 
C 1 205 GLY 205 205 205 GLY GLY C . n 
C 1 206 PHE 206 206 206 PHE PHE C . n 
C 1 207 SER 207 207 207 SER SER C . n 
C 1 208 ALA 208 208 208 ALA ALA C . n 
C 1 209 SER 209 209 209 SER SER C . n 
C 1 210 GLY 210 210 210 GLY GLY C . n 
C 1 211 SER 211 211 211 SER SER C . n 
C 1 212 LEU 212 212 212 LEU LEU C . n 
C 1 213 GLY 213 213 213 GLY GLY C . n 
C 1 214 GLY 214 214 214 GLY GLY C . n 
C 1 215 ARG 215 215 215 ARG ARG C . n 
C 1 216 GLN 216 216 216 GLN GLN C . n 
C 1 217 ILE 217 217 217 ILE ILE C . n 
C 1 218 HIS 218 218 218 HIS HIS C . n 
C 1 219 LEU 219 219 219 LEU LEU C . n 
C 1 220 ILE 220 220 220 ILE ILE C . n 
C 1 221 ARG 221 221 221 ARG ARG C . n 
C 1 222 SER 222 222 222 SER SER C . n 
C 1 223 TRP 223 223 223 TRP TRP C . n 
C 1 224 SER 224 224 224 SER SER C . n 
C 1 225 PHE 225 225 225 PHE PHE C . n 
C 1 226 THR 226 226 226 THR THR C . n 
C 1 227 SER 227 227 227 SER SER C . n 
C 1 228 THR 228 228 228 THR THR C . n 
C 1 229 LEU 229 229 229 LEU LEU C . n 
C 1 230 ILE 230 230 230 ILE ILE C . n 
C 1 231 THR 231 231 231 THR THR C . n 
C 1 232 THR 232 232 232 THR THR C . n 
C 1 233 THR 233 233 ?   ?   ?   C . n 
C 1 234 ARG 234 234 ?   ?   ?   C . n 
C 1 235 ARG 235 235 ?   ?   ?   C . n 
C 1 236 SER 236 236 ?   ?   ?   C . n 
D 1 1   ALA 1   1   1   ALA ALA D . n 
D 1 2   GLU 2   2   2   GLU GLU D . n 
D 1 3   THR 3   3   3   THR THR D . n 
D 1 4   VAL 4   4   4   VAL VAL D . n 
D 1 5   SER 5   5   5   SER SER D . n 
D 1 6   PHE 6   6   6   PHE PHE D . n 
D 1 7   ASN 7   7   7   ASN ASN D . n 
D 1 8   PHE 8   8   8   PHE PHE D . n 
D 1 9   ASN 9   9   9   ASN ASN D . n 
D 1 10  SER 10  10  10  SER SER D . n 
D 1 11  PHE 11  11  11  PHE PHE D . n 
D 1 12  SER 12  12  12  SER SER D . n 
D 1 13  GLU 13  13  13  GLU GLU D . n 
D 1 14  GLY 14  14  14  GLY GLY D . n 
D 1 15  ASN 15  15  15  ASN ASN D . n 
D 1 16  PRO 16  16  16  PRO PRO D . n 
D 1 17  ALA 17  17  17  ALA ALA D . n 
D 1 18  ILE 18  18  18  ILE ILE D . n 
D 1 19  ASN 19  19  19  ASN ASN D . n 
D 1 20  PHE 20  20  20  PHE PHE D . n 
D 1 21  GLN 21  21  21  GLN GLN D . n 
D 1 22  GLY 22  22  22  GLY GLY D . n 
D 1 23  ASP 23  23  23  ASP ASP D . n 
D 1 24  VAL 24  24  24  VAL VAL D . n 
D 1 25  THR 25  25  25  THR THR D . n 
D 1 26  VAL 26  26  26  VAL VAL D . n 
D 1 27  LEU 27  27  27  LEU LEU D . n 
D 1 28  SER 28  28  28  SER SER D . n 
D 1 29  ASN 29  29  29  ASN ASN D . n 
D 1 30  GLY 30  30  30  GLY GLY D . n 
D 1 31  ASN 31  31  31  ASN ASN D . n 
D 1 32  ILE 32  32  32  ILE ILE D . n 
D 1 33  GLN 33  33  33  GLN GLN D . n 
D 1 34  LEU 34  34  34  LEU LEU D . n 
D 1 35  THR 35  35  35  THR THR D . n 
D 1 36  ASN 36  36  36  ASN ASN D . n 
D 1 37  LEU 37  37  37  LEU LEU D . n 
D 1 38  ASN 38  38  38  ASN ASN D . n 
D 1 39  LYS 39  39  39  LYS LYS D . n 
D 1 40  VAL 40  40  40  VAL VAL D . n 
D 1 41  ASN 41  41  41  ASN ASN D . n 
D 1 42  SER 42  42  42  SER SER D . n 
D 1 43  VAL 43  43  43  VAL VAL D . n 
D 1 44  GLY 44  44  44  GLY GLY D . n 
D 1 45  ARG 45  45  45  ARG ARG D . n 
D 1 46  VAL 46  46  46  VAL VAL D . n 
D 1 47  LEU 47  47  47  LEU LEU D . n 
D 1 48  TYR 48  48  48  TYR TYR D . n 
D 1 49  ALA 49  49  49  ALA ALA D . n 
D 1 50  MET 50  50  50  MET MET D . n 
D 1 51  PRO 51  51  51  PRO PRO D . n 
D 1 52  VAL 52  52  52  VAL VAL D . n 
D 1 53  ARG 53  53  53  ARG ARG D . n 
D 1 54  ILE 54  54  54  ILE ILE D . n 
D 1 55  TRP 55  55  55  TRP TRP D . n 
D 1 56  SER 56  56  56  SER SER D . n 
D 1 57  SER 57  57  57  SER SER D . n 
D 1 58  ALA 58  58  58  ALA ALA D . n 
D 1 59  THR 59  59  59  THR THR D . n 
D 1 60  GLY 60  60  60  GLY GLY D . n 
D 1 61  ASN 61  61  61  ASN ASN D . n 
D 1 62  VAL 62  62  62  VAL VAL D . n 
D 1 63  ALA 63  63  63  ALA ALA D . n 
D 1 64  SER 64  64  64  SER SER D . n 
D 1 65  PHE 65  65  65  PHE PHE D . n 
D 1 66  LEU 66  66  66  LEU LEU D . n 
D 1 67  THR 67  67  67  THR THR D . n 
D 1 68  SER 68  68  68  SER SER D . n 
D 1 69  PHE 69  69  69  PHE PHE D . n 
D 1 70  SER 70  70  70  SER SER D . n 
D 1 71  PHE 71  71  71  PHE PHE D . n 
D 1 72  GLU 72  72  72  GLU GLU D . n 
D 1 73  MET 73  73  73  MET MET D . n 
D 1 74  LYS 74  74  74  LYS LYS D . n 
D 1 75  ASP 75  75  75  ASP ASP D . n 
D 1 76  ILE 76  76  76  ILE ILE D . n 
D 1 77  LYS 77  77  77  LYS LYS D . n 
D 1 78  ASP 78  78  78  ASP ASP D . n 
D 1 79  TYR 79  79  79  TYR TYR D . n 
D 1 80  ASP 80  80  80  ASP ASP D . n 
D 1 81  PRO 81  81  81  PRO PRO D . n 
D 1 82  ALA 82  82  82  ALA ALA D . n 
D 1 83  ASP 83  83  83  ASP ASP D . n 
D 1 84  GLY 84  84  84  GLY GLY D . n 
D 1 85  ILE 85  85  85  ILE ILE D . n 
D 1 86  ILE 86  86  86  ILE ILE D . n 
D 1 87  PHE 87  87  87  PHE PHE D . n 
D 1 88  PHE 88  88  88  PHE PHE D . n 
D 1 89  ILE 89  89  89  ILE ILE D . n 
D 1 90  ALA 90  90  90  ALA ALA D . n 
D 1 91  PRO 91  91  91  PRO PRO D . n 
D 1 92  GLU 92  92  92  GLU GLU D . n 
D 1 93  ASP 93  93  93  ASP ASP D . n 
D 1 94  THR 94  94  94  THR THR D . n 
D 1 95  GLN 95  95  95  GLN GLN D . n 
D 1 96  ILE 96  96  96  ILE ILE D . n 
D 1 97  PRO 97  97  97  PRO PRO D . n 
D 1 98  ALA 98  98  98  ALA ALA D . n 
D 1 99  GLY 99  99  99  GLY GLY D . n 
D 1 100 SER 100 100 100 SER SER D . n 
D 1 101 ILE 101 101 101 ILE ILE D . n 
D 1 102 GLY 102 102 102 GLY GLY D . n 
D 1 103 GLY 103 103 103 GLY GLY D . n 
D 1 104 GLY 104 104 104 GLY GLY D . n 
D 1 105 THR 105 105 105 THR THR D . n 
D 1 106 LEU 106 106 106 LEU LEU D . n 
D 1 107 GLY 107 107 107 GLY GLY D . n 
D 1 108 VAL 108 108 108 VAL VAL D . n 
D 1 109 SER 109 109 109 SER SER D . n 
D 1 110 ASP 110 110 110 ASP ASP D . n 
D 1 111 THR 111 111 111 THR THR D . n 
D 1 112 LYS 112 112 112 LYS LYS D . n 
D 1 113 GLY 113 113 113 GLY GLY D . n 
D 1 114 ALA 114 114 114 ALA ALA D . n 
D 1 115 GLY 115 115 115 GLY GLY D . n 
D 1 116 HIS 116 116 116 HIS HIS D . n 
D 1 117 PHE 117 117 117 PHE PHE D . n 
D 1 118 VAL 118 118 118 VAL VAL D . n 
D 1 119 GLY 119 119 119 GLY GLY D . n 
D 1 120 VAL 120 120 120 VAL VAL D . n 
D 1 121 GLU 121 121 121 GLU GLU D . n 
D 1 122 PHE 122 122 122 PHE PHE D . n 
D 1 123 ASP 123 123 123 ASP ASP D . n 
D 1 124 THR 124 124 124 THR THR D . n 
D 1 125 TYR 125 125 125 TYR TYR D . n 
D 1 126 SER 126 126 126 SER SER D . n 
D 1 127 ASN 127 127 127 ASN ASN D . n 
D 1 128 SER 128 128 128 SER SER D . n 
D 1 129 GLU 129 129 129 GLU GLU D . n 
D 1 130 TYR 130 130 130 TYR TYR D . n 
D 1 131 ASN 131 131 131 ASN ASN D . n 
D 1 132 ASP 132 132 132 ASP ASP D . n 
D 1 133 PRO 133 133 133 PRO PRO D . n 
D 1 134 PRO 134 134 134 PRO PRO D . n 
D 1 135 THR 135 135 135 THR THR D . n 
D 1 136 ASP 136 136 136 ASP ASP D . n 
D 1 137 HIS 137 137 137 HIS HIS D . n 
D 1 138 VAL 138 138 138 VAL VAL D . n 
D 1 139 GLY 139 139 139 GLY GLY D . n 
D 1 140 ILE 140 140 140 ILE ILE D . n 
D 1 141 ASP 141 141 141 ASP ASP D . n 
D 1 142 VAL 142 142 142 VAL VAL D . n 
D 1 143 ASN 143 143 143 ASN ASN D . n 
D 1 144 SER 144 144 144 SER SER D . n 
D 1 145 VAL 145 145 145 VAL VAL D . n 
D 1 146 ASP 146 146 146 ASP ASP D . n 
D 1 147 SER 147 147 147 SER SER D . n 
D 1 148 VAL 148 148 148 VAL VAL D . n 
D 1 149 LYS 149 149 149 LYS LYS D . n 
D 1 150 THR 150 150 150 THR THR D . n 
D 1 151 VAL 151 151 151 VAL VAL D . n 
D 1 152 PRO 152 152 152 PRO PRO D . n 
D 1 153 TRP 153 153 153 TRP TRP D . n 
D 1 154 ASN 154 154 154 ASN ASN D . n 
D 1 155 SER 155 155 155 SER SER D . n 
D 1 156 VAL 156 156 156 VAL VAL D . n 
D 1 157 SER 157 157 157 SER SER D . n 
D 1 158 GLY 158 158 158 GLY GLY D . n 
D 1 159 ALA 159 159 159 ALA ALA D . n 
D 1 160 VAL 160 160 160 VAL VAL D . n 
D 1 161 VAL 161 161 161 VAL VAL D . n 
D 1 162 LYS 162 162 162 LYS LYS D . n 
D 1 163 VAL 163 163 163 VAL VAL D . n 
D 1 164 THR 164 164 164 THR THR D . n 
D 1 165 VAL 165 165 165 VAL VAL D . n 
D 1 166 ILE 166 166 166 ILE ILE D . n 
D 1 167 TYR 167 167 167 TYR TYR D . n 
D 1 168 ASP 168 168 168 ASP ASP D . n 
D 1 169 SER 169 169 169 SER SER D . n 
D 1 170 SER 170 170 170 SER SER D . n 
D 1 171 THR 171 171 171 THR THR D . n 
D 1 172 LYS 172 172 172 LYS LYS D . n 
D 1 173 THR 173 173 173 THR THR D . n 
D 1 174 LEU 174 174 174 LEU LEU D . n 
D 1 175 SER 175 175 175 SER SER D . n 
D 1 176 VAL 176 176 176 VAL VAL D . n 
D 1 177 ALA 177 177 177 ALA ALA D . n 
D 1 178 VAL 178 178 178 VAL VAL D . n 
D 1 179 THR 179 179 179 THR THR D . n 
D 1 180 ASN 180 180 180 ASN ASN D . n 
D 1 181 ASP 181 181 181 ASP ASP D . n 
D 1 182 ASN 182 182 182 ASN ASN D . n 
D 1 183 GLY 183 183 183 GLY GLY D . n 
D 1 184 ASP 184 184 184 ASP ASP D . n 
D 1 185 ILE 185 185 185 ILE ILE D . n 
D 1 186 THR 186 186 186 THR THR D . n 
D 1 187 THR 187 187 187 THR THR D . n 
D 1 188 ILE 188 188 188 ILE ILE D . n 
D 1 189 ALA 189 189 189 ALA ALA D . n 
D 1 190 GLN 190 190 190 GLN GLN D . n 
D 1 191 VAL 191 191 191 VAL VAL D . n 
D 1 192 VAL 192 192 192 VAL VAL D . n 
D 1 193 ASP 193 193 193 ASP ASP D . n 
D 1 194 LEU 194 194 194 LEU LEU D . n 
D 1 195 LYS 195 195 195 LYS LYS D . n 
D 1 196 ALA 196 196 196 ALA ALA D . n 
D 1 197 LYS 197 197 197 LYS LYS D . n 
D 1 198 LEU 198 198 198 LEU LEU D . n 
D 1 199 PRO 199 199 199 PRO PRO D . n 
D 1 200 GLU 200 200 200 GLU GLU D . n 
D 1 201 ARG 201 201 201 ARG ARG D . n 
D 1 202 VAL 202 202 202 VAL VAL D . n 
D 1 203 LYS 203 203 203 LYS LYS D . n 
D 1 204 PHE 204 204 204 PHE PHE D . n 
D 1 205 GLY 205 205 205 GLY GLY D . n 
D 1 206 PHE 206 206 206 PHE PHE D . n 
D 1 207 SER 207 207 207 SER SER D . n 
D 1 208 ALA 208 208 208 ALA ALA D . n 
D 1 209 SER 209 209 209 SER SER D . n 
D 1 210 GLY 210 210 210 GLY GLY D . n 
D 1 211 SER 211 211 211 SER SER D . n 
D 1 212 LEU 212 212 212 LEU LEU D . n 
D 1 213 GLY 213 213 213 GLY GLY D . n 
D 1 214 GLY 214 214 214 GLY GLY D . n 
D 1 215 ARG 215 215 215 ARG ARG D . n 
D 1 216 GLN 216 216 216 GLN GLN D . n 
D 1 217 ILE 217 217 217 ILE ILE D . n 
D 1 218 HIS 218 218 218 HIS HIS D . n 
D 1 219 LEU 219 219 219 LEU LEU D . n 
D 1 220 ILE 220 220 220 ILE ILE D . n 
D 1 221 ARG 221 221 221 ARG ARG D . n 
D 1 222 SER 222 222 222 SER SER D . n 
D 1 223 TRP 223 223 223 TRP TRP D . n 
D 1 224 SER 224 224 224 SER SER D . n 
D 1 225 PHE 225 225 225 PHE PHE D . n 
D 1 226 THR 226 226 226 THR THR D . n 
D 1 227 SER 227 227 227 SER SER D . n 
D 1 228 THR 228 228 228 THR THR D . n 
D 1 229 LEU 229 229 229 LEU LEU D . n 
D 1 230 ILE 230 230 230 ILE ILE D . n 
D 1 231 THR 231 231 231 THR THR D . n 
D 1 232 THR 232 232 232 THR THR D . n 
D 1 233 THR 233 233 ?   ?   ?   D . n 
D 1 234 ARG 234 234 ?   ?   ?   D . n 
D 1 235 ARG 235 235 ?   ?   ?   D . n 
D 1 236 SER 236 236 ?   ?   ?   D . n 
# 
loop_
_pdbx_struct_assembly.id 
_pdbx_struct_assembly.details 
_pdbx_struct_assembly.method_details 
_pdbx_struct_assembly.oligomeric_details 
_pdbx_struct_assembly.oligomeric_count 
1 author_defined_assembly ? dimeric 2 
2 author_defined_assembly ? dimeric 2 
# 
loop_
_pdbx_struct_assembly_gen.assembly_id 
_pdbx_struct_assembly_gen.oper_expression 
_pdbx_struct_assembly_gen.asym_id_list 
1 1 A,D 
2 1 B,C 
# 
_pdbx_struct_oper_list.id                   1 
_pdbx_struct_oper_list.type                 'identity operation' 
_pdbx_struct_oper_list.name                 1_555 
_pdbx_struct_oper_list.symmetry_operation   x,y,z 
_pdbx_struct_oper_list.matrix[1][1]         1.0000000000 
_pdbx_struct_oper_list.matrix[1][2]         0.0000000000 
_pdbx_struct_oper_list.matrix[1][3]         0.0000000000 
_pdbx_struct_oper_list.vector[1]            0.0000000000 
_pdbx_struct_oper_list.matrix[2][1]         0.0000000000 
_pdbx_struct_oper_list.matrix[2][2]         1.0000000000 
_pdbx_struct_oper_list.matrix[2][3]         0.0000000000 
_pdbx_struct_oper_list.vector[2]            0.0000000000 
_pdbx_struct_oper_list.matrix[3][1]         0.0000000000 
_pdbx_struct_oper_list.matrix[3][2]         0.0000000000 
_pdbx_struct_oper_list.matrix[3][3]         1.0000000000 
_pdbx_struct_oper_list.vector[3]            0.0000000000 
# 
loop_
_pdbx_audit_revision_history.ordinal 
_pdbx_audit_revision_history.data_content_type 
_pdbx_audit_revision_history.major_revision 
_pdbx_audit_revision_history.minor_revision 
_pdbx_audit_revision_history.revision_date 
1 'Structure model' 1 0 2006-08-15 
2 'Structure model' 1 1 2008-04-30 
3 'Structure model' 1 2 2011-07-13 
4 'Structure model' 1 3 2023-10-25 
# 
_pdbx_audit_revision_details.ordinal             1 
_pdbx_audit_revision_details.revision_ordinal    1 
_pdbx_audit_revision_details.data_content_type   'Structure model' 
_pdbx_audit_revision_details.provider            repository 
_pdbx_audit_revision_details.type                'Initial release' 
_pdbx_audit_revision_details.description         ? 
_pdbx_audit_revision_details.details             ? 
# 
loop_
_pdbx_audit_revision_group.ordinal 
_pdbx_audit_revision_group.revision_ordinal 
_pdbx_audit_revision_group.data_content_type 
_pdbx_audit_revision_group.group 
1 2 'Structure model' 'Version format compliance' 
2 3 'Structure model' 'Version format compliance' 
3 4 'Structure model' 'Data collection'           
4 4 'Structure model' 'Database references'       
5 4 'Structure model' 'Refinement description'    
# 
loop_
_pdbx_audit_revision_category.ordinal 
_pdbx_audit_revision_category.revision_ordinal 
_pdbx_audit_revision_category.data_content_type 
_pdbx_audit_revision_category.category 
1 4 'Structure model' chem_comp_atom                
2 4 'Structure model' chem_comp_bond                
3 4 'Structure model' database_2                    
4 4 'Structure model' pdbx_initial_refinement_model 
# 
loop_
_pdbx_audit_revision_item.ordinal 
_pdbx_audit_revision_item.revision_ordinal 
_pdbx_audit_revision_item.data_content_type 
_pdbx_audit_revision_item.item 
1 4 'Structure model' '_database_2.pdbx_DOI'                
2 4 'Structure model' '_database_2.pdbx_database_accession' 
# 
loop_
_software.name 
_software.classification 
_software.version 
_software.citation_id 
_software.pdbx_ordinal 
DENZO     'data reduction' .        ? 1 
SCALEPACK 'data scaling'   .        ? 2 
AMoRE     phasing          .        ? 3 
REFMAC    refinement       5.2.0005 ? 4 
# 
loop_
_pdbx_unobs_or_zero_occ_residues.id 
_pdbx_unobs_or_zero_occ_residues.PDB_model_num 
_pdbx_unobs_or_zero_occ_residues.polymer_flag 
_pdbx_unobs_or_zero_occ_residues.occupancy_flag 
_pdbx_unobs_or_zero_occ_residues.auth_asym_id 
_pdbx_unobs_or_zero_occ_residues.auth_comp_id 
_pdbx_unobs_or_zero_occ_residues.auth_seq_id 
_pdbx_unobs_or_zero_occ_residues.PDB_ins_code 
_pdbx_unobs_or_zero_occ_residues.label_asym_id 
_pdbx_unobs_or_zero_occ_residues.label_comp_id 
_pdbx_unobs_or_zero_occ_residues.label_seq_id 
1  1 Y 1 A THR 233 ? A THR 233 
2  1 Y 1 A ARG 234 ? A ARG 234 
3  1 Y 1 A ARG 235 ? A ARG 235 
4  1 Y 1 A SER 236 ? A SER 236 
5  1 Y 1 B THR 233 ? B THR 233 
6  1 Y 1 B ARG 234 ? B ARG 234 
7  1 Y 1 B ARG 235 ? B ARG 235 
8  1 Y 1 B SER 236 ? B SER 236 
9  1 Y 1 C THR 233 ? C THR 233 
10 1 Y 1 C ARG 234 ? C ARG 234 
11 1 Y 1 C ARG 235 ? C ARG 235 
12 1 Y 1 C SER 236 ? C SER 236 
13 1 Y 1 D THR 233 ? D THR 233 
14 1 Y 1 D ARG 234 ? D ARG 234 
15 1 Y 1 D ARG 235 ? D ARG 235 
16 1 Y 1 D SER 236 ? D SER 236 
# 
loop_
_chem_comp_atom.comp_id 
_chem_comp_atom.atom_id 
_chem_comp_atom.type_symbol 
_chem_comp_atom.pdbx_aromatic_flag 
_chem_comp_atom.pdbx_stereo_config 
_chem_comp_atom.pdbx_ordinal 
ALA N    N N N 1   
ALA CA   C N S 2   
ALA C    C N N 3   
ALA O    O N N 4   
ALA CB   C N N 5   
ALA OXT  O N N 6   
ALA H    H N N 7   
ALA H2   H N N 8   
ALA HA   H N N 9   
ALA HB1  H N N 10  
ALA HB2  H N N 11  
ALA HB3  H N N 12  
ALA HXT  H N N 13  
ARG N    N N N 14  
ARG CA   C N S 15  
ARG C    C N N 16  
ARG O    O N N 17  
ARG CB   C N N 18  
ARG CG   C N N 19  
ARG CD   C N N 20  
ARG NE   N N N 21  
ARG CZ   C N N 22  
ARG NH1  N N N 23  
ARG NH2  N N N 24  
ARG OXT  O N N 25  
ARG H    H N N 26  
ARG H2   H N N 27  
ARG HA   H N N 28  
ARG HB2  H N N 29  
ARG HB3  H N N 30  
ARG HG2  H N N 31  
ARG HG3  H N N 32  
ARG HD2  H N N 33  
ARG HD3  H N N 34  
ARG HE   H N N 35  
ARG HH11 H N N 36  
ARG HH12 H N N 37  
ARG HH21 H N N 38  
ARG HH22 H N N 39  
ARG HXT  H N N 40  
ASN N    N N N 41  
ASN CA   C N S 42  
ASN C    C N N 43  
ASN O    O N N 44  
ASN CB   C N N 45  
ASN CG   C N N 46  
ASN OD1  O N N 47  
ASN ND2  N N N 48  
ASN OXT  O N N 49  
ASN H    H N N 50  
ASN H2   H N N 51  
ASN HA   H N N 52  
ASN HB2  H N N 53  
ASN HB3  H N N 54  
ASN HD21 H N N 55  
ASN HD22 H N N 56  
ASN HXT  H N N 57  
ASP N    N N N 58  
ASP CA   C N S 59  
ASP C    C N N 60  
ASP O    O N N 61  
ASP CB   C N N 62  
ASP CG   C N N 63  
ASP OD1  O N N 64  
ASP OD2  O N N 65  
ASP OXT  O N N 66  
ASP H    H N N 67  
ASP H2   H N N 68  
ASP HA   H N N 69  
ASP HB2  H N N 70  
ASP HB3  H N N 71  
ASP HD2  H N N 72  
ASP HXT  H N N 73  
GLN N    N N N 74  
GLN CA   C N S 75  
GLN C    C N N 76  
GLN O    O N N 77  
GLN CB   C N N 78  
GLN CG   C N N 79  
GLN CD   C N N 80  
GLN OE1  O N N 81  
GLN NE2  N N N 82  
GLN OXT  O N N 83  
GLN H    H N N 84  
GLN H2   H N N 85  
GLN HA   H N N 86  
GLN HB2  H N N 87  
GLN HB3  H N N 88  
GLN HG2  H N N 89  
GLN HG3  H N N 90  
GLN HE21 H N N 91  
GLN HE22 H N N 92  
GLN HXT  H N N 93  
GLU N    N N N 94  
GLU CA   C N S 95  
GLU C    C N N 96  
GLU O    O N N 97  
GLU CB   C N N 98  
GLU CG   C N N 99  
GLU CD   C N N 100 
GLU OE1  O N N 101 
GLU OE2  O N N 102 
GLU OXT  O N N 103 
GLU H    H N N 104 
GLU H2   H N N 105 
GLU HA   H N N 106 
GLU HB2  H N N 107 
GLU HB3  H N N 108 
GLU HG2  H N N 109 
GLU HG3  H N N 110 
GLU HE2  H N N 111 
GLU HXT  H N N 112 
GLY N    N N N 113 
GLY CA   C N N 114 
GLY C    C N N 115 
GLY O    O N N 116 
GLY OXT  O N N 117 
GLY H    H N N 118 
GLY H2   H N N 119 
GLY HA2  H N N 120 
GLY HA3  H N N 121 
GLY HXT  H N N 122 
HIS N    N N N 123 
HIS CA   C N S 124 
HIS C    C N N 125 
HIS O    O N N 126 
HIS CB   C N N 127 
HIS CG   C Y N 128 
HIS ND1  N Y N 129 
HIS CD2  C Y N 130 
HIS CE1  C Y N 131 
HIS NE2  N Y N 132 
HIS OXT  O N N 133 
HIS H    H N N 134 
HIS H2   H N N 135 
HIS HA   H N N 136 
HIS HB2  H N N 137 
HIS HB3  H N N 138 
HIS HD1  H N N 139 
HIS HD2  H N N 140 
HIS HE1  H N N 141 
HIS HE2  H N N 142 
HIS HXT  H N N 143 
ILE N    N N N 144 
ILE CA   C N S 145 
ILE C    C N N 146 
ILE O    O N N 147 
ILE CB   C N S 148 
ILE CG1  C N N 149 
ILE CG2  C N N 150 
ILE CD1  C N N 151 
ILE OXT  O N N 152 
ILE H    H N N 153 
ILE H2   H N N 154 
ILE HA   H N N 155 
ILE HB   H N N 156 
ILE HG12 H N N 157 
ILE HG13 H N N 158 
ILE HG21 H N N 159 
ILE HG22 H N N 160 
ILE HG23 H N N 161 
ILE HD11 H N N 162 
ILE HD12 H N N 163 
ILE HD13 H N N 164 
ILE HXT  H N N 165 
LEU N    N N N 166 
LEU CA   C N S 167 
LEU C    C N N 168 
LEU O    O N N 169 
LEU CB   C N N 170 
LEU CG   C N N 171 
LEU CD1  C N N 172 
LEU CD2  C N N 173 
LEU OXT  O N N 174 
LEU H    H N N 175 
LEU H2   H N N 176 
LEU HA   H N N 177 
LEU HB2  H N N 178 
LEU HB3  H N N 179 
LEU HG   H N N 180 
LEU HD11 H N N 181 
LEU HD12 H N N 182 
LEU HD13 H N N 183 
LEU HD21 H N N 184 
LEU HD22 H N N 185 
LEU HD23 H N N 186 
LEU HXT  H N N 187 
LYS N    N N N 188 
LYS CA   C N S 189 
LYS C    C N N 190 
LYS O    O N N 191 
LYS CB   C N N 192 
LYS CG   C N N 193 
LYS CD   C N N 194 
LYS CE   C N N 195 
LYS NZ   N N N 196 
LYS OXT  O N N 197 
LYS H    H N N 198 
LYS H2   H N N 199 
LYS HA   H N N 200 
LYS HB2  H N N 201 
LYS HB3  H N N 202 
LYS HG2  H N N 203 
LYS HG3  H N N 204 
LYS HD2  H N N 205 
LYS HD3  H N N 206 
LYS HE2  H N N 207 
LYS HE3  H N N 208 
LYS HZ1  H N N 209 
LYS HZ2  H N N 210 
LYS HZ3  H N N 211 
LYS HXT  H N N 212 
MET N    N N N 213 
MET CA   C N S 214 
MET C    C N N 215 
MET O    O N N 216 
MET CB   C N N 217 
MET CG   C N N 218 
MET SD   S N N 219 
MET CE   C N N 220 
MET OXT  O N N 221 
MET H    H N N 222 
MET H2   H N N 223 
MET HA   H N N 224 
MET HB2  H N N 225 
MET HB3  H N N 226 
MET HG2  H N N 227 
MET HG3  H N N 228 
MET HE1  H N N 229 
MET HE2  H N N 230 
MET HE3  H N N 231 
MET HXT  H N N 232 
PHE N    N N N 233 
PHE CA   C N S 234 
PHE C    C N N 235 
PHE O    O N N 236 
PHE CB   C N N 237 
PHE CG   C Y N 238 
PHE CD1  C Y N 239 
PHE CD2  C Y N 240 
PHE CE1  C Y N 241 
PHE CE2  C Y N 242 
PHE CZ   C Y N 243 
PHE OXT  O N N 244 
PHE H    H N N 245 
PHE H2   H N N 246 
PHE HA   H N N 247 
PHE HB2  H N N 248 
PHE HB3  H N N 249 
PHE HD1  H N N 250 
PHE HD2  H N N 251 
PHE HE1  H N N 252 
PHE HE2  H N N 253 
PHE HZ   H N N 254 
PHE HXT  H N N 255 
PRO N    N N N 256 
PRO CA   C N S 257 
PRO C    C N N 258 
PRO O    O N N 259 
PRO CB   C N N 260 
PRO CG   C N N 261 
PRO CD   C N N 262 
PRO OXT  O N N 263 
PRO H    H N N 264 
PRO HA   H N N 265 
PRO HB2  H N N 266 
PRO HB3  H N N 267 
PRO HG2  H N N 268 
PRO HG3  H N N 269 
PRO HD2  H N N 270 
PRO HD3  H N N 271 
PRO HXT  H N N 272 
SER N    N N N 273 
SER CA   C N S 274 
SER C    C N N 275 
SER O    O N N 276 
SER CB   C N N 277 
SER OG   O N N 278 
SER OXT  O N N 279 
SER H    H N N 280 
SER H2   H N N 281 
SER HA   H N N 282 
SER HB2  H N N 283 
SER HB3  H N N 284 
SER HG   H N N 285 
SER HXT  H N N 286 
THR N    N N N 287 
THR CA   C N S 288 
THR C    C N N 289 
THR O    O N N 290 
THR CB   C N R 291 
THR OG1  O N N 292 
THR CG2  C N N 293 
THR OXT  O N N 294 
THR H    H N N 295 
THR H2   H N N 296 
THR HA   H N N 297 
THR HB   H N N 298 
THR HG1  H N N 299 
THR HG21 H N N 300 
THR HG22 H N N 301 
THR HG23 H N N 302 
THR HXT  H N N 303 
TRP N    N N N 304 
TRP CA   C N S 305 
TRP C    C N N 306 
TRP O    O N N 307 
TRP CB   C N N 308 
TRP CG   C Y N 309 
TRP CD1  C Y N 310 
TRP CD2  C Y N 311 
TRP NE1  N Y N 312 
TRP CE2  C Y N 313 
TRP CE3  C Y N 314 
TRP CZ2  C Y N 315 
TRP CZ3  C Y N 316 
TRP CH2  C Y N 317 
TRP OXT  O N N 318 
TRP H    H N N 319 
TRP H2   H N N 320 
TRP HA   H N N 321 
TRP HB2  H N N 322 
TRP HB3  H N N 323 
TRP HD1  H N N 324 
TRP HE1  H N N 325 
TRP HE3  H N N 326 
TRP HZ2  H N N 327 
TRP HZ3  H N N 328 
TRP HH2  H N N 329 
TRP HXT  H N N 330 
TYR N    N N N 331 
TYR CA   C N S 332 
TYR C    C N N 333 
TYR O    O N N 334 
TYR CB   C N N 335 
TYR CG   C Y N 336 
TYR CD1  C Y N 337 
TYR CD2  C Y N 338 
TYR CE1  C Y N 339 
TYR CE2  C Y N 340 
TYR CZ   C Y N 341 
TYR OH   O N N 342 
TYR OXT  O N N 343 
TYR H    H N N 344 
TYR H2   H N N 345 
TYR HA   H N N 346 
TYR HB2  H N N 347 
TYR HB3  H N N 348 
TYR HD1  H N N 349 
TYR HD2  H N N 350 
TYR HE1  H N N 351 
TYR HE2  H N N 352 
TYR HH   H N N 353 
TYR HXT  H N N 354 
VAL N    N N N 355 
VAL CA   C N S 356 
VAL C    C N N 357 
VAL O    O N N 358 
VAL CB   C N N 359 
VAL CG1  C N N 360 
VAL CG2  C N N 361 
VAL OXT  O N N 362 
VAL H    H N N 363 
VAL H2   H N N 364 
VAL HA   H N N 365 
VAL HB   H N N 366 
VAL HG11 H N N 367 
VAL HG12 H N N 368 
VAL HG13 H N N 369 
VAL HG21 H N N 370 
VAL HG22 H N N 371 
VAL HG23 H N N 372 
VAL HXT  H N N 373 
# 
loop_
_chem_comp_bond.comp_id 
_chem_comp_bond.atom_id_1 
_chem_comp_bond.atom_id_2 
_chem_comp_bond.value_order 
_chem_comp_bond.pdbx_aromatic_flag 
_chem_comp_bond.pdbx_stereo_config 
_chem_comp_bond.pdbx_ordinal 
ALA N   CA   sing N N 1   
ALA N   H    sing N N 2   
ALA N   H2   sing N N 3   
ALA CA  C    sing N N 4   
ALA CA  CB   sing N N 5   
ALA CA  HA   sing N N 6   
ALA C   O    doub N N 7   
ALA C   OXT  sing N N 8   
ALA CB  HB1  sing N N 9   
ALA CB  HB2  sing N N 10  
ALA CB  HB3  sing N N 11  
ALA OXT HXT  sing N N 12  
ARG N   CA   sing N N 13  
ARG N   H    sing N N 14  
ARG N   H2   sing N N 15  
ARG CA  C    sing N N 16  
ARG CA  CB   sing N N 17  
ARG CA  HA   sing N N 18  
ARG C   O    doub N N 19  
ARG C   OXT  sing N N 20  
ARG CB  CG   sing N N 21  
ARG CB  HB2  sing N N 22  
ARG CB  HB3  sing N N 23  
ARG CG  CD   sing N N 24  
ARG CG  HG2  sing N N 25  
ARG CG  HG3  sing N N 26  
ARG CD  NE   sing N N 27  
ARG CD  HD2  sing N N 28  
ARG CD  HD3  sing N N 29  
ARG NE  CZ   sing N N 30  
ARG NE  HE   sing N N 31  
ARG CZ  NH1  sing N N 32  
ARG CZ  NH2  doub N N 33  
ARG NH1 HH11 sing N N 34  
ARG NH1 HH12 sing N N 35  
ARG NH2 HH21 sing N N 36  
ARG NH2 HH22 sing N N 37  
ARG OXT HXT  sing N N 38  
ASN N   CA   sing N N 39  
ASN N   H    sing N N 40  
ASN N   H2   sing N N 41  
ASN CA  C    sing N N 42  
ASN CA  CB   sing N N 43  
ASN CA  HA   sing N N 44  
ASN C   O    doub N N 45  
ASN C   OXT  sing N N 46  
ASN CB  CG   sing N N 47  
ASN CB  HB2  sing N N 48  
ASN CB  HB3  sing N N 49  
ASN CG  OD1  doub N N 50  
ASN CG  ND2  sing N N 51  
ASN ND2 HD21 sing N N 52  
ASN ND2 HD22 sing N N 53  
ASN OXT HXT  sing N N 54  
ASP N   CA   sing N N 55  
ASP N   H    sing N N 56  
ASP N   H2   sing N N 57  
ASP CA  C    sing N N 58  
ASP CA  CB   sing N N 59  
ASP CA  HA   sing N N 60  
ASP C   O    doub N N 61  
ASP C   OXT  sing N N 62  
ASP CB  CG   sing N N 63  
ASP CB  HB2  sing N N 64  
ASP CB  HB3  sing N N 65  
ASP CG  OD1  doub N N 66  
ASP CG  OD2  sing N N 67  
ASP OD2 HD2  sing N N 68  
ASP OXT HXT  sing N N 69  
GLN N   CA   sing N N 70  
GLN N   H    sing N N 71  
GLN N   H2   sing N N 72  
GLN CA  C    sing N N 73  
GLN CA  CB   sing N N 74  
GLN CA  HA   sing N N 75  
GLN C   O    doub N N 76  
GLN C   OXT  sing N N 77  
GLN CB  CG   sing N N 78  
GLN CB  HB2  sing N N 79  
GLN CB  HB3  sing N N 80  
GLN CG  CD   sing N N 81  
GLN CG  HG2  sing N N 82  
GLN CG  HG3  sing N N 83  
GLN CD  OE1  doub N N 84  
GLN CD  NE2  sing N N 85  
GLN NE2 HE21 sing N N 86  
GLN NE2 HE22 sing N N 87  
GLN OXT HXT  sing N N 88  
GLU N   CA   sing N N 89  
GLU N   H    sing N N 90  
GLU N   H2   sing N N 91  
GLU CA  C    sing N N 92  
GLU CA  CB   sing N N 93  
GLU CA  HA   sing N N 94  
GLU C   O    doub N N 95  
GLU C   OXT  sing N N 96  
GLU CB  CG   sing N N 97  
GLU CB  HB2  sing N N 98  
GLU CB  HB3  sing N N 99  
GLU CG  CD   sing N N 100 
GLU CG  HG2  sing N N 101 
GLU CG  HG3  sing N N 102 
GLU CD  OE1  doub N N 103 
GLU CD  OE2  sing N N 104 
GLU OE2 HE2  sing N N 105 
GLU OXT HXT  sing N N 106 
GLY N   CA   sing N N 107 
GLY N   H    sing N N 108 
GLY N   H2   sing N N 109 
GLY CA  C    sing N N 110 
GLY CA  HA2  sing N N 111 
GLY CA  HA3  sing N N 112 
GLY C   O    doub N N 113 
GLY C   OXT  sing N N 114 
GLY OXT HXT  sing N N 115 
HIS N   CA   sing N N 116 
HIS N   H    sing N N 117 
HIS N   H2   sing N N 118 
HIS CA  C    sing N N 119 
HIS CA  CB   sing N N 120 
HIS CA  HA   sing N N 121 
HIS C   O    doub N N 122 
HIS C   OXT  sing N N 123 
HIS CB  CG   sing N N 124 
HIS CB  HB2  sing N N 125 
HIS CB  HB3  sing N N 126 
HIS CG  ND1  sing Y N 127 
HIS CG  CD2  doub Y N 128 
HIS ND1 CE1  doub Y N 129 
HIS ND1 HD1  sing N N 130 
HIS CD2 NE2  sing Y N 131 
HIS CD2 HD2  sing N N 132 
HIS CE1 NE2  sing Y N 133 
HIS CE1 HE1  sing N N 134 
HIS NE2 HE2  sing N N 135 
HIS OXT HXT  sing N N 136 
ILE N   CA   sing N N 137 
ILE N   H    sing N N 138 
ILE N   H2   sing N N 139 
ILE CA  C    sing N N 140 
ILE CA  CB   sing N N 141 
ILE CA  HA   sing N N 142 
ILE C   O    doub N N 143 
ILE C   OXT  sing N N 144 
ILE CB  CG1  sing N N 145 
ILE CB  CG2  sing N N 146 
ILE CB  HB   sing N N 147 
ILE CG1 CD1  sing N N 148 
ILE CG1 HG12 sing N N 149 
ILE CG1 HG13 sing N N 150 
ILE CG2 HG21 sing N N 151 
ILE CG2 HG22 sing N N 152 
ILE CG2 HG23 sing N N 153 
ILE CD1 HD11 sing N N 154 
ILE CD1 HD12 sing N N 155 
ILE CD1 HD13 sing N N 156 
ILE OXT HXT  sing N N 157 
LEU N   CA   sing N N 158 
LEU N   H    sing N N 159 
LEU N   H2   sing N N 160 
LEU CA  C    sing N N 161 
LEU CA  CB   sing N N 162 
LEU CA  HA   sing N N 163 
LEU C   O    doub N N 164 
LEU C   OXT  sing N N 165 
LEU CB  CG   sing N N 166 
LEU CB  HB2  sing N N 167 
LEU CB  HB3  sing N N 168 
LEU CG  CD1  sing N N 169 
LEU CG  CD2  sing N N 170 
LEU CG  HG   sing N N 171 
LEU CD1 HD11 sing N N 172 
LEU CD1 HD12 sing N N 173 
LEU CD1 HD13 sing N N 174 
LEU CD2 HD21 sing N N 175 
LEU CD2 HD22 sing N N 176 
LEU CD2 HD23 sing N N 177 
LEU OXT HXT  sing N N 178 
LYS N   CA   sing N N 179 
LYS N   H    sing N N 180 
LYS N   H2   sing N N 181 
LYS CA  C    sing N N 182 
LYS CA  CB   sing N N 183 
LYS CA  HA   sing N N 184 
LYS C   O    doub N N 185 
LYS C   OXT  sing N N 186 
LYS CB  CG   sing N N 187 
LYS CB  HB2  sing N N 188 
LYS CB  HB3  sing N N 189 
LYS CG  CD   sing N N 190 
LYS CG  HG2  sing N N 191 
LYS CG  HG3  sing N N 192 
LYS CD  CE   sing N N 193 
LYS CD  HD2  sing N N 194 
LYS CD  HD3  sing N N 195 
LYS CE  NZ   sing N N 196 
LYS CE  HE2  sing N N 197 
LYS CE  HE3  sing N N 198 
LYS NZ  HZ1  sing N N 199 
LYS NZ  HZ2  sing N N 200 
LYS NZ  HZ3  sing N N 201 
LYS OXT HXT  sing N N 202 
MET N   CA   sing N N 203 
MET N   H    sing N N 204 
MET N   H2   sing N N 205 
MET CA  C    sing N N 206 
MET CA  CB   sing N N 207 
MET CA  HA   sing N N 208 
MET C   O    doub N N 209 
MET C   OXT  sing N N 210 
MET CB  CG   sing N N 211 
MET CB  HB2  sing N N 212 
MET CB  HB3  sing N N 213 
MET CG  SD   sing N N 214 
MET CG  HG2  sing N N 215 
MET CG  HG3  sing N N 216 
MET SD  CE   sing N N 217 
MET CE  HE1  sing N N 218 
MET CE  HE2  sing N N 219 
MET CE  HE3  sing N N 220 
MET OXT HXT  sing N N 221 
PHE N   CA   sing N N 222 
PHE N   H    sing N N 223 
PHE N   H2   sing N N 224 
PHE CA  C    sing N N 225 
PHE CA  CB   sing N N 226 
PHE CA  HA   sing N N 227 
PHE C   O    doub N N 228 
PHE C   OXT  sing N N 229 
PHE CB  CG   sing N N 230 
PHE CB  HB2  sing N N 231 
PHE CB  HB3  sing N N 232 
PHE CG  CD1  doub Y N 233 
PHE CG  CD2  sing Y N 234 
PHE CD1 CE1  sing Y N 235 
PHE CD1 HD1  sing N N 236 
PHE CD2 CE2  doub Y N 237 
PHE CD2 HD2  sing N N 238 
PHE CE1 CZ   doub Y N 239 
PHE CE1 HE1  sing N N 240 
PHE CE2 CZ   sing Y N 241 
PHE CE2 HE2  sing N N 242 
PHE CZ  HZ   sing N N 243 
PHE OXT HXT  sing N N 244 
PRO N   CA   sing N N 245 
PRO N   CD   sing N N 246 
PRO N   H    sing N N 247 
PRO CA  C    sing N N 248 
PRO CA  CB   sing N N 249 
PRO CA  HA   sing N N 250 
PRO C   O    doub N N 251 
PRO C   OXT  sing N N 252 
PRO CB  CG   sing N N 253 
PRO CB  HB2  sing N N 254 
PRO CB  HB3  sing N N 255 
PRO CG  CD   sing N N 256 
PRO CG  HG2  sing N N 257 
PRO CG  HG3  sing N N 258 
PRO CD  HD2  sing N N 259 
PRO CD  HD3  sing N N 260 
PRO OXT HXT  sing N N 261 
SER N   CA   sing N N 262 
SER N   H    sing N N 263 
SER N   H2   sing N N 264 
SER CA  C    sing N N 265 
SER CA  CB   sing N N 266 
SER CA  HA   sing N N 267 
SER C   O    doub N N 268 
SER C   OXT  sing N N 269 
SER CB  OG   sing N N 270 
SER CB  HB2  sing N N 271 
SER CB  HB3  sing N N 272 
SER OG  HG   sing N N 273 
SER OXT HXT  sing N N 274 
THR N   CA   sing N N 275 
THR N   H    sing N N 276 
THR N   H2   sing N N 277 
THR CA  C    sing N N 278 
THR CA  CB   sing N N 279 
THR CA  HA   sing N N 280 
THR C   O    doub N N 281 
THR C   OXT  sing N N 282 
THR CB  OG1  sing N N 283 
THR CB  CG2  sing N N 284 
THR CB  HB   sing N N 285 
THR OG1 HG1  sing N N 286 
THR CG2 HG21 sing N N 287 
THR CG2 HG22 sing N N 288 
THR CG2 HG23 sing N N 289 
THR OXT HXT  sing N N 290 
TRP N   CA   sing N N 291 
TRP N   H    sing N N 292 
TRP N   H2   sing N N 293 
TRP CA  C    sing N N 294 
TRP CA  CB   sing N N 295 
TRP CA  HA   sing N N 296 
TRP C   O    doub N N 297 
TRP C   OXT  sing N N 298 
TRP CB  CG   sing N N 299 
TRP CB  HB2  sing N N 300 
TRP CB  HB3  sing N N 301 
TRP CG  CD1  doub Y N 302 
TRP CG  CD2  sing Y N 303 
TRP CD1 NE1  sing Y N 304 
TRP CD1 HD1  sing N N 305 
TRP CD2 CE2  doub Y N 306 
TRP CD2 CE3  sing Y N 307 
TRP NE1 CE2  sing Y N 308 
TRP NE1 HE1  sing N N 309 
TRP CE2 CZ2  sing Y N 310 
TRP CE3 CZ3  doub Y N 311 
TRP CE3 HE3  sing N N 312 
TRP CZ2 CH2  doub Y N 313 
TRP CZ2 HZ2  sing N N 314 
TRP CZ3 CH2  sing Y N 315 
TRP CZ3 HZ3  sing N N 316 
TRP CH2 HH2  sing N N 317 
TRP OXT HXT  sing N N 318 
TYR N   CA   sing N N 319 
TYR N   H    sing N N 320 
TYR N   H2   sing N N 321 
TYR CA  C    sing N N 322 
TYR CA  CB   sing N N 323 
TYR CA  HA   sing N N 324 
TYR C   O    doub N N 325 
TYR C   OXT  sing N N 326 
TYR CB  CG   sing N N 327 
TYR CB  HB2  sing N N 328 
TYR CB  HB3  sing N N 329 
TYR CG  CD1  doub Y N 330 
TYR CG  CD2  sing Y N 331 
TYR CD1 CE1  sing Y N 332 
TYR CD1 HD1  sing N N 333 
TYR CD2 CE2  doub Y N 334 
TYR CD2 HD2  sing N N 335 
TYR CE1 CZ   doub Y N 336 
TYR CE1 HE1  sing N N 337 
TYR CE2 CZ   sing Y N 338 
TYR CE2 HE2  sing N N 339 
TYR CZ  OH   sing N N 340 
TYR OH  HH   sing N N 341 
TYR OXT HXT  sing N N 342 
VAL N   CA   sing N N 343 
VAL N   H    sing N N 344 
VAL N   H2   sing N N 345 
VAL CA  C    sing N N 346 
VAL CA  CB   sing N N 347 
VAL CA  HA   sing N N 348 
VAL C   O    doub N N 349 
VAL C   OXT  sing N N 350 
VAL CB  CG1  sing N N 351 
VAL CB  CG2  sing N N 352 
VAL CB  HB   sing N N 353 
VAL CG1 HG11 sing N N 354 
VAL CG1 HG12 sing N N 355 
VAL CG1 HG13 sing N N 356 
VAL CG2 HG21 sing N N 357 
VAL CG2 HG22 sing N N 358 
VAL CG2 HG23 sing N N 359 
VAL OXT HXT  sing N N 360 
# 
loop_
_pdbx_coordinate_model.asym_id 
_pdbx_coordinate_model.type 
A 'CA ATOMS ONLY' 
B 'CA ATOMS ONLY' 
C 'CA ATOMS ONLY' 
D 'CA ATOMS ONLY' 
# 
_pdbx_initial_refinement_model.id               1 
_pdbx_initial_refinement_model.entity_id_list   ? 
_pdbx_initial_refinement_model.type             'experimental model' 
_pdbx_initial_refinement_model.source_name      PDB 
_pdbx_initial_refinement_model.accession_code   2PEL 
_pdbx_initial_refinement_model.details          'PDB ENTRY 2PEL' 
# 
